data_2GXB
# 
_entry.id   2GXB 
# 
_audit_conform.dict_name       mmcif_pdbx.dic 
_audit_conform.dict_version    5.377 
_audit_conform.dict_location   http://mmcif.pdb.org/dictionaries/ascii/mmcif_pdbx.dic 
# 
loop_
_database_2.database_id 
_database_2.database_code 
_database_2.pdbx_database_accession 
_database_2.pdbx_DOI 
PDB   2GXB         pdb_00002gxb 10.2210/pdb2gxb/pdb 
NDB   PR0210       ?            ?                   
RCSB  RCSB037662   ?            ?                   
WWPDB D_1000037662 ?            ?                   
# 
loop_
_pdbx_database_related.db_name 
_pdbx_database_related.db_id 
_pdbx_database_related.details 
_pdbx_database_related.content_type 
PDB 1QBJ 'Za/Z-DNA complex'    unspecified 
PDB 1XMK 'Zb domain'           unspecified 
PDB 1QJP 'NMR structure of Za' unspecified 
# 
_pdbx_database_status.entry_id                        2GXB 
_pdbx_database_status.deposit_site                    RCSB 
_pdbx_database_status.process_site                    RCSB 
_pdbx_database_status.recvd_initial_deposition_date   2006-05-08 
_pdbx_database_status.status_code                     REL 
_pdbx_database_status.status_code_sf                  REL 
_pdbx_database_status.status_code_mr                  ? 
_pdbx_database_status.SG_entry                        ? 
_pdbx_database_status.pdb_format_compatible           Y 
_pdbx_database_status.status_code_cs                  ? 
_pdbx_database_status.status_code_nmr_data            ? 
_pdbx_database_status.methods_development_category    ? 
# 
loop_
_audit_author.name 
_audit_author.pdbx_ordinal 
'Athanasiadis, A.' 1 
'Placido, D.'      2 
'Rich, A.'         3 
# 
loop_
_citation.id 
_citation.title 
_citation.journal_abbrev 
_citation.journal_volume 
_citation.page_first 
_citation.page_last 
_citation.year 
_citation.journal_id_ASTM 
_citation.country 
_citation.journal_id_ISSN 
_citation.journal_id_CSD 
_citation.book_publisher 
_citation.pdbx_database_id_PubMed 
_citation.pdbx_database_id_DOI 
primary 'A Left-Handed RNA Double Helix Bound by the Zalpha Domain of the RNA-Editing Enzyme ADAR1.'           Structure 15  395  
404  2007 STRUE6 UK 0969-2126 2005 ? 17437712 10.1016/j.str.2007.03.001 
1       'Crystal structure of the Zalpha domain of the human editing enzyme ADAR1 bound to left-handed Z-DNA.' Science   284 1841 
1845 1999 SCIEAS US 0036-8075 0038 ? ?        ?                         
# 
loop_
_citation_author.citation_id 
_citation_author.name 
_citation_author.ordinal 
_citation_author.identifier_ORCID 
primary 'Placido, D.'      1 ? 
primary 'Brown, B.A.'      2 ? 
primary 'Lowenhaupt, K.'   3 ? 
primary 'Rich, A.'         4 ? 
primary 'Athanasiadis, A.' 5 ? 
# 
_cell.entry_id           2GXB 
_cell.length_a           73.603 
_cell.length_b           92.776 
_cell.length_c           50.229 
_cell.angle_alpha        90.00 
_cell.angle_beta         90.00 
_cell.angle_gamma        90.00 
_cell.Z_PDB              16 
_cell.pdbx_unique_axis   ? 
_cell.length_a_esd       ? 
_cell.length_b_esd       ? 
_cell.length_c_esd       ? 
_cell.angle_alpha_esd    ? 
_cell.angle_beta_esd     ? 
_cell.angle_gamma_esd    ? 
# 
_symmetry.entry_id                         2GXB 
_symmetry.space_group_name_H-M             'C 2 2 21' 
_symmetry.pdbx_full_space_group_name_H-M   ? 
_symmetry.cell_setting                     ? 
_symmetry.Int_Tables_number                20 
_symmetry.space_group_name_Hall            ? 
# 
loop_
_entity.id 
_entity.type 
_entity.src_method 
_entity.pdbx_description 
_entity.formula_weight 
_entity.pdbx_number_of_molecules 
_entity.pdbx_ec 
_entity.pdbx_mutation 
_entity.pdbx_fragment 
_entity.details 
1 polymer     syn "5'-R(P*(DU)P*CP*GP*CP*GP*CP*G)-3'"                2196.372 2   ?       ? ?           ? 
2 polymer     man 'Double-stranded RNA-specific adenosine deaminase' 7315.534 2   3.5.4.- ? 'Za Domain' ? 
3 non-polymer syn 'SODIUM ION'                                       22.990   3   ?       ? ?           ? 
4 water       nat water                                              18.015   157 ?       ? ?           ? 
# 
_entity_name_com.entity_id   2 
_entity_name_com.name        
'DRADA, 136 kDa double-stranded RNA-binding protein, P136, K88DSRBP, Interferon-inducible protein 4, IFI-4 protein' 
# 
loop_
_entity_poly.entity_id 
_entity_poly.type 
_entity_poly.nstd_linkage 
_entity_poly.nstd_monomer 
_entity_poly.pdbx_seq_one_letter_code 
_entity_poly.pdbx_seq_one_letter_code_can 
_entity_poly.pdbx_strand_id 
_entity_poly.pdbx_target_identifier 
1 polyribonucleotide no no '(DU)CGCGCG'                                                       UCGCGCG E,F ? 
2 'polypeptide(L)'   no no SHMEQRILKFLEELGEGKATTAHDLSGKLGTPKKEINRVLYSLAKKGKLQKEAGTPPLWKIAVSTQ 
SHMEQRILKFLEELGEGKATTAHDLSGKLGTPKKEINRVLYSLAKKGKLQKEAGTPPLWKIAVSTQ A,B ? 
# 
loop_
_entity_poly_seq.entity_id 
_entity_poly_seq.num 
_entity_poly_seq.mon_id 
_entity_poly_seq.hetero 
1 1  DU  n 
1 2  C   n 
1 3  G   n 
1 4  C   n 
1 5  G   n 
1 6  C   n 
1 7  G   n 
2 1  SER n 
2 2  HIS n 
2 3  MET n 
2 4  GLU n 
2 5  GLN n 
2 6  ARG n 
2 7  ILE n 
2 8  LEU n 
2 9  LYS n 
2 10 PHE n 
2 11 LEU n 
2 12 GLU n 
2 13 GLU n 
2 14 LEU n 
2 15 GLY n 
2 16 GLU n 
2 17 GLY n 
2 18 LYS n 
2 19 ALA n 
2 20 THR n 
2 21 THR n 
2 22 ALA n 
2 23 HIS n 
2 24 ASP n 
2 25 LEU n 
2 26 SER n 
2 27 GLY n 
2 28 LYS n 
2 29 LEU n 
2 30 GLY n 
2 31 THR n 
2 32 PRO n 
2 33 LYS n 
2 34 LYS n 
2 35 GLU n 
2 36 ILE n 
2 37 ASN n 
2 38 ARG n 
2 39 VAL n 
2 40 LEU n 
2 41 TYR n 
2 42 SER n 
2 43 LEU n 
2 44 ALA n 
2 45 LYS n 
2 46 LYS n 
2 47 GLY n 
2 48 LYS n 
2 49 LEU n 
2 50 GLN n 
2 51 LYS n 
2 52 GLU n 
2 53 ALA n 
2 54 GLY n 
2 55 THR n 
2 56 PRO n 
2 57 PRO n 
2 58 LEU n 
2 59 TRP n 
2 60 LYS n 
2 61 ILE n 
2 62 ALA n 
2 63 VAL n 
2 64 SER n 
2 65 THR n 
2 66 GLN n 
# 
_entity_src_gen.entity_id                          2 
_entity_src_gen.pdbx_src_id                        1 
_entity_src_gen.pdbx_alt_source_flag               sample 
_entity_src_gen.pdbx_seq_type                      ? 
_entity_src_gen.pdbx_beg_seq_num                   ? 
_entity_src_gen.pdbx_end_seq_num                   ? 
_entity_src_gen.gene_src_common_name               human 
_entity_src_gen.gene_src_genus                     Homo 
_entity_src_gen.pdbx_gene_src_gene                 'ADAR, ADAR1, DSRAD, IFI4' 
_entity_src_gen.gene_src_species                   ? 
_entity_src_gen.gene_src_strain                    ? 
_entity_src_gen.gene_src_tissue                    ? 
_entity_src_gen.gene_src_tissue_fraction           ? 
_entity_src_gen.gene_src_details                   ? 
_entity_src_gen.pdbx_gene_src_fragment             ? 
_entity_src_gen.pdbx_gene_src_scientific_name      'Homo sapiens' 
_entity_src_gen.pdbx_gene_src_ncbi_taxonomy_id     9606 
_entity_src_gen.pdbx_gene_src_variant              ? 
_entity_src_gen.pdbx_gene_src_cell_line            ? 
_entity_src_gen.pdbx_gene_src_atcc                 ? 
_entity_src_gen.pdbx_gene_src_organ                ? 
_entity_src_gen.pdbx_gene_src_organelle            ? 
_entity_src_gen.pdbx_gene_src_cell                 ? 
_entity_src_gen.pdbx_gene_src_cellular_location    ? 
_entity_src_gen.host_org_common_name               ? 
_entity_src_gen.pdbx_host_org_scientific_name      'Escherichia coli BL21' 
_entity_src_gen.pdbx_host_org_ncbi_taxonomy_id     511693 
_entity_src_gen.host_org_genus                     Escherichia 
_entity_src_gen.pdbx_host_org_gene                 ? 
_entity_src_gen.pdbx_host_org_organ                ? 
_entity_src_gen.host_org_species                   'Escherichia coli' 
_entity_src_gen.pdbx_host_org_tissue               ? 
_entity_src_gen.pdbx_host_org_tissue_fraction      ? 
_entity_src_gen.pdbx_host_org_strain               BL21 
_entity_src_gen.pdbx_host_org_variant              ? 
_entity_src_gen.pdbx_host_org_cell_line            ? 
_entity_src_gen.pdbx_host_org_atcc                 ? 
_entity_src_gen.pdbx_host_org_culture_collection   ? 
_entity_src_gen.pdbx_host_org_cell                 ? 
_entity_src_gen.pdbx_host_org_organelle            ? 
_entity_src_gen.pdbx_host_org_cellular_location    ? 
_entity_src_gen.pdbx_host_org_vector_type          Plasmid 
_entity_src_gen.pdbx_host_org_vector               ? 
_entity_src_gen.host_org_details                   ? 
_entity_src_gen.expression_system_id               ? 
_entity_src_gen.plasmid_name                       PET28 
_entity_src_gen.plasmid_details                    ? 
_entity_src_gen.pdbx_description                   ? 
# 
loop_
_struct_ref.id 
_struct_ref.db_name 
_struct_ref.db_code 
_struct_ref.pdbx_db_accession 
_struct_ref.entity_id 
_struct_ref.pdbx_seq_one_letter_code 
_struct_ref.pdbx_align_begin 
_struct_ref.pdbx_db_isoform 
1 UNP DSRAD_HUMAN P55265 2 EQRILKFLEELGEGKATTAHDLSGKLGTPKKEINRVLYSLAKKGKLQKEAGTPPLWKIAVSTQ 140 ? 
2 PDB 2GXB        2GXB   1 ?                                                               ?   ? 
# 
loop_
_struct_ref_seq.align_id 
_struct_ref_seq.ref_id 
_struct_ref_seq.pdbx_PDB_id_code 
_struct_ref_seq.pdbx_strand_id 
_struct_ref_seq.seq_align_beg 
_struct_ref_seq.pdbx_seq_align_beg_ins_code 
_struct_ref_seq.seq_align_end 
_struct_ref_seq.pdbx_seq_align_end_ins_code 
_struct_ref_seq.pdbx_db_accession 
_struct_ref_seq.db_align_beg 
_struct_ref_seq.pdbx_db_align_beg_ins_code 
_struct_ref_seq.db_align_end 
_struct_ref_seq.pdbx_db_align_end_ins_code 
_struct_ref_seq.pdbx_auth_seq_align_beg 
_struct_ref_seq.pdbx_auth_seq_align_end 
1 1 2GXB A 4 ? 66 ? P55265 140 ? 202 ? 140 202 
2 1 2GXB B 4 ? 66 ? P55265 140 ? 202 ? 140 202 
3 2 2GXB E 1 ? 7  ? 2GXB   0   ? 6   ? 0   6   
4 2 2GXB F 1 ? 7  ? 2GXB   0   ? 6   ? 0   6   
# 
loop_
_struct_ref_seq_dif.align_id 
_struct_ref_seq_dif.pdbx_pdb_id_code 
_struct_ref_seq_dif.mon_id 
_struct_ref_seq_dif.pdbx_pdb_strand_id 
_struct_ref_seq_dif.seq_num 
_struct_ref_seq_dif.pdbx_pdb_ins_code 
_struct_ref_seq_dif.pdbx_seq_db_name 
_struct_ref_seq_dif.pdbx_seq_db_accession_code 
_struct_ref_seq_dif.db_mon_id 
_struct_ref_seq_dif.pdbx_seq_db_seq_num 
_struct_ref_seq_dif.details 
_struct_ref_seq_dif.pdbx_auth_seq_num 
_struct_ref_seq_dif.pdbx_ordinal 
1 2GXB SER A 1 ? UNP P55265 ? ? 'cloning artifact' 137 1 
1 2GXB HIS A 2 ? UNP P55265 ? ? 'cloning artifact' 138 2 
1 2GXB MET A 3 ? UNP P55265 ? ? 'cloning artifact' 139 3 
2 2GXB SER B 1 ? UNP P55265 ? ? 'cloning artifact' 137 4 
2 2GXB HIS B 2 ? UNP P55265 ? ? 'cloning artifact' 138 5 
2 2GXB MET B 3 ? UNP P55265 ? ? 'cloning artifact' 139 6 
# 
loop_
_chem_comp.id 
_chem_comp.type 
_chem_comp.mon_nstd_flag 
_chem_comp.name 
_chem_comp.pdbx_synonyms 
_chem_comp.formula 
_chem_comp.formula_weight 
ALA 'L-peptide linking' y ALANINE                            ? 'C3 H7 N O2'      89.093  
ARG 'L-peptide linking' y ARGININE                           ? 'C6 H15 N4 O2 1'  175.209 
ASN 'L-peptide linking' y ASPARAGINE                         ? 'C4 H8 N2 O3'     132.118 
ASP 'L-peptide linking' y 'ASPARTIC ACID'                    ? 'C4 H7 N O4'      133.103 
C   'RNA linking'       y "CYTIDINE-5'-MONOPHOSPHATE"        ? 'C9 H14 N3 O8 P'  323.197 
DU  'DNA linking'       y "2'-DEOXYURIDINE-5'-MONOPHOSPHATE" ? 'C9 H13 N2 O8 P'  308.182 
G   'RNA linking'       y "GUANOSINE-5'-MONOPHOSPHATE"       ? 'C10 H14 N5 O8 P' 363.221 
GLN 'L-peptide linking' y GLUTAMINE                          ? 'C5 H10 N2 O3'    146.144 
GLU 'L-peptide linking' y 'GLUTAMIC ACID'                    ? 'C5 H9 N O4'      147.129 
GLY 'peptide linking'   y GLYCINE                            ? 'C2 H5 N O2'      75.067  
HIS 'L-peptide linking' y HISTIDINE                          ? 'C6 H10 N3 O2 1'  156.162 
HOH non-polymer         . WATER                              ? 'H2 O'            18.015  
ILE 'L-peptide linking' y ISOLEUCINE                         ? 'C6 H13 N O2'     131.173 
LEU 'L-peptide linking' y LEUCINE                            ? 'C6 H13 N O2'     131.173 
LYS 'L-peptide linking' y LYSINE                             ? 'C6 H15 N2 O2 1'  147.195 
MET 'L-peptide linking' y METHIONINE                         ? 'C5 H11 N O2 S'   149.211 
NA  non-polymer         . 'SODIUM ION'                       ? 'Na 1'            22.990  
PHE 'L-peptide linking' y PHENYLALANINE                      ? 'C9 H11 N O2'     165.189 
PRO 'L-peptide linking' y PROLINE                            ? 'C5 H9 N O2'      115.130 
SER 'L-peptide linking' y SERINE                             ? 'C3 H7 N O3'      105.093 
THR 'L-peptide linking' y THREONINE                          ? 'C4 H9 N O3'      119.119 
TRP 'L-peptide linking' y TRYPTOPHAN                         ? 'C11 H12 N2 O2'   204.225 
TYR 'L-peptide linking' y TYROSINE                           ? 'C9 H11 N O3'     181.189 
VAL 'L-peptide linking' y VALINE                             ? 'C5 H11 N O2'     117.146 
# 
_exptl.entry_id          2GXB 
_exptl.method            'X-RAY DIFFRACTION' 
_exptl.crystals_number   1 
# 
_exptl_crystal.id                    1 
_exptl_crystal.density_meas          ? 
_exptl_crystal.density_Matthews      2.25 
_exptl_crystal.density_percent_sol   45.41 
_exptl_crystal.description           ? 
_exptl_crystal.F_000                 ? 
_exptl_crystal.preparation           ? 
# 
_exptl_crystal_grow.crystal_id      1 
_exptl_crystal_grow.method          'VAPOR DIFFUSION, HANGING DROP' 
_exptl_crystal_grow.temp            292 
_exptl_crystal_grow.temp_details    ? 
_exptl_crystal_grow.pH              3.6 
_exptl_crystal_grow.pdbx_details    '40% PEG600, 100mM Sodium Acetate, pH 3.6, VAPOR DIFFUSION, HANGING DROP, temperature 292K' 
_exptl_crystal_grow.pdbx_pH_range   . 
# 
loop_
_exptl_crystal_grow_comp.crystal_id 
_exptl_crystal_grow_comp.id 
_exptl_crystal_grow_comp.sol_id 
_exptl_crystal_grow_comp.name 
_exptl_crystal_grow_comp.conc 
_exptl_crystal_grow_comp.volume 
_exptl_crystal_grow_comp.details 
1 1 1 PEG600           ? ? ? 
1 2 1 'Sodium Acetate' ? ? ? 
1 3 1 H2O              ? ? ? 
1 4 2 PEG600           ? ? ? 
1 5 2 'Sodium Acetate' ? ? ? 
1 6 2 H2O              ? ? ? 
# 
_diffrn.id                     1 
_diffrn.ambient_temp           100 
_diffrn.ambient_temp_details   ? 
_diffrn.crystal_id             1 
# 
_diffrn_detector.diffrn_id              1 
_diffrn_detector.detector               CCD 
_diffrn_detector.type                   'ADSC QUANTUM 315' 
_diffrn_detector.pdbx_collection_date   2005-10-21 
_diffrn_detector.details                ? 
# 
_diffrn_radiation.diffrn_id                        1 
_diffrn_radiation.wavelength_id                    1 
_diffrn_radiation.pdbx_monochromatic_or_laue_m_l   M 
_diffrn_radiation.monochromator                    ? 
_diffrn_radiation.pdbx_diffrn_protocol             'SINGLE WAVELENGTH' 
_diffrn_radiation.pdbx_scattering_type             x-ray 
# 
_diffrn_radiation_wavelength.id           1 
_diffrn_radiation_wavelength.wavelength   0.97 
_diffrn_radiation_wavelength.wt           1.0 
# 
_diffrn_source.diffrn_id                   1 
_diffrn_source.source                      SYNCHROTRON 
_diffrn_source.type                        'APS BEAMLINE 19-ID' 
_diffrn_source.pdbx_synchrotron_site       APS 
_diffrn_source.pdbx_synchrotron_beamline   19-ID 
_diffrn_source.pdbx_wavelength             ? 
_diffrn_source.pdbx_wavelength_list        0.97 
# 
_reflns.entry_id                     2GXB 
_reflns.observed_criterion_sigma_I   0 
_reflns.observed_criterion_sigma_F   0 
_reflns.d_resolution_low             25.00 
_reflns.d_resolution_high            2.25 
_reflns.number_obs                   7511 
_reflns.number_all                   ? 
_reflns.percent_possible_obs         90.7 
_reflns.pdbx_Rmerge_I_obs            ? 
_reflns.pdbx_Rsym_value              0.075 
_reflns.pdbx_netI_over_sigmaI        ? 
_reflns.B_iso_Wilson_estimate        ? 
_reflns.pdbx_redundancy              5.1 
_reflns.R_free_details               ? 
_reflns.pdbx_chi_squared             ? 
_reflns.pdbx_scaling_rejects         ? 
_reflns.pdbx_diffrn_id               1 
_reflns.pdbx_ordinal                 1 
# 
_reflns_shell.d_res_high             2.25 
_reflns_shell.d_res_low              2.308 
_reflns_shell.percent_possible_all   92.5 
_reflns_shell.Rmerge_I_obs           ? 
_reflns_shell.pdbx_Rsym_value        0.197 
_reflns_shell.meanI_over_sigI_obs    ? 
_reflns_shell.pdbx_redundancy        5.1 
_reflns_shell.percent_possible_obs   ? 
_reflns_shell.number_unique_all      ? 
_reflns_shell.number_measured_all    ? 
_reflns_shell.number_measured_obs    ? 
_reflns_shell.number_unique_obs      ? 
_reflns_shell.pdbx_chi_squared       ? 
_reflns_shell.pdbx_diffrn_id         ? 
_reflns_shell.pdbx_ordinal           1 
# 
_refine.entry_id                                 2GXB 
_refine.ls_number_reflns_obs                     6769 
_refine.ls_number_reflns_all                     7499 
_refine.pdbx_ls_sigma_I                          ? 
_refine.pdbx_ls_sigma_F                          ? 
_refine.pdbx_data_cutoff_high_absF               ? 
_refine.pdbx_data_cutoff_low_absF                ? 
_refine.pdbx_data_cutoff_high_rms_absF           ? 
_refine.ls_d_res_low                             25.00 
_refine.ls_d_res_high                            2.25 
_refine.ls_percent_reflns_obs                    88.47 
_refine.ls_R_factor_obs                          0.19908 
_refine.ls_R_factor_all                          ? 
_refine.ls_R_factor_R_work                       0.19436 
_refine.ls_R_factor_R_free                       0.24392 
_refine.ls_R_factor_R_free_error                 ? 
_refine.ls_R_factor_R_free_error_details         ? 
_refine.ls_percent_reflns_R_free                 9.7 
_refine.ls_number_reflns_R_free                  730 
_refine.ls_number_parameters                     ? 
_refine.ls_number_restraints                     ? 
_refine.occupancy_min                            ? 
_refine.occupancy_max                            ? 
_refine.correlation_coeff_Fo_to_Fc               0.936 
_refine.correlation_coeff_Fo_to_Fc_free          0.889 
_refine.B_iso_mean                               19.895 
_refine.aniso_B[1][1]                            -0.93 
_refine.aniso_B[2][2]                            -1.01 
_refine.aniso_B[3][3]                            1.95 
_refine.aniso_B[1][2]                            0.00 
_refine.aniso_B[1][3]                            0.00 
_refine.aniso_B[2][3]                            0.00 
_refine.solvent_model_details                    'BABINET MODEL WITH MASK' 
_refine.solvent_model_param_ksol                 ? 
_refine.solvent_model_param_bsol                 ? 
_refine.pdbx_solvent_vdw_probe_radii             1.20 
_refine.pdbx_solvent_ion_probe_radii             0.80 
_refine.pdbx_solvent_shrinkage_radii             0.80 
_refine.pdbx_ls_cross_valid_method               THROUGHOUT 
_refine.details                                  'HYDROGENS HAVE BEEN ADDED IN THE RIDING POSITIONS' 
_refine.pdbx_starting_model                      'PDB entry: 1QBJ' 
_refine.pdbx_method_to_determine_struct          'MOLECULAR REPLACEMENT' 
_refine.pdbx_isotropic_thermal_model             Isotropic 
_refine.pdbx_stereochemistry_target_values       'MAXIMUM LIKELIHOOD' 
_refine.pdbx_stereochem_target_val_spec_case     ? 
_refine.pdbx_R_Free_selection_details            RANDOM 
_refine.pdbx_overall_ESU_R                       0.522 
_refine.pdbx_overall_ESU_R_Free                  0.270 
_refine.overall_SU_ML                            0.161 
_refine.overall_SU_B                             6.377 
_refine.ls_redundancy_reflns_obs                 ? 
_refine.overall_SU_R_Cruickshank_DPI             ? 
_refine.overall_SU_R_free                        ? 
_refine.ls_wR_factor_R_free                      ? 
_refine.ls_wR_factor_R_work                      ? 
_refine.overall_FOM_free_R_set                   ? 
_refine.overall_FOM_work_R_set                   ? 
_refine.pdbx_refine_id                           'X-RAY DIFFRACTION' 
_refine.pdbx_diffrn_id                           1 
_refine.pdbx_TLS_residual_ADP_flag               ? 
_refine.pdbx_overall_phase_error                 ? 
_refine.pdbx_overall_SU_R_free_Cruickshank_DPI   ? 
_refine.pdbx_overall_SU_R_Blow_DPI               ? 
_refine.pdbx_overall_SU_R_free_Blow_DPI          ? 
# 
_refine_hist.pdbx_refine_id                   'X-RAY DIFFRACTION' 
_refine_hist.cycle_id                         LAST 
_refine_hist.pdbx_number_atoms_protein        968 
_refine_hist.pdbx_number_atoms_nucleic_acid   277 
_refine_hist.pdbx_number_atoms_ligand         3 
_refine_hist.number_atoms_solvent             157 
_refine_hist.number_atoms_total               1405 
_refine_hist.d_res_high                       2.25 
_refine_hist.d_res_low                        25.00 
# 
loop_
_refine_ls_restr.type 
_refine_ls_restr.dev_ideal 
_refine_ls_restr.dev_ideal_target 
_refine_ls_restr.weight 
_refine_ls_restr.number 
_refine_ls_restr.pdbx_refine_id 
_refine_ls_restr.pdbx_restraint_function 
r_bond_refined_d             0.007  0.022  ? 1291 'X-RAY DIFFRACTION' ? 
r_bond_other_d               0.000  0.020  ? 1055 'X-RAY DIFFRACTION' ? 
r_angle_refined_deg          1.198  2.272  ? 1792 'X-RAY DIFFRACTION' ? 
r_angle_other_deg            2.783  3.000  ? 2512 'X-RAY DIFFRACTION' ? 
r_dihedral_angle_1_deg       4.848  5.000  ? 123  'X-RAY DIFFRACTION' ? 
r_dihedral_angle_2_deg       38.482 24.848 ? 33   'X-RAY DIFFRACTION' ? 
r_dihedral_angle_3_deg       18.361 15.000 ? 205  'X-RAY DIFFRACTION' ? 
r_dihedral_angle_4_deg       25.514 15.000 ? 4    'X-RAY DIFFRACTION' ? 
r_chiral_restr               0.053  0.200  ? 213  'X-RAY DIFFRACTION' ? 
r_gen_planes_refined         0.003  0.020  ? 1170 'X-RAY DIFFRACTION' ? 
r_gen_planes_other           0.002  0.020  ? 167  'X-RAY DIFFRACTION' ? 
r_nbd_refined                0.210  0.200  ? 264  'X-RAY DIFFRACTION' ? 
r_nbd_other                  0.209  0.200  ? 911  'X-RAY DIFFRACTION' ? 
r_nbtor_refined              0.185  0.200  ? 537  'X-RAY DIFFRACTION' ? 
r_nbtor_other                0.099  0.200  ? 590  'X-RAY DIFFRACTION' ? 
r_xyhbond_nbd_refined        0.188  0.200  ? 94   'X-RAY DIFFRACTION' ? 
r_xyhbond_nbd_other          ?      ?      ? ?    'X-RAY DIFFRACTION' ? 
r_metal_ion_refined          0.094  0.200  ? 4    'X-RAY DIFFRACTION' ? 
r_metal_ion_other            ?      ?      ? ?    'X-RAY DIFFRACTION' ? 
r_symmetry_vdw_refined       0.256  0.200  ? 23   'X-RAY DIFFRACTION' ? 
r_symmetry_vdw_other         0.233  0.200  ? 50   'X-RAY DIFFRACTION' ? 
r_symmetry_hbond_refined     0.101  0.200  ? 5    'X-RAY DIFFRACTION' ? 
r_symmetry_hbond_other       ?      ?      ? ?    'X-RAY DIFFRACTION' ? 
r_symmetry_metal_ion_refined ?      ?      ? ?    'X-RAY DIFFRACTION' ? 
r_symmetry_metal_ion_other   ?      ?      ? ?    'X-RAY DIFFRACTION' ? 
r_mcbond_it                  0.705  1.500  ? 617  'X-RAY DIFFRACTION' ? 
r_mcbond_other               0.025  1.500  ? 260  'X-RAY DIFFRACTION' ? 
r_mcangle_it                 1.360  2.000  ? 983  'X-RAY DIFFRACTION' ? 
r_scbond_it                  1.868  3.000  ? 731  'X-RAY DIFFRACTION' ? 
r_scangle_it                 2.985  4.500  ? 809  'X-RAY DIFFRACTION' ? 
r_rigid_bond_restr           ?      ?      ? ?    'X-RAY DIFFRACTION' ? 
r_sphericity_free            ?      ?      ? ?    'X-RAY DIFFRACTION' ? 
r_sphericity_bonded          ?      ?      ? ?    'X-RAY DIFFRACTION' ? 
# 
_refine_ls_shell.pdbx_total_number_of_bins_used   20 
_refine_ls_shell.d_res_high                       2.250 
_refine_ls_shell.d_res_low                        2.308 
_refine_ls_shell.number_reflns_R_work             501 
_refine_ls_shell.R_factor_R_work                  0.216 
_refine_ls_shell.percent_reflns_obs               90.91 
_refine_ls_shell.R_factor_R_free                  0.364 
_refine_ls_shell.R_factor_R_free_error            ? 
_refine_ls_shell.percent_reflns_R_free            ? 
_refine_ls_shell.number_reflns_R_free             59 
_refine_ls_shell.number_reflns_all                ? 
_refine_ls_shell.R_factor_all                     ? 
_refine_ls_shell.redundancy_reflns_obs            ? 
_refine_ls_shell.number_reflns_obs                ? 
_refine_ls_shell.pdbx_refine_id                   'X-RAY DIFFRACTION' 
# 
_struct.entry_id                  2GXB 
_struct.title                     'Crystal Structure of The Za Domain bound to Z-RNA' 
_struct.pdbx_model_details        ? 
_struct.pdbx_CASP_flag            ? 
_struct.pdbx_model_type_details   ? 
# 
_struct_keywords.entry_id        2GXB 
_struct_keywords.pdbx_keywords   hydrolase/RNA 
_struct_keywords.text            'Z-RNA, Za, ADAR1, RNA editing, PROTEIN-RNA complex, hydrolase-RNA COMPLEX' 
# 
loop_
_struct_asym.id 
_struct_asym.pdbx_blank_PDB_chainid_flag 
_struct_asym.pdbx_modified 
_struct_asym.entity_id 
_struct_asym.details 
A N N 1 ? 
B N N 1 ? 
C N N 2 ? 
D N N 2 ? 
E N N 3 ? 
F N N 3 ? 
G N N 3 ? 
H N N 4 ? 
I N N 4 ? 
J N N 4 ? 
K N N 4 ? 
# 
loop_
_struct_conf.conf_type_id 
_struct_conf.id 
_struct_conf.pdbx_PDB_helix_id 
_struct_conf.beg_label_comp_id 
_struct_conf.beg_label_asym_id 
_struct_conf.beg_label_seq_id 
_struct_conf.pdbx_beg_PDB_ins_code 
_struct_conf.end_label_comp_id 
_struct_conf.end_label_asym_id 
_struct_conf.end_label_seq_id 
_struct_conf.pdbx_end_PDB_ins_code 
_struct_conf.beg_auth_comp_id 
_struct_conf.beg_auth_asym_id 
_struct_conf.beg_auth_seq_id 
_struct_conf.end_auth_comp_id 
_struct_conf.end_auth_asym_id 
_struct_conf.end_auth_seq_id 
_struct_conf.pdbx_PDB_helix_class 
_struct_conf.details 
_struct_conf.pdbx_PDB_helix_length 
HELX_P HELX_P1 1 SER C 1  ? GLY C 15 ? SER A 137 GLY A 151 1 ? 15 
HELX_P HELX_P2 2 THR C 21 ? GLY C 30 ? THR A 157 GLY A 166 1 ? 10 
HELX_P HELX_P3 3 PRO C 32 ? LYS C 46 ? PRO A 168 LYS A 182 1 ? 15 
HELX_P HELX_P4 4 MET D 3  ? LEU D 14 ? MET B 139 LEU B 150 1 ? 12 
HELX_P HELX_P5 5 THR D 21 ? GLY D 30 ? THR B 157 GLY B 166 1 ? 10 
HELX_P HELX_P6 6 PRO D 32 ? LYS D 46 ? PRO B 168 LYS B 182 1 ? 15 
# 
_struct_conf_type.id          HELX_P 
_struct_conf_type.criteria    ? 
_struct_conf_type.reference   ? 
# 
loop_
_struct_conn.id 
_struct_conn.conn_type_id 
_struct_conn.pdbx_leaving_atom_flag 
_struct_conn.pdbx_PDB_id 
_struct_conn.ptnr1_label_asym_id 
_struct_conn.ptnr1_label_comp_id 
_struct_conn.ptnr1_label_seq_id 
_struct_conn.ptnr1_label_atom_id 
_struct_conn.pdbx_ptnr1_label_alt_id 
_struct_conn.pdbx_ptnr1_PDB_ins_code 
_struct_conn.pdbx_ptnr1_standard_comp_id 
_struct_conn.ptnr1_symmetry 
_struct_conn.ptnr2_label_asym_id 
_struct_conn.ptnr2_label_comp_id 
_struct_conn.ptnr2_label_seq_id 
_struct_conn.ptnr2_label_atom_id 
_struct_conn.pdbx_ptnr2_label_alt_id 
_struct_conn.pdbx_ptnr2_PDB_ins_code 
_struct_conn.ptnr1_auth_asym_id 
_struct_conn.ptnr1_auth_comp_id 
_struct_conn.ptnr1_auth_seq_id 
_struct_conn.ptnr2_auth_asym_id 
_struct_conn.ptnr2_auth_comp_id 
_struct_conn.ptnr2_auth_seq_id 
_struct_conn.ptnr2_symmetry 
_struct_conn.pdbx_ptnr3_label_atom_id 
_struct_conn.pdbx_ptnr3_label_seq_id 
_struct_conn.pdbx_ptnr3_label_comp_id 
_struct_conn.pdbx_ptnr3_label_asym_id 
_struct_conn.pdbx_ptnr3_label_alt_id 
_struct_conn.pdbx_ptnr3_PDB_ins_code 
_struct_conn.details 
_struct_conn.pdbx_dist_value 
_struct_conn.pdbx_value_order 
_struct_conn.pdbx_role 
metalc1  metalc ? ? A C   4  "O2'" ? ? ? 1_555 F NA  . NA    ? ? E C   3   F NA  163 1_555 ? ? ? ? ? ? ?            2.355 ? ? 
metalc2  metalc ? ? A C   4  O2    ? ? ? 1_555 F NA  . NA    ? ? E C   3   F NA  163 1_555 ? ? ? ? ? ? ?            2.797 ? ? 
metalc3  metalc ? ? A C   6  "O2'" ? ? ? 1_555 E NA  . NA    ? ? E C   5   E NA  162 1_555 ? ? ? ? ? ? ?            2.355 ? ? 
metalc4  metalc ? ? A C   6  O2    ? ? ? 1_555 E NA  . NA    ? ? E C   5   E NA  162 1_555 ? ? ? ? ? ? ?            2.648 ? ? 
metalc5  metalc ? ? H HOH .  O     ? ? ? 1_555 E NA  . NA    ? ? E HOH 61  E NA  162 1_555 ? ? ? ? ? ? ?            2.244 ? ? 
metalc6  metalc ? ? E NA  .  NA    ? ? ? 1_555 B C   4 "O2'" ? ? E NA  162 F C   3   1_555 ? ? ? ? ? ? ?            2.452 ? ? 
metalc7  metalc ? ? E NA  .  NA    ? ? ? 1_555 B C   4 O2    ? ? E NA  162 F C   3   1_555 ? ? ? ? ? ? ?            2.628 ? ? 
metalc8  metalc ? ? B C   4  OP1   ? ? ? 1_555 G NA  . NA    ? ? F C   3   B NA  203 1_555 ? ? ? ? ? ? ?            2.552 ? ? 
metalc9  metalc ? ? B C   6  "O2'" ? ? ? 1_555 F NA  . NA    ? ? F C   5   F NA  163 1_555 ? ? ? ? ? ? ?            2.368 ? ? 
metalc10 metalc ? ? B C   6  O2    ? ? ? 1_555 F NA  . NA    ? ? F C   5   F NA  163 1_555 ? ? ? ? ? ? ?            2.469 ? ? 
metalc11 metalc ? ? F NA  .  NA    ? ? ? 1_555 I HOH . O     ? ? F NA  163 F HOH 189 1_555 ? ? ? ? ? ? ?            2.739 ? ? 
metalc12 metalc ? ? D ASN 37 OD1   ? ? ? 1_555 G NA  . NA    ? ? B ASN 173 B NA  203 1_555 ? ? ? ? ? ? ?            2.880 ? ? 
metalc13 metalc ? ? G NA  .  NA    ? ? ? 1_555 K HOH . O     ? ? B NA  203 B HOH 211 1_555 ? ? ? ? ? ? ?            2.777 ? ? 
hydrog1  hydrog ? ? A C   2  N3    ? ? ? 1_555 B G   7 N1    ? ? E C   1   F G   6   1_555 ? ? ? ? ? ? WATSON-CRICK ?     ? ? 
hydrog2  hydrog ? ? A C   2  N4    ? ? ? 1_555 B G   7 O6    ? ? E C   1   F G   6   1_555 ? ? ? ? ? ? WATSON-CRICK ?     ? ? 
hydrog3  hydrog ? ? A C   2  O2    ? ? ? 1_555 B G   7 N2    ? ? E C   1   F G   6   1_555 ? ? ? ? ? ? WATSON-CRICK ?     ? ? 
hydrog4  hydrog ? ? A G   3  N1    ? ? ? 1_555 B C   6 N3    ? ? E G   2   F C   5   1_555 ? ? ? ? ? ? WATSON-CRICK ?     ? ? 
hydrog5  hydrog ? ? A G   3  N2    ? ? ? 1_555 B C   6 O2    ? ? E G   2   F C   5   1_555 ? ? ? ? ? ? WATSON-CRICK ?     ? ? 
hydrog6  hydrog ? ? A G   3  O6    ? ? ? 1_555 B C   6 N4    ? ? E G   2   F C   5   1_555 ? ? ? ? ? ? WATSON-CRICK ?     ? ? 
hydrog7  hydrog ? ? A C   4  N3    ? ? ? 1_555 B G   5 N1    ? ? E C   3   F G   4   1_555 ? ? ? ? ? ? WATSON-CRICK ?     ? ? 
hydrog8  hydrog ? ? A C   4  N4    ? ? ? 1_555 B G   5 O6    ? ? E C   3   F G   4   1_555 ? ? ? ? ? ? WATSON-CRICK ?     ? ? 
hydrog9  hydrog ? ? A C   4  O2    ? ? ? 1_555 B G   5 N2    ? ? E C   3   F G   4   1_555 ? ? ? ? ? ? WATSON-CRICK ?     ? ? 
hydrog10 hydrog ? ? A G   5  N1    ? ? ? 1_555 B C   4 N3    ? ? E G   4   F C   3   1_555 ? ? ? ? ? ? WATSON-CRICK ?     ? ? 
hydrog11 hydrog ? ? A G   5  N2    ? ? ? 1_555 B C   4 O2    ? ? E G   4   F C   3   1_555 ? ? ? ? ? ? WATSON-CRICK ?     ? ? 
hydrog12 hydrog ? ? A G   5  O6    ? ? ? 1_555 B C   4 N4    ? ? E G   4   F C   3   1_555 ? ? ? ? ? ? WATSON-CRICK ?     ? ? 
hydrog13 hydrog ? ? A C   6  N3    ? ? ? 1_555 B G   3 N1    ? ? E C   5   F G   2   1_555 ? ? ? ? ? ? WATSON-CRICK ?     ? ? 
hydrog14 hydrog ? ? A C   6  N4    ? ? ? 1_555 B G   3 O6    ? ? E C   5   F G   2   1_555 ? ? ? ? ? ? WATSON-CRICK ?     ? ? 
hydrog15 hydrog ? ? A C   6  O2    ? ? ? 1_555 B G   3 N2    ? ? E C   5   F G   2   1_555 ? ? ? ? ? ? WATSON-CRICK ?     ? ? 
hydrog16 hydrog ? ? A G   7  N1    ? ? ? 1_555 B C   2 N3    ? ? E G   6   F C   1   1_555 ? ? ? ? ? ? WATSON-CRICK ?     ? ? 
hydrog17 hydrog ? ? A G   7  N2    ? ? ? 1_555 B C   2 O2    ? ? E G   6   F C   1   1_555 ? ? ? ? ? ? WATSON-CRICK ?     ? ? 
hydrog18 hydrog ? ? A G   7  O6    ? ? ? 1_555 B C   2 N4    ? ? E G   6   F C   1   1_555 ? ? ? ? ? ? WATSON-CRICK ?     ? ? 
# 
loop_
_struct_conn_type.id 
_struct_conn_type.criteria 
_struct_conn_type.reference 
metalc ? ? 
hydrog ? ? 
# 
loop_
_struct_mon_prot_cis.pdbx_id 
_struct_mon_prot_cis.label_comp_id 
_struct_mon_prot_cis.label_seq_id 
_struct_mon_prot_cis.label_asym_id 
_struct_mon_prot_cis.label_alt_id 
_struct_mon_prot_cis.pdbx_PDB_ins_code 
_struct_mon_prot_cis.auth_comp_id 
_struct_mon_prot_cis.auth_seq_id 
_struct_mon_prot_cis.auth_asym_id 
_struct_mon_prot_cis.pdbx_label_comp_id_2 
_struct_mon_prot_cis.pdbx_label_seq_id_2 
_struct_mon_prot_cis.pdbx_label_asym_id_2 
_struct_mon_prot_cis.pdbx_PDB_ins_code_2 
_struct_mon_prot_cis.pdbx_auth_comp_id_2 
_struct_mon_prot_cis.pdbx_auth_seq_id_2 
_struct_mon_prot_cis.pdbx_auth_asym_id_2 
_struct_mon_prot_cis.pdbx_PDB_model_num 
_struct_mon_prot_cis.pdbx_omega_angle 
1 THR 55 C . ? THR 191 A PRO 56 C ? PRO 192 A 1 2.84   
2 THR 55 D . ? THR 191 B PRO 56 D ? PRO 192 B 1 -10.34 
# 
loop_
_struct_sheet.id 
_struct_sheet.type 
_struct_sheet.number_strands 
_struct_sheet.details 
A ? 2 ? 
B ? 2 ? 
# 
loop_
_struct_sheet_order.sheet_id 
_struct_sheet_order.range_id_1 
_struct_sheet_order.range_id_2 
_struct_sheet_order.offset 
_struct_sheet_order.sense 
A 1 2 ? anti-parallel 
B 1 2 ? anti-parallel 
# 
loop_
_struct_sheet_range.sheet_id 
_struct_sheet_range.id 
_struct_sheet_range.beg_label_comp_id 
_struct_sheet_range.beg_label_asym_id 
_struct_sheet_range.beg_label_seq_id 
_struct_sheet_range.pdbx_beg_PDB_ins_code 
_struct_sheet_range.end_label_comp_id 
_struct_sheet_range.end_label_asym_id 
_struct_sheet_range.end_label_seq_id 
_struct_sheet_range.pdbx_end_PDB_ins_code 
_struct_sheet_range.beg_auth_comp_id 
_struct_sheet_range.beg_auth_asym_id 
_struct_sheet_range.beg_auth_seq_id 
_struct_sheet_range.end_auth_comp_id 
_struct_sheet_range.end_auth_asym_id 
_struct_sheet_range.end_auth_seq_id 
A 1 LEU C 49 ? GLU C 52 ? LEU A 185 GLU A 188 
A 2 LEU C 58 ? ILE C 61 ? LEU A 194 ILE A 197 
B 1 LEU D 49 ? LYS D 51 ? LEU B 185 LYS B 187 
B 2 TRP D 59 ? ILE D 61 ? TRP B 195 ILE B 197 
# 
loop_
_pdbx_struct_sheet_hbond.sheet_id 
_pdbx_struct_sheet_hbond.range_id_1 
_pdbx_struct_sheet_hbond.range_id_2 
_pdbx_struct_sheet_hbond.range_1_label_atom_id 
_pdbx_struct_sheet_hbond.range_1_label_comp_id 
_pdbx_struct_sheet_hbond.range_1_label_asym_id 
_pdbx_struct_sheet_hbond.range_1_label_seq_id 
_pdbx_struct_sheet_hbond.range_1_PDB_ins_code 
_pdbx_struct_sheet_hbond.range_1_auth_atom_id 
_pdbx_struct_sheet_hbond.range_1_auth_comp_id 
_pdbx_struct_sheet_hbond.range_1_auth_asym_id 
_pdbx_struct_sheet_hbond.range_1_auth_seq_id 
_pdbx_struct_sheet_hbond.range_2_label_atom_id 
_pdbx_struct_sheet_hbond.range_2_label_comp_id 
_pdbx_struct_sheet_hbond.range_2_label_asym_id 
_pdbx_struct_sheet_hbond.range_2_label_seq_id 
_pdbx_struct_sheet_hbond.range_2_PDB_ins_code 
_pdbx_struct_sheet_hbond.range_2_auth_atom_id 
_pdbx_struct_sheet_hbond.range_2_auth_comp_id 
_pdbx_struct_sheet_hbond.range_2_auth_asym_id 
_pdbx_struct_sheet_hbond.range_2_auth_seq_id 
A 1 2 N GLU C 52 ? N GLU A 188 O LEU C 58 ? O LEU A 194 
B 1 2 N GLN D 50 ? N GLN B 186 O LYS D 60 ? O LYS B 196 
# 
loop_
_struct_site.id 
_struct_site.pdbx_evidence_code 
_struct_site.pdbx_auth_asym_id 
_struct_site.pdbx_auth_comp_id 
_struct_site.pdbx_auth_seq_id 
_struct_site.pdbx_auth_ins_code 
_struct_site.pdbx_num_residues 
_struct_site.details 
AC1 Software B NA 203 ? 4 'BINDING SITE FOR RESIDUE NA B 203' 
AC2 Software E NA 162 ? 3 'BINDING SITE FOR RESIDUE NA E 162' 
AC3 Software F NA 163 ? 3 'BINDING SITE FOR RESIDUE NA F 163' 
# 
loop_
_struct_site_gen.id 
_struct_site_gen.site_id 
_struct_site_gen.pdbx_num_res 
_struct_site_gen.label_comp_id 
_struct_site_gen.label_asym_id 
_struct_site_gen.label_seq_id 
_struct_site_gen.pdbx_auth_ins_code 
_struct_site_gen.auth_comp_id 
_struct_site_gen.auth_asym_id 
_struct_site_gen.auth_seq_id 
_struct_site_gen.label_atom_id 
_struct_site_gen.label_alt_id 
_struct_site_gen.symmetry 
_struct_site_gen.details 
1  AC1 4 ASN D 37 ? ASN B 173 . ? 1_555 ? 
2  AC1 4 TRP D 59 ? TRP B 195 . ? 1_555 ? 
3  AC1 4 HOH K .  ? HOH B 211 . ? 1_555 ? 
4  AC1 4 C   B 4  ? C   F 3   . ? 1_555 ? 
5  AC2 3 C   A 6  ? C   E 5   . ? 1_555 ? 
6  AC2 3 HOH H .  ? HOH E 61  . ? 1_555 ? 
7  AC2 3 C   B 4  ? C   F 3   . ? 1_555 ? 
8  AC3 3 C   A 4  ? C   E 3   . ? 1_555 ? 
9  AC3 3 C   B 6  ? C   F 5   . ? 1_555 ? 
10 AC3 3 HOH I .  ? HOH F 189 . ? 1_555 ? 
# 
_atom_sites.entry_id                    2GXB 
_atom_sites.fract_transf_matrix[1][1]   0.01105216 
_atom_sites.fract_transf_matrix[1][2]   -0.00087178 
_atom_sites.fract_transf_matrix[1][3]   0.00785297 
_atom_sites.fract_transf_matrix[2][1]   0.00418662 
_atom_sites.fract_transf_matrix[2][2]   0.00861987 
_atom_sites.fract_transf_matrix[2][3]   -0.00493528 
_atom_sites.fract_transf_matrix[3][1]   -0.00861775 
_atom_sites.fract_transf_matrix[3][2]   0.01188514 
_atom_sites.fract_transf_matrix[3][3]   0.01344790 
_atom_sites.fract_transf_vector[1]      0.663785 
_atom_sites.fract_transf_vector[2]      0.056711 
_atom_sites.fract_transf_vector[3]      0.835374 
# 
loop_
_atom_type.symbol 
C  
N  
NA 
O  
P  
S  
# 
loop_
_atom_site.group_PDB 
_atom_site.id 
_atom_site.type_symbol 
_atom_site.label_atom_id 
_atom_site.label_alt_id 
_atom_site.label_comp_id 
_atom_site.label_asym_id 
_atom_site.label_entity_id 
_atom_site.label_seq_id 
_atom_site.pdbx_PDB_ins_code 
_atom_site.Cartn_x 
_atom_site.Cartn_y 
_atom_site.Cartn_z 
_atom_site.occupancy 
_atom_site.B_iso_or_equiv 
_atom_site.pdbx_formal_charge 
_atom_site.auth_seq_id 
_atom_site.auth_comp_id 
_atom_site.auth_asym_id 
_atom_site.auth_atom_id 
_atom_site.pdbx_PDB_model_num 
ATOM   1    P  P     . DU  A 1 1  ? -4.569  -5.982  -12.790 1.00 58.52 ? 0   DU  E P     1 
ATOM   2    O  OP1   . DU  A 1 1  ? -4.895  -4.662  -12.191 1.00 57.95 ? 0   DU  E OP1   1 
ATOM   3    O  OP2   . DU  A 1 1  ? -3.389  -6.762  -12.333 1.00 58.50 ? 0   DU  E OP2   1 
ATOM   4    O  "O5'" . DU  A 1 1  ? -5.871  -6.913  -12.731 1.00 53.85 ? 0   DU  E "O5'" 1 
ATOM   5    C  "C5'" . DU  A 1 1  ? -5.896  -8.242  -12.156 1.00 50.41 ? 0   DU  E "C5'" 1 
ATOM   6    C  "C4'" . DU  A 1 1  ? -6.999  -8.270  -11.109 1.00 46.14 ? 0   DU  E "C4'" 1 
ATOM   7    O  "O4'" . DU  A 1 1  ? -8.115  -9.137  -11.408 1.00 43.68 ? 0   DU  E "O4'" 1 
ATOM   8    C  "C3'" . DU  A 1 1  ? -6.612  -8.748  -9.721  1.00 41.99 ? 0   DU  E "C3'" 1 
ATOM   9    O  "O3'" . DU  A 1 1  ? -6.217  -7.594  -9.060  1.00 36.49 ? 0   DU  E "O3'" 1 
ATOM   10   C  "C2'" . DU  A 1 1  ? -7.891  -9.357  -9.141  1.00 41.86 ? 0   DU  E "C2'" 1 
ATOM   11   C  "C1'" . DU  A 1 1  ? -8.872  -8.951  -10.234 1.00 42.06 ? 0   DU  E "C1'" 1 
ATOM   12   N  N1    . DU  A 1 1  ? -10.158 -9.682  -10.308 1.00 41.54 ? 0   DU  E N1    1 
ATOM   13   C  C2    . DU  A 1 1  ? -11.292 -9.008  -9.895  1.00 40.77 ? 0   DU  E C2    1 
ATOM   14   O  O2    . DU  A 1 1  ? -11.274 -7.866  -9.466  1.00 38.15 ? 0   DU  E O2    1 
ATOM   15   N  N3    . DU  A 1 1  ? -12.458 -9.732  -9.989  1.00 41.99 ? 0   DU  E N3    1 
ATOM   16   C  C4    . DU  A 1 1  ? -12.596 -11.025 -10.459 1.00 42.16 ? 0   DU  E C4    1 
ATOM   17   O  O4    . DU  A 1 1  ? -13.718 -11.527 -10.481 1.00 42.80 ? 0   DU  E O4    1 
ATOM   18   C  C5    . DU  A 1 1  ? -11.367 -11.664 -10.881 1.00 40.99 ? 0   DU  E C5    1 
ATOM   19   C  C6    . DU  A 1 1  ? -10.216 -10.980 -10.794 1.00 41.34 ? 0   DU  E C6    1 
ATOM   20   P  P     . C   A 1 2  ? -4.683  -7.284  -8.857  1.00 32.63 ? 1   C   E P     1 
ATOM   21   O  OP1   . C   A 1 2  ? -4.524  -5.813  -8.912  1.00 35.14 ? 1   C   E OP1   1 
ATOM   22   O  OP2   . C   A 1 2  ? -3.797  -8.165  -9.647  1.00 33.33 ? 1   C   E OP2   1 
ATOM   23   O  "O5'" . C   A 1 2  ? -4.622  -7.817  -7.361  1.00 28.02 ? 1   C   E "O5'" 1 
ATOM   24   C  "C5'" . C   A 1 2  ? -3.444  -7.797  -6.607  1.00 24.52 ? 1   C   E "C5'" 1 
ATOM   25   C  "C4'" . C   A 1 2  ? -3.868  -7.603  -5.171  1.00 23.50 ? 1   C   E "C4'" 1 
ATOM   26   O  "O4'" . C   A 1 2  ? -4.351  -6.247  -5.040  1.00 21.72 ? 1   C   E "O4'" 1 
ATOM   27   C  "C3'" . C   A 1 2  ? -5.001  -8.504  -4.691  1.00 22.67 ? 1   C   E "C3'" 1 
ATOM   28   O  "O3'" . C   A 1 2  ? -4.712  -8.999  -3.395  1.00 20.43 ? 1   C   E "O3'" 1 
ATOM   29   C  "C2'" . C   A 1 2  ? -6.211  -7.578  -4.676  1.00 22.63 ? 1   C   E "C2'" 1 
ATOM   30   O  "O2'" . C   A 1 2  ? -7.167  -7.952  -3.706  1.00 22.28 ? 1   C   E "O2'" 1 
ATOM   31   C  "C1'" . C   A 1 2  ? -5.565  -6.241  -4.329  1.00 20.95 ? 1   C   E "C1'" 1 
ATOM   32   N  N1    . C   A 1 2  ? -6.344  -5.009  -4.723  1.00 21.07 ? 1   C   E N1    1 
ATOM   33   C  C2    . C   A 1 2  ? -7.005  -4.233  -3.749  1.00 19.53 ? 1   C   E C2    1 
ATOM   34   O  O2    . C   A 1 2  ? -6.966  -4.544  -2.556  1.00 19.20 ? 1   C   E O2    1 
ATOM   35   N  N3    . C   A 1 2  ? -7.691  -3.137  -4.143  1.00 18.78 ? 1   C   E N3    1 
ATOM   36   C  C4    . C   A 1 2  ? -7.749  -2.784  -5.425  1.00 17.83 ? 1   C   E C4    1 
ATOM   37   N  N4    . C   A 1 2  ? -8.446  -1.685  -5.729  1.00 15.01 ? 1   C   E N4    1 
ATOM   38   C  C5    . C   A 1 2  ? -7.084  -3.550  -6.430  1.00 19.17 ? 1   C   E C5    1 
ATOM   39   C  C6    . C   A 1 2  ? -6.402  -4.638  -6.039  1.00 19.30 ? 1   C   E C6    1 
ATOM   40   P  P     . G   A 1 3  ? -4.130  -10.467 -3.124  1.00 19.77 ? 2   G   E P     1 
ATOM   41   O  OP1   . G   A 1 3  ? -4.817  -11.458 -3.973  1.00 18.93 ? 2   G   E OP1   1 
ATOM   42   O  OP2   . G   A 1 3  ? -4.149  -10.603 -1.644  1.00 18.20 ? 2   G   E OP2   1 
ATOM   43   O  "O5'" . G   A 1 3  ? -2.598  -10.356 -3.565  1.00 18.26 ? 2   G   E "O5'" 1 
ATOM   44   C  "C5'" . G   A 1 3  ? -1.705  -9.590  -2.767  1.00 16.15 ? 2   G   E "C5'" 1 
ATOM   45   C  "C4'" . G   A 1 3  ? -0.389  -9.349  -3.471  1.00 16.12 ? 2   G   E "C4'" 1 
ATOM   46   O  "O4'" . G   A 1 3  ? -0.645  -8.817  -4.791  1.00 17.79 ? 2   G   E "O4'" 1 
ATOM   47   C  "C3'" . G   A 1 3  ? 0.525   -8.328  -2.797  1.00 16.16 ? 2   G   E "C3'" 1 
ATOM   48   O  "O3'" . G   A 1 3  ? 1.340   -8.929  -1.814  1.00 13.23 ? 2   G   E "O3'" 1 
ATOM   49   C  "C2'" . G   A 1 3  ? 1.357   -7.809  -3.971  1.00 15.81 ? 2   G   E "C2'" 1 
ATOM   50   O  "O2'" . G   A 1 3  ? 2.534   -8.569  -4.159  1.00 12.31 ? 2   G   E "O2'" 1 
ATOM   51   C  "C1'" . G   A 1 3  ? 0.416   -7.961  -5.168  1.00 18.08 ? 2   G   E "C1'" 1 
ATOM   52   N  N9    . G   A 1 3  ? -0.213  -6.740  -5.662  1.00 20.20 ? 2   G   E N9    1 
ATOM   53   C  C8    . G   A 1 3  ? -0.077  -6.229  -6.938  1.00 20.90 ? 2   G   E C8    1 
ATOM   54   N  N7    . G   A 1 3  ? -0.748  -5.131  -7.134  1.00 20.85 ? 2   G   E N7    1 
ATOM   55   C  C5    . G   A 1 3  ? -1.383  -4.894  -5.922  1.00 20.27 ? 2   G   E C5    1 
ATOM   56   C  C6    . G   A 1 3  ? -2.256  -3.838  -5.544  1.00 20.24 ? 2   G   E C6    1 
ATOM   57   O  O6    . G   A 1 3  ? -2.648  -2.882  -6.230  1.00 20.09 ? 2   G   E O6    1 
ATOM   58   N  N1    . G   A 1 3  ? -2.681  -3.964  -4.219  1.00 18.24 ? 2   G   E N1    1 
ATOM   59   C  C2    . G   A 1 3  ? -2.304  -4.981  -3.374  1.00 18.19 ? 2   G   E C2    1 
ATOM   60   N  N2    . G   A 1 3  ? -2.820  -4.917  -2.145  1.00 19.17 ? 2   G   E N2    1 
ATOM   61   N  N3    . G   A 1 3  ? -1.487  -5.979  -3.710  1.00 18.79 ? 2   G   E N3    1 
ATOM   62   C  C4    . G   A 1 3  ? -1.062  -5.876  -4.997  1.00 20.02 ? 2   G   E C4    1 
ATOM   63   P  P     . C   A 1 4  ? 1.151   -8.674  -0.254  1.00 16.27 ? 3   C   E P     1 
ATOM   64   O  OP1   . C   A 1 4  ? 2.097   -9.568  0.460   1.00 17.24 ? 3   C   E OP1   1 
ATOM   65   O  OP2   . C   A 1 4  ? -0.301  -8.742  0.037   1.00 15.31 ? 3   C   E OP2   1 
ATOM   66   O  "O5'" . C   A 1 4  ? 1.657   -7.152  -0.109  1.00 15.20 ? 3   C   E "O5'" 1 
ATOM   67   C  "C5'" . C   A 1 4  ? 2.320   -6.665  1.037   1.00 14.34 ? 3   C   E "C5'" 1 
ATOM   68   C  "C4'" . C   A 1 4  ? 1.605   -5.444  1.596   1.00 16.42 ? 3   C   E "C4'" 1 
ATOM   69   O  "O4'" . C   A 1 4  ? 1.654   -4.348  0.651   1.00 16.71 ? 3   C   E "O4'" 1 
ATOM   70   C  "C3'" . C   A 1 4  ? 0.120   -5.586  1.901   1.00 15.84 ? 3   C   E "C3'" 1 
ATOM   71   O  "O3'" . C   A 1 4  ? -0.194  -4.759  3.008   1.00 17.94 ? 3   C   E "O3'" 1 
ATOM   72   C  "C2'" . C   A 1 4  ? -0.528  -5.051  0.634   1.00 15.82 ? 3   C   E "C2'" 1 
ATOM   73   O  "O2'" . C   A 1 4  ? -1.890  -4.678  0.783   1.00 13.39 ? 3   C   E "O2'" 1 
ATOM   74   C  "C1'" . C   A 1 4  ? 0.362   -3.852  0.377   1.00 14.39 ? 3   C   E "C1'" 1 
ATOM   75   N  N1    . C   A 1 4  ? 0.337   -3.332  -1.027  1.00 15.65 ? 3   C   E N1    1 
ATOM   76   C  C2    . C   A 1 4  ? -0.384  -2.169  -1.360  1.00 15.92 ? 3   C   E C2    1 
ATOM   77   O  O2    . C   A 1 4  ? -1.026  -1.544  -0.493  1.00 15.14 ? 3   C   E O2    1 
ATOM   78   N  N3    . C   A 1 4  ? -0.363  -1.744  -2.648  1.00 14.40 ? 3   C   E N3    1 
ATOM   79   C  C4    . C   A 1 4  ? 0.326   -2.392  -3.577  1.00 15.78 ? 3   C   E C4    1 
ATOM   80   N  N4    . C   A 1 4  ? 0.291   -1.908  -4.819  1.00 13.62 ? 3   C   E N4    1 
ATOM   81   C  C5    . C   A 1 4  ? 1.062   -3.571  -3.266  1.00 15.88 ? 3   C   E C5    1 
ATOM   82   C  C6    . C   A 1 4  ? 1.044   -3.995  -1.995  1.00 15.55 ? 3   C   E C6    1 
ATOM   83   P  P     . G   A 1 5  ? -0.332  -5.262  4.510   1.00 15.57 ? 4   G   E P     1 
ATOM   84   O  OP1   . G   A 1 5  ? -0.994  -6.591  4.567   1.00 14.03 ? 4   G   E OP1   1 
ATOM   85   O  OP2   . G   A 1 5  ? -0.960  -4.108  5.188   1.00 17.19 ? 4   G   E OP2   1 
ATOM   86   O  "O5'" . G   A 1 5  ? 1.172   -5.429  5.004   1.00 16.70 ? 4   G   E "O5'" 1 
ATOM   87   C  "C5'" . G   A 1 5  ? 2.040   -4.306  5.087   1.00 17.34 ? 4   G   E "C5'" 1 
ATOM   88   C  "C4'" . G   A 1 5  ? 3.447   -4.786  5.341   1.00 17.19 ? 4   G   E "C4'" 1 
ATOM   89   O  "O4'" . G   A 1 5  ? 3.883   -5.622  4.239   1.00 16.33 ? 4   G   E "O4'" 1 
ATOM   90   C  "C3'" . G   A 1 5  ? 4.466   -3.665  5.468   1.00 18.56 ? 4   G   E "C3'" 1 
ATOM   91   O  "O3'" . G   A 1 5  ? 4.733   -3.418  6.830   1.00 20.20 ? 4   G   E "O3'" 1 
ATOM   92   C  "C2'" . G   A 1 5  ? 5.724   -4.238  4.848   1.00 17.19 ? 4   G   E "C2'" 1 
ATOM   93   O  "O2'" . G   A 1 5  ? 6.527   -4.790  5.877   1.00 16.37 ? 4   G   E "O2'" 1 
ATOM   94   C  "C1'" . G   A 1 5  ? 5.234   -5.327  3.901   1.00 16.27 ? 4   G   E "C1'" 1 
ATOM   95   N  N9    . G   A 1 5  ? 5.316   -4.988  2.477   1.00 15.57 ? 4   G   E N9    1 
ATOM   96   C  C8    . G   A 1 5  ? 6.028   -5.684  1.527   1.00 16.57 ? 4   G   E C8    1 
ATOM   97   N  N7    . G   A 1 5  ? 5.935   -5.191  0.325   1.00 16.76 ? 4   G   E N7    1 
ATOM   98   C  C5    . G   A 1 5  ? 5.101   -4.090  0.481   1.00 15.66 ? 4   G   E C5    1 
ATOM   99   C  C6    . G   A 1 5  ? 4.634   -3.153  -0.477  1.00 14.66 ? 4   G   E C6    1 
ATOM   100  O  O6    . G   A 1 5  ? 4.855   -3.098  -1.696  1.00 13.45 ? 4   G   E O6    1 
ATOM   101  N  N1    . G   A 1 5  ? 3.812   -2.194  0.102   1.00 14.71 ? 4   G   E N1    1 
ATOM   102  C  C2    . G   A 1 5  ? 3.475   -2.134  1.427   1.00 14.44 ? 4   G   E C2    1 
ATOM   103  N  N2    . G   A 1 5  ? 2.668   -1.133  1.772   1.00 15.20 ? 4   G   E N2    1 
ATOM   104  N  N3    . G   A 1 5  ? 3.900   -3.002  2.337   1.00 18.03 ? 4   G   E N3    1 
ATOM   105  C  C4    . G   A 1 5  ? 4.712   -3.952  1.802   1.00 16.81 ? 4   G   E C4    1 
ATOM   106  P  P     . C   A 1 6  ? 4.591   -1.981  7.479   1.00 25.26 ? 5   C   E P     1 
ATOM   107  O  OP1   . C   A 1 6  ? 5.301   -2.026  8.776   1.00 23.32 ? 5   C   E OP1   1 
ATOM   108  O  OP2   . C   A 1 6  ? 3.152   -1.660  7.442   1.00 28.64 ? 5   C   E OP2   1 
ATOM   109  O  "O5'" . C   A 1 6  ? 5.323   -0.938  6.523   1.00 22.77 ? 5   C   E "O5'" 1 
ATOM   110  C  "C5'" . C   A 1 6  ? 5.590   0.340   7.102   1.00 23.25 ? 5   C   E "C5'" 1 
ATOM   111  C  "C4'" . C   A 1 6  ? 5.211   1.475   6.184   1.00 21.28 ? 5   C   E "C4'" 1 
ATOM   112  O  "O4'" . C   A 1 6  ? 5.964   1.332   4.958   1.00 21.70 ? 5   C   E "O4'" 1 
ATOM   113  C  "C3'" . C   A 1 6  ? 3.748   1.524   5.789   1.00 21.44 ? 5   C   E "C3'" 1 
ATOM   114  O  "O3'" . C   A 1 6  ? 3.287   2.862   5.700   1.00 28.60 ? 5   C   E "O3'" 1 
ATOM   115  C  "C2'" . C   A 1 6  ? 3.753   0.882   4.415   1.00 20.82 ? 5   C   E "C2'" 1 
ATOM   116  O  "O2'" . C   A 1 6  ? 2.654   1.298   3.634   1.00 19.06 ? 5   C   E "O2'" 1 
ATOM   117  C  "C1'" . C   A 1 6  ? 5.075   1.398   3.860   1.00 19.32 ? 5   C   E "C1'" 1 
ATOM   118  N  N1    . C   A 1 6  ? 5.689   0.608   2.735   1.00 19.56 ? 5   C   E N1    1 
ATOM   119  C  C2    . C   A 1 6  ? 5.511   1.007   1.403   1.00 19.54 ? 5   C   E C2    1 
ATOM   120  O  O2    . C   A 1 6  ? 4.832   2.009   1.144   1.00 23.26 ? 5   C   E O2    1 
ATOM   121  N  N3    . C   A 1 6  ? 6.084   0.285   0.415   1.00 18.69 ? 5   C   E N3    1 
ATOM   122  C  C4    . C   A 1 6  ? 6.821   -0.797  0.702   1.00 19.60 ? 5   C   E C4    1 
ATOM   123  N  N4    . C   A 1 6  ? 7.370   -1.479  -0.313  1.00 18.11 ? 5   C   E N4    1 
ATOM   124  C  C5    . C   A 1 6  ? 7.009   -1.221  2.048   1.00 17.88 ? 5   C   E C5    1 
ATOM   125  C  C6    . C   A 1 6  ? 6.432   -0.507  3.019   1.00 17.51 ? 5   C   E C6    1 
ATOM   126  P  P     . G   A 1 7  ? 2.402   3.561   6.838   1.00 32.09 ? 6   G   E P     1 
ATOM   127  O  OP1   . G   A 1 7  ? 1.461   2.575   7.418   1.00 32.75 ? 6   G   E OP1   1 
ATOM   128  O  OP2   . G   A 1 7  ? 1.850   4.809   6.272   1.00 34.71 ? 6   G   E OP2   1 
ATOM   129  O  "O5'" . G   A 1 7  ? 3.525   3.935   7.916   1.00 32.79 ? 6   G   E "O5'" 1 
ATOM   130  C  "C5'" . G   A 1 7  ? 4.626   4.763   7.596   1.00 32.30 ? 6   G   E "C5'" 1 
ATOM   131  C  "C4'" . G   A 1 7  ? 5.594   4.824   8.769   1.00 32.86 ? 6   G   E "C4'" 1 
ATOM   132  O  "O4'" . G   A 1 7  ? 6.180   3.520   9.003   1.00 32.50 ? 6   G   E "O4'" 1 
ATOM   133  C  "C3'" . G   A 1 7  ? 6.751   5.795   8.553   1.00 34.10 ? 6   G   E "C3'" 1 
ATOM   134  O  "O3'" . G   A 1 7  ? 6.462   7.059   9.183   1.00 34.83 ? 6   G   E "O3'" 1 
ATOM   135  C  "C2'" . G   A 1 7  ? 7.973   5.088   9.144   1.00 33.55 ? 6   G   E "C2'" 1 
ATOM   136  O  "O2'" . G   A 1 7  ? 8.312   5.594   10.419  1.00 35.46 ? 6   G   E "O2'" 1 
ATOM   137  C  "C1'" . G   A 1 7  ? 7.578   3.612   9.236   1.00 31.91 ? 6   G   E "C1'" 1 
ATOM   138  N  N9    . G   A 1 7  ? 8.229   2.695   8.292   1.00 30.26 ? 6   G   E N9    1 
ATOM   139  C  C8    . G   A 1 7  ? 8.904   1.544   8.621   1.00 30.78 ? 6   G   E C8    1 
ATOM   140  N  N7    . G   A 1 7  ? 9.376   0.888   7.598   1.00 29.23 ? 6   G   E N7    1 
ATOM   141  C  C5    . G   A 1 7  ? 8.989   1.652   6.507   1.00 29.66 ? 6   G   E C5    1 
ATOM   142  C  C6    . G   A 1 7  ? 9.214   1.437   5.121   1.00 30.60 ? 6   G   E C6    1 
ATOM   143  O  O6    . G   A 1 7  ? 9.816   0.503   4.569   1.00 30.26 ? 6   G   E O6    1 
ATOM   144  N  N1    . G   A 1 7  ? 8.658   2.445   4.332   1.00 30.63 ? 6   G   E N1    1 
ATOM   145  C  C2    . G   A 1 7  ? 7.967   3.526   4.828   1.00 31.39 ? 6   G   E C2    1 
ATOM   146  N  N2    . G   A 1 7  ? 7.506   4.376   3.899   1.00 30.97 ? 6   G   E N2    1 
ATOM   147  N  N3    . G   A 1 7  ? 7.741   3.742   6.131   1.00 30.24 ? 6   G   E N3    1 
ATOM   148  C  C4    . G   A 1 7  ? 8.280   2.768   6.914   1.00 30.17 ? 6   G   E C4    1 
ATOM   149  P  P     . C   B 1 2  ? 11.404  3.271   -5.411  1.00 32.14 ? 1   C   F P     1 
ATOM   150  O  OP1   . C   B 1 2  ? 11.648  4.358   -6.378  1.00 31.81 ? 1   C   F OP1   1 
ATOM   151  O  OP2   . C   B 1 2  ? 11.059  1.906   -5.882  1.00 29.76 ? 1   C   F OP2   1 
ATOM   152  O  "O5'" . C   B 1 2  ? 10.198  3.742   -4.479  1.00 29.40 ? 1   C   F "O5'" 1 
ATOM   153  C  "C5'" . C   B 1 2  ? 8.967   4.201   -4.996  1.00 24.37 ? 1   C   F "C5'" 1 
ATOM   154  C  "C4'" . C   B 1 2  ? 8.147   4.748   -3.840  1.00 23.16 ? 1   C   F "C4'" 1 
ATOM   155  O  "O4'" . C   B 1 2  ? 7.983   3.702   -2.854  1.00 20.42 ? 1   C   F "O4'" 1 
ATOM   156  C  "C3'" . C   B 1 2  ? 8.787   5.927   -3.111  1.00 21.17 ? 1   C   F "C3'" 1 
ATOM   157  O  "O3'" . C   B 1 2  ? 7.811   6.877   -2.681  1.00 19.14 ? 1   C   F "O3'" 1 
ATOM   158  C  "C2'" . C   B 1 2  ? 9.465   5.251   -1.930  1.00 21.43 ? 1   C   F "C2'" 1 
ATOM   159  O  "O2'" . C   B 1 2  ? 9.690   6.154   -0.865  1.00 23.25 ? 1   C   F "O2'" 1 
ATOM   160  C  "C1'" . C   B 1 2  ? 8.412   4.195   -1.609  1.00 20.47 ? 1   C   F "C1'" 1 
ATOM   161  N  N1    . C   B 1 2  ? 8.895   3.051   -0.796  1.00 19.84 ? 1   C   F N1    1 
ATOM   162  C  C2    . C   B 1 2  ? 8.558   2.992   0.557   1.00 20.17 ? 1   C   F C2    1 
ATOM   163  O  O2    . C   B 1 2  ? 7.875   3.891   1.062   1.00 22.02 ? 1   C   F O2    1 
ATOM   164  N  N3    . C   B 1 2  ? 9.005   1.952   1.294   1.00 19.80 ? 1   C   F N3    1 
ATOM   165  C  C4    . C   B 1 2  ? 9.740   0.994   0.743   1.00 21.28 ? 1   C   F C4    1 
ATOM   166  N  N4    . C   B 1 2  ? 10.134  -0.001  1.543   1.00 22.47 ? 1   C   F N4    1 
ATOM   167  C  C5    . C   B 1 2  ? 10.093  1.026   -0.642  1.00 21.51 ? 1   C   F C5    1 
ATOM   168  C  C6    . C   B 1 2  ? 9.650   2.063   -1.368  1.00 20.20 ? 1   C   F C6    1 
ATOM   169  P  P     . G   B 1 3  ? 7.380   8.133   -3.595  1.00 17.46 ? 2   G   F P     1 
ATOM   170  O  OP1   . G   B 1 3  ? 8.578   8.701   -4.239  1.00 21.32 ? 2   G   F OP1   1 
ATOM   171  O  OP2   . G   B 1 3  ? 6.539   9.008   -2.743  1.00 18.88 ? 2   G   F OP2   1 
ATOM   172  O  "O5'" . G   B 1 3  ? 6.519   7.424   -4.743  1.00 15.90 ? 2   G   F "O5'" 1 
ATOM   173  C  "C5'" . G   B 1 3  ? 5.216   6.914   -4.471  1.00 16.20 ? 2   G   F "C5'" 1 
ATOM   174  C  "C4'" . G   B 1 3  ? 4.712   6.104   -5.649  1.00 15.88 ? 2   G   F "C4'" 1 
ATOM   175  O  "O4'" . G   B 1 3  ? 5.703   5.106   -5.971  1.00 16.92 ? 2   G   F "O4'" 1 
ATOM   176  C  "C3'" . G   B 1 3  ? 3.420   5.322   -5.435  1.00 16.21 ? 2   G   F "C3'" 1 
ATOM   177  O  "O3'" . G   B 1 3  ? 2.247   6.124   -5.700  1.00 16.18 ? 2   G   F "O3'" 1 
ATOM   178  C  "C2'" . G   B 1 3  ? 3.566   4.180   -6.434  1.00 15.66 ? 2   G   F "C2'" 1 
ATOM   179  O  "O2'" . G   B 1 3  ? 3.006   4.477   -7.694  1.00 16.01 ? 2   G   F "O2'" 1 
ATOM   180  C  "C1'" . G   B 1 3  ? 5.074   4.005   -6.588  1.00 17.38 ? 2   G   F "C1'" 1 
ATOM   181  N  N9    . G   B 1 3  ? 5.609   2.805   -5.963  1.00 17.66 ? 2   G   F N9    1 
ATOM   182  C  C8    . G   B 1 3  ? 6.220   1.761   -6.601  1.00 17.59 ? 2   G   F C8    1 
ATOM   183  N  N7    . G   B 1 3  ? 6.615   0.835   -5.794  1.00 19.22 ? 2   G   F N7    1 
ATOM   184  C  C5    . G   B 1 3  ? 6.228   1.285   -4.539  1.00 19.32 ? 2   G   F C5    1 
ATOM   185  C  C6    . G   B 1 3  ? 6.382   0.686   -3.269  1.00 18.69 ? 2   G   F C6    1 
ATOM   186  O  O6    . G   B 1 3  ? 6.913   -0.396  -2.987  1.00 18.58 ? 2   G   F O6    1 
ATOM   187  N  N1    . G   B 1 3  ? 5.848   1.479   -2.256  1.00 18.37 ? 2   G   F N1    1 
ATOM   188  C  C2    . G   B 1 3  ? 5.235   2.695   -2.434  1.00 17.20 ? 2   G   F C2    1 
ATOM   189  N  N2    . G   B 1 3  ? 4.788   3.299   -1.323  1.00 17.15 ? 2   G   F N2    1 
ATOM   190  N  N3    . G   B 1 3  ? 5.087   3.271   -3.619  1.00 18.01 ? 2   G   F N3    1 
ATOM   191  C  C4    . G   B 1 3  ? 5.602   2.503   -4.622  1.00 19.39 ? 2   G   F C4    1 
ATOM   192  P  P     . C   B 1 4  ? 1.256   6.605   -4.524  1.00 15.58 ? 3   C   F P     1 
ATOM   193  O  OP1   . C   B 1 4  ? 0.252   7.505   -5.153  1.00 11.79 ? 3   C   F OP1   1 
ATOM   194  O  OP2   . C   B 1 4  ? 2.091   7.074   -3.396  1.00 11.01 ? 3   C   F OP2   1 
ATOM   195  O  "O5'" . C   B 1 4  ? 0.526   5.246   -4.087  1.00 13.47 ? 3   C   F "O5'" 1 
ATOM   196  C  "C5'" . C   B 1 4  ? -0.808  5.249   -3.588  1.00 12.50 ? 3   C   F "C5'" 1 
ATOM   197  C  "C4'" . C   B 1 4  ? -0.904  4.561   -2.240  1.00 11.55 ? 3   C   F "C4'" 1 
ATOM   198  O  "O4'" . C   B 1 4  ? -0.515  3.181   -2.407  1.00 11.94 ? 3   C   F "O4'" 1 
ATOM   199  C  "C3'" . C   B 1 4  ? -0.001  5.113   -1.145  1.00 14.02 ? 3   C   F "C3'" 1 
ATOM   200  O  "O3'" . C   B 1 4  ? -0.586  4.985   0.150   1.00 12.11 ? 3   C   F "O3'" 1 
ATOM   201  C  "C2'" . C   B 1 4  ? 1.224   4.219   -1.278  1.00 13.87 ? 3   C   F "C2'" 1 
ATOM   202  O  "O2'" . C   B 1 4  ? 2.043   4.219   -0.129  1.00 15.64 ? 3   C   F "O2'" 1 
ATOM   203  C  "C1'" . C   B 1 4  ? 0.529   2.887   -1.502  1.00 13.40 ? 3   C   F "C1'" 1 
ATOM   204  N  N1    . C   B 1 4  ? 1.386   1.816   -2.081  1.00 13.62 ? 3   C   F N1    1 
ATOM   205  C  C2    . C   B 1 4  ? 1.903   0.805   -1.249  1.00 13.47 ? 3   C   F C2    1 
ATOM   206  O  O2    . C   B 1 4  ? 1.673   0.818   -0.028  1.00 12.18 ? 3   C   F O2    1 
ATOM   207  N  N3    . C   B 1 4  ? 2.668   -0.164  -1.804  1.00 12.78 ? 3   C   F N3    1 
ATOM   208  C  C4    . C   B 1 4  ? 2.940   -0.162  -3.104  1.00 12.02 ? 3   C   F C4    1 
ATOM   209  N  N4    . C   B 1 4  ? 3.707   -1.151  -3.566  1.00 13.67 ? 3   C   F N4    1 
ATOM   210  C  C5    . C   B 1 4  ? 2.424   0.850   -3.972  1.00 13.34 ? 3   C   F C5    1 
ATOM   211  C  C6    . C   B 1 4  ? 1.663   1.816   -3.422  1.00 13.40 ? 3   C   F C6    1 
ATOM   212  P  P     . G   B 1 5  ? -1.357  6.204   0.844   1.00 14.45 ? 4   G   F P     1 
ATOM   213  O  OP1   . G   B 1 5  ? -0.659  7.461   0.529   1.00 10.12 ? 4   G   F OP1   1 
ATOM   214  O  OP2   . G   B 1 5  ? -1.563  5.818   2.257   1.00 16.70 ? 4   G   F OP2   1 
ATOM   215  O  "O5'" . G   B 1 5  ? -2.810  6.222   0.154   1.00 13.53 ? 4   G   F "O5'" 1 
ATOM   216  C  "C5'" . G   B 1 5  ? -3.674  5.093   0.147   1.00 14.74 ? 4   G   F "C5'" 1 
ATOM   217  C  "C4'" . G   B 1 5  ? -4.775  5.290   -0.882  1.00 15.78 ? 4   G   F "C4'" 1 
ATOM   218  O  "O4'" . G   B 1 5  ? -4.185  5.408   -2.199  1.00 16.83 ? 4   G   F "O4'" 1 
ATOM   219  C  "C3'" . G   B 1 5  ? -5.797  4.170   -0.972  1.00 17.34 ? 4   G   F "C3'" 1 
ATOM   220  O  "O3'" . G   B 1 5  ? -6.920  4.422   -0.115  1.00 20.81 ? 4   G   F "O3'" 1 
ATOM   221  C  "C2'" . G   B 1 5  ? -6.231  4.209   -2.435  1.00 16.61 ? 4   G   F "C2'" 1 
ATOM   222  O  "O2'" . G   B 1 5  ? -7.395  5.005   -2.614  1.00 15.07 ? 4   G   F "O2'" 1 
ATOM   223  C  "C1'" . G   B 1 5  ? -5.038  4.828   -3.164  1.00 17.05 ? 4   G   F "C1'" 1 
ATOM   224  N  N9    . G   B 1 5  ? -4.225  3.894   -3.932  1.00 16.13 ? 4   G   F N9    1 
ATOM   225  C  C8    . G   B 1 5  ? -3.984  3.956   -5.283  1.00 16.35 ? 4   G   F C8    1 
ATOM   226  N  N7    . G   B 1 5  ? -3.209  3.006   -5.727  1.00 15.55 ? 4   G   F N7    1 
ATOM   227  C  C5    . G   B 1 5  ? -2.913  2.263   -4.593  1.00 17.33 ? 4   G   F C5    1 
ATOM   228  C  C6    . G   B 1 5  ? -2.108  1.110   -4.450  1.00 17.37 ? 4   G   F C6    1 
ATOM   229  O  O6    . G   B 1 5  ? -1.495  0.504   -5.328  1.00 18.20 ? 4   G   F O6    1 
ATOM   230  N  N1    . G   B 1 5  ? -2.065  0.650   -3.138  1.00 16.10 ? 4   G   F N1    1 
ATOM   231  C  C2    . G   B 1 5  ? -2.712  1.242   -2.080  1.00 16.94 ? 4   G   F C2    1 
ATOM   232  N  N2    . G   B 1 5  ? -2.539  0.661   -0.879  1.00 16.48 ? 4   G   F N2    1 
ATOM   233  N  N3    . G   B 1 5  ? -3.461  2.336   -2.195  1.00 16.36 ? 4   G   F N3    1 
ATOM   234  C  C4    . G   B 1 5  ? -3.524  2.795   -3.473  1.00 16.76 ? 4   G   F C4    1 
ATOM   235  P  P     . C   B 1 6  ? -7.282  3.514   1.138   1.00 23.78 ? 5   C   F P     1 
ATOM   236  O  OP1   . C   B 1 6  ? -8.461  4.123   1.806   1.00 23.75 ? 5   C   F OP1   1 
ATOM   237  O  OP2   . C   B 1 6  ? -6.047  3.281   1.928   1.00 26.36 ? 5   C   F OP2   1 
ATOM   238  O  "O5'" . C   B 1 6  ? -7.701  2.138   0.465   1.00 19.56 ? 5   C   F "O5'" 1 
ATOM   239  C  "C5'" . C   B 1 6  ? -8.512  1.259   1.230   1.00 18.28 ? 5   C   F "C5'" 1 
ATOM   240  C  "C4'" . C   B 1 6  ? -7.949  -0.146  1.242   1.00 17.77 ? 5   C   F "C4'" 1 
ATOM   241  O  "O4'" . C   B 1 6  ? -7.650  -0.577  -0.106  1.00 16.72 ? 5   C   F "O4'" 1 
ATOM   242  C  "C3'" . C   B 1 6  ? -6.654  -0.319  2.016   1.00 18.16 ? 5   C   F "C3'" 1 
ATOM   243  O  "O3'" . C   B 1 6  ? -6.630  -1.615  2.636   1.00 20.88 ? 5   C   F "O3'" 1 
ATOM   244  C  "C2'" . C   B 1 6  ? -5.623  -0.197  0.908   1.00 16.65 ? 5   C   F "C2'" 1 
ATOM   245  O  "O2'" . C   B 1 6  ? -4.358  -0.693  1.298   1.00 14.34 ? 5   C   F "O2'" 1 
ATOM   246  C  "C1'" . C   B 1 6  ? -6.324  -1.051  -0.146  1.00 16.61 ? 5   C   F "C1'" 1 
ATOM   247  N  N1    . C   B 1 6  ? -5.812  -0.995  -1.562  1.00 16.75 ? 5   C   F N1    1 
ATOM   248  C  C2    . C   B 1 6  ? -4.865  -1.937  -1.990  1.00 17.09 ? 5   C   F C2    1 
ATOM   249  O  O2    . C   B 1 6  ? -4.439  -2.793  -1.199  1.00 15.09 ? 5   C   F O2    1 
ATOM   250  N  N3    . C   B 1 6  ? -4.415  -1.870  -3.270  1.00 17.39 ? 5   C   F N3    1 
ATOM   251  C  C4    . C   B 1 6  ? -4.873  -0.950  -4.122  1.00 18.91 ? 5   C   F C4    1 
ATOM   252  N  N4    . C   B 1 6  ? -4.387  -0.955  -5.372  1.00 17.55 ? 5   C   F N4    1 
ATOM   253  C  C5    . C   B 1 6  ? -5.840  0.016   -3.708  1.00 17.63 ? 5   C   F C5    1 
ATOM   254  C  C6    . C   B 1 6  ? -6.279  -0.047  -2.440  1.00 17.74 ? 5   C   F C6    1 
ATOM   255  P  P     . G   B 1 7  ? -7.110  -1.824  4.149   1.00 23.70 ? 6   G   F P     1 
ATOM   256  O  OP1   . G   B 1 7  ? -6.199  -1.089  5.053   1.00 20.65 ? 6   G   F OP1   1 
ATOM   257  O  OP2   . G   B 1 7  ? -7.306  -3.294  4.301   1.00 21.96 ? 6   G   F OP2   1 
ATOM   258  O  "O5'" . G   B 1 7  ? -8.540  -1.085  4.182   1.00 22.67 ? 6   G   F "O5'" 1 
ATOM   259  C  "C5'" . G   B 1 7  ? -9.722  -1.855  3.951   1.00 21.58 ? 6   G   F "C5'" 1 
ATOM   260  C  "C4'" . G   B 1 7  ? -10.981 -1.010  4.041   1.00 21.61 ? 6   G   F "C4'" 1 
ATOM   261  O  "O4'" . G   B 1 7  ? -11.047 -0.131  2.891   1.00 21.16 ? 6   G   F "O4'" 1 
ATOM   262  C  "C3'" . G   B 1 7  ? -12.276 -1.815  3.987   1.00 20.91 ? 6   G   F "C3'" 1 
ATOM   263  O  "O3'" . G   B 1 7  ? -13.365 -1.090  4.537   1.00 22.60 ? 6   G   F "O3'" 1 
ATOM   264  C  "C2'" . G   B 1 7  ? -12.450 -1.995  2.494   1.00 20.85 ? 6   G   F "C2'" 1 
ATOM   265  O  "O2'" . G   B 1 7  ? -13.769 -2.321  2.126   1.00 21.33 ? 6   G   F "O2'" 1 
ATOM   266  C  "C1'" . G   B 1 7  ? -12.106 -0.575  2.049   1.00 21.64 ? 6   G   F "C1'" 1 
ATOM   267  N  N9    . G   B 1 7  ? -11.699 -0.402  0.661   1.00 20.07 ? 6   G   F N9    1 
ATOM   268  C  C8    . G   B 1 7  ? -12.121 0.636   -0.133  1.00 22.00 ? 6   G   F C8    1 
ATOM   269  N  N7    . G   B 1 7  ? -11.633 0.607   -1.336  1.00 21.72 ? 6   G   F N7    1 
ATOM   270  C  C5    . G   B 1 7  ? -10.834 -0.521  -1.338  1.00 19.23 ? 6   G   F C5    1 
ATOM   271  C  C6    . G   B 1 7  ? -10.044 -1.045  -2.374  1.00 18.62 ? 6   G   F C6    1 
ATOM   272  O  O6    . G   B 1 7  ? -9.921  -0.593  -3.513  1.00 19.27 ? 6   G   F O6    1 
ATOM   273  N  N1    . G   B 1 7  ? -9.373  -2.213  -2.005  1.00 18.91 ? 6   G   F N1    1 
ATOM   274  C  C2    . G   B 1 7  ? -9.459  -2.790  -0.759  1.00 17.89 ? 6   G   F C2    1 
ATOM   275  N  N2    . G   B 1 7  ? -8.743  -3.905  -0.580  1.00 19.54 ? 6   G   F N2    1 
ATOM   276  N  N3    . G   B 1 7  ? -10.195 -2.302  0.233   1.00 19.45 ? 6   G   F N3    1 
ATOM   277  C  C4    . G   B 1 7  ? -10.854 -1.162  -0.117  1.00 19.89 ? 6   G   F C4    1 
ATOM   278  N  N     . SER C 2 1  ? 12.483  -12.994 17.935  1.00 29.09 ? 137 SER A N     1 
ATOM   279  C  CA    . SER C 2 1  ? 11.226  -12.202 18.151  1.00 28.68 ? 137 SER A CA    1 
ATOM   280  C  C     . SER C 2 1  ? 10.037  -13.109 18.499  1.00 28.70 ? 137 SER A C     1 
ATOM   281  O  O     . SER C 2 1  ? 9.893   -14.206 17.967  1.00 28.09 ? 137 SER A O     1 
ATOM   282  C  CB    . SER C 2 1  ? 10.924  -11.330 16.920  1.00 29.01 ? 137 SER A CB    1 
ATOM   283  O  OG    . SER C 2 1  ? 9.539   -11.096 16.715  1.00 28.12 ? 137 SER A OG    1 
ATOM   284  N  N     . HIS C 2 2  ? 9.193   -12.632 19.406  1.00 28.55 ? 138 HIS A N     1 
ATOM   285  C  CA    . HIS C 2 2  ? 7.998   -13.362 19.826  1.00 28.86 ? 138 HIS A CA    1 
ATOM   286  C  C     . HIS C 2 2  ? 7.123   -13.762 18.630  1.00 27.58 ? 138 HIS A C     1 
ATOM   287  O  O     . HIS C 2 2  ? 6.727   -14.925 18.501  1.00 27.42 ? 138 HIS A O     1 
ATOM   288  C  CB    . HIS C 2 2  ? 7.199   -12.507 20.816  1.00 29.27 ? 138 HIS A CB    1 
ATOM   289  C  CG    . HIS C 2 2  ? 5.926   -13.138 21.283  1.00 32.31 ? 138 HIS A CG    1 
ATOM   290  N  ND1   . HIS C 2 2  ? 5.902   -14.219 22.142  1.00 36.99 ? 138 HIS A ND1   1 
ATOM   291  C  CD2   . HIS C 2 2  ? 4.631   -12.832 21.027  1.00 35.19 ? 138 HIS A CD2   1 
ATOM   292  C  CE1   . HIS C 2 2  ? 4.648   -14.558 22.383  1.00 37.90 ? 138 HIS A CE1   1 
ATOM   293  N  NE2   . HIS C 2 2  ? 3.856   -13.730 21.723  1.00 37.05 ? 138 HIS A NE2   1 
ATOM   294  N  N     . MET C 2 3  ? 6.847   -12.794 17.758  1.00 26.18 ? 139 MET A N     1 
ATOM   295  C  CA    . MET C 2 3  ? 5.989   -13.010 16.585  1.00 25.01 ? 139 MET A CA    1 
ATOM   296  C  C     . MET C 2 3  ? 6.640   -13.932 15.554  1.00 23.79 ? 139 MET A C     1 
ATOM   297  O  O     . MET C 2 3  ? 5.971   -14.793 14.984  1.00 22.40 ? 139 MET A O     1 
ATOM   298  C  CB    . MET C 2 3  ? 5.641   -11.669 15.933  1.00 25.18 ? 139 MET A CB    1 
ATOM   299  C  CG    . MET C 2 3  ? 4.602   -11.747 14.809  1.00 26.17 ? 139 MET A CG    1 
ATOM   300  S  SD    . MET C 2 3  ? 3.114   -12.682 15.222  1.00 26.78 ? 139 MET A SD    1 
ATOM   301  C  CE    . MET C 2 3  ? 2.546   -11.825 16.690  1.00 25.74 ? 139 MET A CE    1 
ATOM   302  N  N     . GLU C 2 4  ? 7.934   -13.731 15.315  1.00 22.68 ? 140 GLU A N     1 
ATOM   303  C  CA    . GLU C 2 4  ? 8.697   -14.588 14.411  1.00 22.99 ? 140 GLU A CA    1 
ATOM   304  C  C     . GLU C 2 4  ? 8.549   -16.050 14.801  1.00 22.17 ? 140 GLU A C     1 
ATOM   305  O  O     . GLU C 2 4  ? 8.301   -16.903 13.947  1.00 21.41 ? 140 GLU A O     1 
ATOM   306  C  CB    . GLU C 2 4  ? 10.184  -14.215 14.411  1.00 23.23 ? 140 GLU A CB    1 
ATOM   307  C  CG    . GLU C 2 4  ? 10.508  -12.942 13.641  1.00 25.78 ? 140 GLU A CG    1 
ATOM   308  C  CD    . GLU C 2 4  ? 11.958  -12.509 13.805  1.00 27.77 ? 140 GLU A CD    1 
ATOM   309  O  OE1   . GLU C 2 4  ? 12.839  -13.373 13.980  1.00 30.39 ? 140 GLU A OE1   1 
ATOM   310  O  OE2   . GLU C 2 4  ? 12.213  -11.292 13.770  1.00 32.43 ? 140 GLU A OE2   1 
ATOM   311  N  N     . GLN C 2 5  ? 8.708   -16.323 16.094  1.00 21.90 ? 141 GLN A N     1 
ATOM   312  C  CA    . GLN C 2 5  ? 8.570   -17.676 16.626  1.00 21.96 ? 141 GLN A CA    1 
ATOM   313  C  C     . GLN C 2 5  ? 7.173   -18.251 16.440  1.00 20.67 ? 141 GLN A C     1 
ATOM   314  O  O     . GLN C 2 5  ? 7.032   -19.421 16.083  1.00 21.19 ? 141 GLN A O     1 
ATOM   315  C  CB    . GLN C 2 5  ? 8.969   -17.736 18.101  1.00 22.76 ? 141 GLN A CB    1 
ATOM   316  C  CG    . GLN C 2 5  ? 10.348  -18.333 18.308  1.00 26.65 ? 141 GLN A CG    1 
ATOM   317  C  CD    . GLN C 2 5  ? 11.421  -17.577 17.561  1.00 29.10 ? 141 GLN A CD    1 
ATOM   318  O  OE1   . GLN C 2 5  ? 12.045  -18.101 16.630  1.00 29.23 ? 141 GLN A OE1   1 
ATOM   319  N  NE2   . GLN C 2 5  ? 11.639  -16.329 17.958  1.00 31.70 ? 141 GLN A NE2   1 
ATOM   320  N  N     . ARG C 2 6  ? 6.148   -17.442 16.677  1.00 18.90 ? 142 ARG A N     1 
ATOM   321  C  CA    . ARG C 2 6  ? 4.782   -17.892 16.462  1.00 18.13 ? 142 ARG A CA    1 
ATOM   322  C  C     . ARG C 2 6  ? 4.552   -18.297 15.011  1.00 17.29 ? 142 ARG A C     1 
ATOM   323  O  O     . ARG C 2 6  ? 3.973   -19.349 14.739  1.00 16.35 ? 142 ARG A O     1 
ATOM   324  C  CB    . ARG C 2 6  ? 3.790   -16.807 16.850  1.00 18.13 ? 142 ARG A CB    1 
ATOM   325  C  CG    . ARG C 2 6  ? 3.756   -16.512 18.336  1.00 18.45 ? 142 ARG A CG    1 
ATOM   326  C  CD    . ARG C 2 6  ? 2.611   -15.592 18.653  1.00 19.56 ? 142 ARG A CD    1 
ATOM   327  N  NE    . ARG C 2 6  ? 1.347   -16.314 18.619  1.00 19.96 ? 142 ARG A NE    1 
ATOM   328  C  CZ    . ARG C 2 6  ? 0.155   -15.763 18.415  1.00 21.04 ? 142 ARG A CZ    1 
ATOM   329  N  NH1   . ARG C 2 6  ? 0.027   -14.459 18.204  1.00 21.89 ? 142 ARG A NH1   1 
ATOM   330  N  NH2   . ARG C 2 6  ? -0.918  -16.540 18.414  1.00 22.99 ? 142 ARG A NH2   1 
ATOM   331  N  N     . ILE C 2 7  ? 5.029   -17.467 14.088  1.00 16.87 ? 143 ILE A N     1 
ATOM   332  C  CA    . ILE C 2 7  ? 4.815   -17.693 12.660  1.00 16.91 ? 143 ILE A CA    1 
ATOM   333  C  C     . ILE C 2 7  ? 5.580   -18.945 12.213  1.00 17.26 ? 143 ILE A C     1 
ATOM   334  O  O     . ILE C 2 7  ? 5.019   -19.831 11.557  1.00 17.26 ? 143 ILE A O     1 
ATOM   335  C  CB    . ILE C 2 7  ? 5.213   -16.430 11.822  1.00 17.27 ? 143 ILE A CB    1 
ATOM   336  C  CG1   . ILE C 2 7  ? 4.253   -15.269 12.136  1.00 17.81 ? 143 ILE A CG1   1 
ATOM   337  C  CG2   . ILE C 2 7  ? 5.185   -16.724 10.327  1.00 17.23 ? 143 ILE A CG2   1 
ATOM   338  C  CD1   . ILE C 2 7  ? 4.590   -13.956 11.455  1.00 18.40 ? 143 ILE A CD1   1 
ATOM   339  N  N     . LEU C 2 8  ? 6.852   -19.022 12.591  1.00 17.09 ? 144 LEU A N     1 
ATOM   340  C  CA    . LEU C 2 8  ? 7.691   -20.157 12.222  1.00 17.00 ? 144 LEU A CA    1 
ATOM   341  C  C     . LEU C 2 8  ? 7.118   -21.465 12.782  1.00 16.57 ? 144 LEU A C     1 
ATOM   342  O  O     . LEU C 2 8  ? 7.090   -22.480 12.090  1.00 17.03 ? 144 LEU A O     1 
ATOM   343  C  CB    . LEU C 2 8  ? 9.135   -19.929 12.700  1.00 17.45 ? 144 LEU A CB    1 
ATOM   344  C  CG    . LEU C 2 8  ? 9.892   -18.797 11.983  1.00 17.63 ? 144 LEU A CG    1 
ATOM   345  C  CD1   . LEU C 2 8  ? 11.132  -18.366 12.760  1.00 18.69 ? 144 LEU A CD1   1 
ATOM   346  C  CD2   . LEU C 2 8  ? 10.269  -19.179 10.569  1.00 18.89 ? 144 LEU A CD2   1 
ATOM   347  N  N     . LYS C 2 9  ? 6.648   -21.427 14.027  1.00 16.04 ? 145 LYS A N     1 
ATOM   348  C  CA    . LYS C 2 9  ? 6.019   -22.587 14.657  1.00 15.98 ? 145 LYS A CA    1 
ATOM   349  C  C     . LYS C 2 9  ? 4.729   -23.021 13.935  1.00 15.54 ? 145 LYS A C     1 
ATOM   350  O  O     . LYS C 2 9  ? 4.516   -24.209 13.708  1.00 14.82 ? 145 LYS A O     1 
ATOM   351  C  CB    . LYS C 2 9  ? 5.733   -22.303 16.132  1.00 15.96 ? 145 LYS A CB    1 
ATOM   352  C  CG    . LYS C 2 9  ? 5.136   -23.484 16.898  1.00 18.28 ? 145 LYS A CG    1 
ATOM   353  C  CD    . LYS C 2 9  ? 5.117   -23.209 18.397  1.00 19.18 ? 145 LYS A CD    1 
ATOM   354  C  CE    . LYS C 2 9  ? 4.857   -24.467 19.195  1.00 20.21 ? 145 LYS A CE    1 
ATOM   355  N  NZ    . LYS C 2 9  ? 4.988   -24.222 20.656  1.00 19.37 ? 145 LYS A NZ    1 
ATOM   356  N  N     . PHE C 2 10 ? 3.882   -22.061 13.574  1.00 15.33 ? 146 PHE A N     1 
ATOM   357  C  CA    . PHE C 2 10 ? 2.662   -22.354 12.821  1.00 15.95 ? 146 PHE A CA    1 
ATOM   358  C  C     . PHE C 2 10 ? 2.978   -23.136 11.555  1.00 15.87 ? 146 PHE A C     1 
ATOM   359  O  O     . PHE C 2 10 ? 2.357   -24.163 11.273  1.00 15.53 ? 146 PHE A O     1 
ATOM   360  C  CB    . PHE C 2 10 ? 1.932   -21.056 12.446  1.00 16.38 ? 146 PHE A CB    1 
ATOM   361  C  CG    . PHE C 2 10 ? 0.612   -21.280 11.755  1.00 16.83 ? 146 PHE A CG    1 
ATOM   362  C  CD1   . PHE C 2 10 ? 0.531   -21.325 10.372  1.00 18.78 ? 146 PHE A CD1   1 
ATOM   363  C  CD2   . PHE C 2 10 ? -0.546  -21.456 12.499  1.00 18.73 ? 146 PHE A CD2   1 
ATOM   364  C  CE1   . PHE C 2 10 ? -0.687  -21.537 9.736   1.00 17.27 ? 146 PHE A CE1   1 
ATOM   365  C  CE2   . PHE C 2 10 ? -1.767  -21.663 11.880  1.00 18.26 ? 146 PHE A CE2   1 
ATOM   366  C  CZ    . PHE C 2 10 ? -1.837  -21.698 10.491  1.00 18.69 ? 146 PHE A CZ    1 
ATOM   367  N  N     . LEU C 2 11 ? 3.949   -22.628 10.800  1.00 16.52 ? 147 LEU A N     1 
ATOM   368  C  CA    . LEU C 2 11 ? 4.411   -23.272 9.564   1.00 17.23 ? 147 LEU A CA    1 
ATOM   369  C  C     . LEU C 2 11 ? 4.998   -24.673 9.787   1.00 17.07 ? 147 LEU A C     1 
ATOM   370  O  O     . LEU C 2 11 ? 4.716   -25.592 9.024   1.00 15.59 ? 147 LEU A O     1 
ATOM   371  C  CB    . LEU C 2 11 ? 5.448   -22.387 8.850   1.00 17.47 ? 147 LEU A CB    1 
ATOM   372  C  CG    . LEU C 2 11 ? 4.869   -21.312 7.916   1.00 19.71 ? 147 LEU A CG    1 
ATOM   373  C  CD1   . LEU C 2 11 ? 5.935   -20.286 7.534   1.00 18.39 ? 147 LEU A CD1   1 
ATOM   374  C  CD2   . LEU C 2 11 ? 4.268   -21.957 6.672   1.00 21.59 ? 147 LEU A CD2   1 
ATOM   375  N  N     . GLU C 2 12 ? 5.808   -24.822 10.831  1.00 18.27 ? 148 GLU A N     1 
ATOM   376  C  CA    . GLU C 2 12 ? 6.444   -26.112 11.143  1.00 19.60 ? 148 GLU A CA    1 
ATOM   377  C  C     . GLU C 2 12 ? 5.401   -27.158 11.495  1.00 20.62 ? 148 GLU A C     1 
ATOM   378  O  O     . GLU C 2 12 ? 5.548   -28.333 11.148  1.00 20.78 ? 148 GLU A O     1 
ATOM   379  C  CB    . GLU C 2 12 ? 7.479   -25.961 12.266  1.00 19.61 ? 148 GLU A CB    1 
ATOM   380  C  CG    . GLU C 2 12 ? 8.778   -25.341 11.778  1.00 20.13 ? 148 GLU A CG    1 
ATOM   381  C  CD    . GLU C 2 12 ? 9.851   -25.209 12.854  1.00 21.53 ? 148 GLU A CD    1 
ATOM   382  O  OE1   . GLU C 2 12 ? 9.520   -25.195 14.051  1.00 20.65 ? 148 GLU A OE1   1 
ATOM   383  O  OE2   . GLU C 2 12 ? 11.040  -25.099 12.492  1.00 23.59 ? 148 GLU A OE2   1 
ATOM   384  N  N     . GLU C 2 13 ? 4.335   -26.710 12.156  1.00 22.39 ? 149 GLU A N     1 
ATOM   385  C  CA    . GLU C 2 13 ? 3.206   -27.572 12.522  1.00 23.05 ? 149 GLU A CA    1 
ATOM   386  C  C     . GLU C 2 13 ? 2.546   -28.215 11.301  1.00 22.59 ? 149 GLU A C     1 
ATOM   387  O  O     . GLU C 2 13 ? 1.980   -29.300 11.410  1.00 23.56 ? 149 GLU A O     1 
ATOM   388  C  CB    . GLU C 2 13 ? 2.142   -26.775 13.296  1.00 23.44 ? 149 GLU A CB    1 
ATOM   389  C  CG    . GLU C 2 13 ? 1.724   -27.399 14.638  1.00 27.32 ? 149 GLU A CG    1 
ATOM   390  C  CD    . GLU C 2 13 ? 2.515   -26.864 15.815  1.00 30.60 ? 149 GLU A CD    1 
ATOM   391  O  OE1   . GLU C 2 13 ? 3.650   -26.412 15.589  1.00 37.09 ? 149 GLU A OE1   1 
ATOM   392  O  OE2   . GLU C 2 13 ? 2.011   -26.889 16.960  1.00 28.69 ? 149 GLU A OE2   1 
ATOM   393  N  N     . LEU C 2 14 ? 2.606   -27.539 10.152  1.00 22.14 ? 150 LEU A N     1 
ATOM   394  C  CA    . LEU C 2 14 ? 1.932   -27.997 8.930   1.00 21.70 ? 150 LEU A CA    1 
ATOM   395  C  C     . LEU C 2 14 ? 2.649   -29.160 8.263   1.00 21.18 ? 150 LEU A C     1 
ATOM   396  O  O     . LEU C 2 14 ? 2.021   -29.969 7.588   1.00 21.26 ? 150 LEU A O     1 
ATOM   397  C  CB    . LEU C 2 14 ? 1.805   -26.859 7.917   1.00 21.68 ? 150 LEU A CB    1 
ATOM   398  C  CG    . LEU C 2 14 ? 0.967   -25.646 8.311   1.00 21.77 ? 150 LEU A CG    1 
ATOM   399  C  CD1   . LEU C 2 14 ? 1.078   -24.566 7.247   1.00 22.25 ? 150 LEU A CD1   1 
ATOM   400  C  CD2   . LEU C 2 14 ? -0.478  -26.031 8.529   1.00 23.28 ? 150 LEU A CD2   1 
ATOM   401  N  N     . GLY C 2 15 ? 3.959   -29.233 8.461   1.00 20.69 ? 151 GLY A N     1 
ATOM   402  C  CA    . GLY C 2 15 ? 4.784   -30.262 7.861   1.00 20.08 ? 151 GLY A CA    1 
ATOM   403  C  C     . GLY C 2 15 ? 5.728   -29.630 6.861   1.00 19.88 ? 151 GLY A C     1 
ATOM   404  O  O     . GLY C 2 15 ? 5.511   -28.499 6.417   1.00 18.13 ? 151 GLY A O     1 
ATOM   405  N  N     . GLU C 2 16 ? 6.775   -30.368 6.507   1.00 19.98 ? 152 GLU A N     1 
ATOM   406  C  CA    . GLU C 2 16 ? 7.794   -29.883 5.576   1.00 20.49 ? 152 GLU A CA    1 
ATOM   407  C  C     . GLU C 2 16 ? 7.201   -29.487 4.219   1.00 20.84 ? 152 GLU A C     1 
ATOM   408  O  O     . GLU C 2 16 ? 6.282   -30.134 3.713   1.00 20.21 ? 152 GLU A O     1 
ATOM   409  C  CB    . GLU C 2 16 ? 8.885   -30.938 5.384   1.00 20.59 ? 152 GLU A CB    1 
ATOM   410  C  CG    . GLU C 2 16 ? 9.736   -31.173 6.627   1.00 21.59 ? 152 GLU A CG    1 
ATOM   411  C  CD    . GLU C 2 16 ? 10.818  -32.217 6.409   1.00 23.60 ? 152 GLU A CD    1 
ATOM   412  O  OE1   . GLU C 2 16 ? 10.606  -33.374 6.830   1.00 20.00 ? 152 GLU A OE1   1 
ATOM   413  O  OE2   . GLU C 2 16 ? 11.871  -31.886 5.803   1.00 23.61 ? 152 GLU A OE2   1 
ATOM   414  N  N     . GLY C 2 17 ? 7.713   -28.387 3.674   1.00 22.18 ? 153 GLY A N     1 
ATOM   415  C  CA    . GLY C 2 17 ? 7.337   -27.905 2.354   1.00 23.55 ? 153 GLY A CA    1 
ATOM   416  C  C     . GLY C 2 17 ? 5.976   -27.232 2.247   1.00 24.88 ? 153 GLY A C     1 
ATOM   417  O  O     . GLY C 2 17 ? 5.608   -26.765 1.169   1.00 24.91 ? 153 GLY A O     1 
ATOM   418  N  N     . LYS C 2 18 ? 5.224   -27.182 3.346   1.00 25.64 ? 154 LYS A N     1 
ATOM   419  C  CA    . LYS C 2 18 ? 3.870   -26.630 3.318   1.00 26.33 ? 154 LYS A CA    1 
ATOM   420  C  C     . LYS C 2 18 ? 3.941   -25.109 3.314   1.00 25.95 ? 154 LYS A C     1 
ATOM   421  O  O     . LYS C 2 18 ? 4.867   -24.517 3.879   1.00 25.96 ? 154 LYS A O     1 
ATOM   422  C  CB    . LYS C 2 18 ? 3.025   -27.128 4.503   1.00 26.84 ? 154 LYS A CB    1 
ATOM   423  C  CG    . LYS C 2 18 ? 1.945   -28.143 4.126   1.00 29.44 ? 154 LYS A CG    1 
ATOM   424  C  CD    . LYS C 2 18 ? 2.534   -29.447 3.608   1.00 32.54 ? 154 LYS A CD    1 
ATOM   425  C  CE    . LYS C 2 18 ? 1.489   -30.285 2.881   1.00 33.72 ? 154 LYS A CE    1 
ATOM   426  N  NZ    . LYS C 2 18 ? 0.339   -30.640 3.752   1.00 35.33 ? 154 LYS A NZ    1 
ATOM   427  N  N     . ALA C 2 19 ? 2.956   -24.485 2.676   1.00 25.48 ? 155 ALA A N     1 
ATOM   428  C  CA    . ALA C 2 19 ? 2.918   -23.030 2.559   1.00 25.06 ? 155 ALA A CA    1 
ATOM   429  C  C     . ALA C 2 19 ? 1.603   -22.493 3.102   1.00 24.17 ? 155 ALA A C     1 
ATOM   430  O  O     . ALA C 2 19 ? 0.621   -23.217 3.178   1.00 25.01 ? 155 ALA A O     1 
ATOM   431  C  CB    . ALA C 2 19 ? 3.120   -22.603 1.113   1.00 24.79 ? 155 ALA A CB    1 
ATOM   432  N  N     . THR C 2 20 ? 1.615   -21.222 3.497   1.00 23.04 ? 156 THR A N     1 
ATOM   433  C  CA    . THR C 2 20 ? 0.427   -20.520 3.978   1.00 21.45 ? 156 THR A CA    1 
ATOM   434  C  C     . THR C 2 20 ? 0.487   -19.048 3.522   1.00 20.10 ? 156 THR A C     1 
ATOM   435  O  O     . THR C 2 20 ? 1.524   -18.580 3.054   1.00 19.37 ? 156 THR A O     1 
ATOM   436  C  CB    . THR C 2 20 ? 0.322   -20.597 5.533   1.00 21.66 ? 156 THR A CB    1 
ATOM   437  O  OG1   . THR C 2 20 ? -0.969  -20.156 5.958   1.00 22.96 ? 156 THR A OG1   1 
ATOM   438  C  CG2   . THR C 2 20 ? 1.388   -19.738 6.221   1.00 21.42 ? 156 THR A CG2   1 
ATOM   439  N  N     . THR C 2 21 ? -0.636  -18.342 3.674   1.00 18.63 ? 157 THR A N     1 
ATOM   440  C  CA    . THR C 2 21 ? -0.754  -16.923 3.345   1.00 17.37 ? 157 THR A CA    1 
ATOM   441  C  C     . THR C 2 21 ? -0.800  -16.052 4.602   1.00 17.39 ? 157 THR A C     1 
ATOM   442  O  O     . THR C 2 21 ? -1.141  -16.531 5.699   1.00 17.19 ? 157 THR A O     1 
ATOM   443  C  CB    . THR C 2 21 ? -2.040  -16.673 2.561   1.00 17.61 ? 157 THR A CB    1 
ATOM   444  O  OG1   . THR C 2 21 ? -3.173  -17.023 3.368   1.00 17.91 ? 157 THR A OG1   1 
ATOM   445  C  CG2   . THR C 2 21 ? -2.057  -17.498 1.282   1.00 17.24 ? 157 THR A CG2   1 
ATOM   446  N  N     . ALA C 2 22 ? -0.478  -14.767 4.431   1.00 16.96 ? 158 ALA A N     1 
ATOM   447  C  CA    . ALA C 2 22 ? -0.570  -13.784 5.512   1.00 17.12 ? 158 ALA A CA    1 
ATOM   448  C  C     . ALA C 2 22 ? -2.003  -13.672 6.039   1.00 17.51 ? 158 ALA A C     1 
ATOM   449  O  O     . ALA C 2 22 ? -2.229  -13.498 7.239   1.00 16.86 ? 158 ALA A O     1 
ATOM   450  C  CB    . ALA C 2 22 ? -0.094  -12.426 5.036   1.00 17.40 ? 158 ALA A CB    1 
ATOM   451  N  N     . HIS C 2 23 ? -2.947  -13.754 5.105   1.00 18.13 ? 159 HIS A N     1 
ATOM   452  C  CA    . HIS C 2 23 ? -4.382  -13.766 5.364   1.00 18.96 ? 159 HIS A CA    1 
ATOM   453  C  C     . HIS C 2 23 ? -4.705  -14.839 6.409   1.00 18.93 ? 159 HIS A C     1 
ATOM   454  O  O     . HIS C 2 23 ? -5.316  -14.566 7.453   1.00 18.02 ? 159 HIS A O     1 
ATOM   455  C  CB    . HIS C 2 23 ? -5.089  -14.068 4.024   1.00 19.88 ? 159 HIS A CB    1 
ATOM   456  C  CG    . HIS C 2 23 ? -6.580  -13.950 4.056   1.00 22.67 ? 159 HIS A CG    1 
ATOM   457  N  ND1   . HIS C 2 23 ? -7.241  -12.781 3.732   1.00 25.59 ? 159 HIS A ND1   1 
ATOM   458  C  CD2   . HIS C 2 23 ? -7.541  -14.865 4.323   1.00 23.97 ? 159 HIS A CD2   1 
ATOM   459  C  CE1   . HIS C 2 23 ? -8.544  -12.977 3.828   1.00 25.81 ? 159 HIS A CE1   1 
ATOM   460  N  NE2   . HIS C 2 23 ? -8.754  -14.233 4.181   1.00 24.63 ? 159 HIS A NE2   1 
ATOM   461  N  N     . ASP C 2 24 ? -4.243  -16.052 6.132   1.00 19.18 ? 160 ASP A N     1 
ATOM   462  C  CA    . ASP C 2 24 ? -4.456  -17.193 7.011   1.00 19.76 ? 160 ASP A CA    1 
ATOM   463  C  C     . ASP C 2 24 ? -3.752  -17.012 8.353   1.00 19.30 ? 160 ASP A C     1 
ATOM   464  O  O     . ASP C 2 24 ? -4.350  -17.231 9.412   1.00 18.53 ? 160 ASP A O     1 
ATOM   465  C  CB    . ASP C 2 24 ? -3.969  -18.476 6.333   1.00 20.72 ? 160 ASP A CB    1 
ATOM   466  C  CG    . ASP C 2 24 ? -4.368  -19.727 7.089   1.00 23.95 ? 160 ASP A CG    1 
ATOM   467  O  OD1   . ASP C 2 24 ? -5.562  -19.867 7.447   1.00 29.08 ? 160 ASP A OD1   1 
ATOM   468  O  OD2   . ASP C 2 24 ? -3.484  -20.580 7.322   1.00 29.00 ? 160 ASP A OD2   1 
ATOM   469  N  N     . LEU C 2 25 ? -2.484  -16.613 8.314   1.00 19.39 ? 161 LEU A N     1 
ATOM   470  C  CA    . LEU C 2 25 ? -1.715  -16.431 9.550   1.00 19.03 ? 161 LEU A CA    1 
ATOM   471  C  C     . LEU C 2 25 ? -2.389  -15.403 10.453  1.00 18.33 ? 161 LEU A C     1 
ATOM   472  O  O     . LEU C 2 25 ? -2.481  -15.590 11.671  1.00 18.14 ? 161 LEU A O     1 
ATOM   473  C  CB    . LEU C 2 25 ? -0.281  -15.986 9.247   1.00 19.37 ? 161 LEU A CB    1 
ATOM   474  C  CG    . LEU C 2 25 ? 0.707   -17.091 8.872   1.00 20.96 ? 161 LEU A CG    1 
ATOM   475  C  CD1   . LEU C 2 25 ? 1.900   -16.524 8.123   1.00 21.47 ? 161 LEU A CD1   1 
ATOM   476  C  CD2   . LEU C 2 25 ? 1.163   -17.858 10.105  1.00 20.66 ? 161 LEU A CD2   1 
ATOM   477  N  N     . SER C 2 26 ? -2.850  -14.313 9.844   1.00 18.20 ? 162 SER A N     1 
ATOM   478  C  CA    . SER C 2 26 ? -3.521  -13.245 10.575  1.00 17.47 ? 162 SER A CA    1 
ATOM   479  C  C     . SER C 2 26 ? -4.723  -13.758 11.354  1.00 17.59 ? 162 SER A C     1 
ATOM   480  O  O     . SER C 2 26 ? -4.884  -13.432 12.519  1.00 17.10 ? 162 SER A O     1 
ATOM   481  C  CB    . SER C 2 26 ? -3.969  -12.131 9.637   1.00 17.40 ? 162 SER A CB    1 
ATOM   482  O  OG    . SER C 2 26 ? -4.776  -11.193 10.334  1.00 16.20 ? 162 SER A OG    1 
ATOM   483  N  N     . GLY C 2 27 ? -5.550  -14.574 10.707  1.00 17.94 ? 163 GLY A N     1 
ATOM   484  C  CA    . GLY C 2 27 ? -6.729  -15.147 11.354  1.00 18.16 ? 163 GLY A CA    1 
ATOM   485  C  C     . GLY C 2 27 ? -6.406  -16.133 12.459  1.00 17.86 ? 163 GLY A C     1 
ATOM   486  O  O     . GLY C 2 27 ? -6.925  -16.017 13.558  1.00 16.97 ? 163 GLY A O     1 
ATOM   487  N  N     . LYS C 2 28 ? -5.539  -17.099 12.160  1.00 17.95 ? 164 LYS A N     1 
ATOM   488  C  CA    . LYS C 2 28 ? -5.211  -18.177 13.098  1.00 18.02 ? 164 LYS A CA    1 
ATOM   489  C  C     . LYS C 2 28 ? -4.423  -17.700 14.313  1.00 18.01 ? 164 LYS A C     1 
ATOM   490  O  O     . LYS C 2 28 ? -4.637  -18.196 15.419  1.00 17.63 ? 164 LYS A O     1 
ATOM   491  C  CB    . LYS C 2 28 ? -4.431  -19.287 12.389  1.00 17.98 ? 164 LYS A CB    1 
ATOM   492  C  CG    . LYS C 2 28 ? -5.251  -20.070 11.353  1.00 20.75 ? 164 LYS A CG    1 
ATOM   493  C  CD    . LYS C 2 28 ? -6.115  -21.150 12.002  1.00 21.77 ? 164 LYS A CD    1 
ATOM   494  C  CE    . LYS C 2 28 ? -7.003  -21.854 10.974  1.00 23.58 ? 164 LYS A CE    1 
ATOM   495  N  NZ    . LYS C 2 28 ? -8.133  -22.601 11.633  1.00 24.50 ? 164 LYS A NZ    1 
ATOM   496  N  N     . LEU C 2 29 ? -3.506  -16.754 14.101  1.00 18.44 ? 165 LEU A N     1 
ATOM   497  C  CA    . LEU C 2 29 ? -2.657  -16.236 15.176  1.00 17.99 ? 165 LEU A CA    1 
ATOM   498  C  C     . LEU C 2 29 ? -3.245  -14.997 15.841  1.00 18.02 ? 165 LEU A C     1 
ATOM   499  O  O     . LEU C 2 29 ? -2.674  -14.487 16.796  1.00 17.79 ? 165 LEU A O     1 
ATOM   500  C  CB    . LEU C 2 29 ? -1.257  -15.919 14.645  1.00 17.80 ? 165 LEU A CB    1 
ATOM   501  C  CG    . LEU C 2 29 ? -0.432  -17.111 14.158  1.00 17.86 ? 165 LEU A CG    1 
ATOM   502  C  CD1   . LEU C 2 29 ? 0.841   -16.636 13.463  1.00 19.27 ? 165 LEU A CD1   1 
ATOM   503  C  CD2   . LEU C 2 29 ? -0.084  -18.034 15.296  1.00 16.27 ? 165 LEU A CD2   1 
ATOM   504  N  N     . GLY C 2 30 ? -4.372  -14.507 15.325  1.00 17.99 ? 166 GLY A N     1 
ATOM   505  C  CA    . GLY C 2 30 ? -5.075  -13.387 15.934  1.00 18.09 ? 166 GLY A CA    1 
ATOM   506  C  C     . GLY C 2 30 ? -4.232  -12.133 15.929  1.00 17.84 ? 166 GLY A C     1 
ATOM   507  O  O     . GLY C 2 30 ? -4.091  -11.465 16.952  1.00 18.08 ? 166 GLY A O     1 
ATOM   508  N  N     . THR C 2 31 ? -3.690  -11.815 14.760  1.00 17.68 ? 167 THR A N     1 
ATOM   509  C  CA    . THR C 2 31 ? -2.719  -10.738 14.597  1.00 17.62 ? 167 THR A CA    1 
ATOM   510  C  C     . THR C 2 31 ? -3.029  -9.981  13.300  1.00 16.72 ? 167 THR A C     1 
ATOM   511  O  O     . THR C 2 31 ? -3.245  -10.614 12.268  1.00 16.42 ? 167 THR A O     1 
ATOM   512  C  CB    . THR C 2 31 ? -1.287  -11.326 14.541  1.00 17.54 ? 167 THR A CB    1 
ATOM   513  O  OG1   . THR C 2 31 ? -0.964  -11.899 15.815  1.00 19.66 ? 167 THR A OG1   1 
ATOM   514  C  CG2   . THR C 2 31 ? -0.240  -10.263 14.195  1.00 18.38 ? 167 THR A CG2   1 
ATOM   515  N  N     . PRO C 2 32 ? -3.039  -8.629  13.339  1.00 15.89 ? 168 PRO A N     1 
ATOM   516  C  CA    . PRO C 2 32 ? -3.366  -7.904  12.105  1.00 15.38 ? 168 PRO A CA    1 
ATOM   517  C  C     . PRO C 2 32 ? -2.433  -8.279  10.954  1.00 14.85 ? 168 PRO A C     1 
ATOM   518  O  O     . PRO C 2 32 ? -1.247  -8.490  11.174  1.00 13.47 ? 168 PRO A O     1 
ATOM   519  C  CB    . PRO C 2 32 ? -3.203  -6.422  12.502  1.00 15.33 ? 168 PRO A CB    1 
ATOM   520  C  CG    . PRO C 2 32 ? -3.365  -6.404  13.983  1.00 15.72 ? 168 PRO A CG    1 
ATOM   521  C  CD    . PRO C 2 32 ? -2.765  -7.703  14.458  1.00 15.61 ? 168 PRO A CD    1 
ATOM   522  N  N     . LYS C 2 33 ? -2.986  -8.378  9.743   1.00 14.70 ? 169 LYS A N     1 
ATOM   523  C  CA    . LYS C 2 33 ? -2.235  -8.845  8.582   1.00 15.04 ? 169 LYS A CA    1 
ATOM   524  C  C     . LYS C 2 33 ? -1.032  -7.955  8.275   1.00 15.98 ? 169 LYS A C     1 
ATOM   525  O  O     . LYS C 2 33 ? -0.003  -8.444  7.816   1.00 15.36 ? 169 LYS A O     1 
ATOM   526  C  CB    . LYS C 2 33 ? -3.144  -8.961  7.359   1.00 15.37 ? 169 LYS A CB    1 
ATOM   527  C  CG    . LYS C 2 33 ? -2.523  -9.701  6.175   1.00 14.29 ? 169 LYS A CG    1 
ATOM   528  C  CD    . LYS C 2 33 ? -3.540  -10.038 5.101   1.00 15.04 ? 169 LYS A CD    1 
ATOM   529  C  CE    . LYS C 2 33 ? -4.162  -8.793  4.441   1.00 15.02 ? 169 LYS A CE    1 
ATOM   530  N  NZ    . LYS C 2 33 ? -3.204  -8.061  3.583   1.00 15.15 ? 169 LYS A NZ    1 
ATOM   531  N  N     . LYS C 2 34 ? -1.165  -6.659  8.548   1.00 17.09 ? 170 LYS A N     1 
ATOM   532  C  CA    . LYS C 2 34 ? -0.065  -5.700  8.370   1.00 18.29 ? 170 LYS A CA    1 
ATOM   533  C  C     . LYS C 2 34 ? 1.172   -6.110  9.186   1.00 18.16 ? 170 LYS A C     1 
ATOM   534  O  O     . LYS C 2 34 ? 2.300   -6.058  8.691   1.00 17.77 ? 170 LYS A O     1 
ATOM   535  C  CB    . LYS C 2 34 ? -0.536  -4.290  8.747   1.00 18.86 ? 170 LYS A CB    1 
ATOM   536  C  CG    . LYS C 2 34 ? 0.363   -3.148  8.305   1.00 22.78 ? 170 LYS A CG    1 
ATOM   537  C  CD    . LYS C 2 34 ? -0.476  -1.900  7.955   1.00 27.71 ? 170 LYS A CD    1 
ATOM   538  C  CE    . LYS C 2 34 ? 0.359   -0.615  7.769   1.00 29.50 ? 170 LYS A CE    1 
ATOM   539  N  NZ    . LYS C 2 34 ? -0.475  0.561   7.307   1.00 29.54 ? 170 LYS A NZ    1 
ATOM   540  N  N     . GLU C 2 35 ? 0.943   -6.532  10.428  1.00 18.54 ? 171 GLU A N     1 
ATOM   541  C  CA    . GLU C 2 35 ? 2.017   -7.005  11.300  1.00 19.01 ? 171 GLU A CA    1 
ATOM   542  C  C     . GLU C 2 35 ? 2.574   -8.336  10.819  1.00 18.08 ? 171 GLU A C     1 
ATOM   543  O  O     . GLU C 2 35 ? 3.800   -8.510  10.753  1.00 17.65 ? 171 GLU A O     1 
ATOM   544  C  CB    . GLU C 2 35 ? 1.527   -7.162  12.737  1.00 19.83 ? 171 GLU A CB    1 
ATOM   545  C  CG    . GLU C 2 35 ? 2.656   -7.454  13.710  1.00 23.65 ? 171 GLU A CG    1 
ATOM   546  C  CD    . GLU C 2 35 ? 2.204   -7.518  15.156  1.00 29.48 ? 171 GLU A CD    1 
ATOM   547  O  OE1   . GLU C 2 35 ? 2.756   -8.378  15.885  1.00 32.32 ? 171 GLU A OE1   1 
ATOM   548  O  OE2   . GLU C 2 35 ? 1.314   -6.714  15.562  1.00 32.15 ? 171 GLU A OE2   1 
ATOM   549  N  N     . ILE C 2 36 ? 1.669   -9.277  10.507  1.00 17.25 ? 172 ILE A N     1 
ATOM   550  C  CA    . ILE C 2 36 ? 2.056   -10.568 9.926   1.00 16.38 ? 172 ILE A CA    1 
ATOM   551  C  C     . ILE C 2 36 ? 2.995   -10.305 8.748   1.00 15.88 ? 172 ILE A C     1 
ATOM   552  O  O     . ILE C 2 36 ? 4.091   -10.857 8.694   1.00 16.06 ? 172 ILE A O     1 
ATOM   553  C  CB    . ILE C 2 36 ? 0.833   -11.427 9.473   1.00 16.65 ? 172 ILE A CB    1 
ATOM   554  C  CG1   . ILE C 2 36 ? 0.007   -11.935 10.672  1.00 17.94 ? 172 ILE A CG1   1 
ATOM   555  C  CG2   . ILE C 2 36 ? 1.270   -12.620 8.644   1.00 17.43 ? 172 ILE A CG2   1 
ATOM   556  C  CD1   . ILE C 2 36 ? 0.730   -12.914 11.616  1.00 18.62 ? 172 ILE A CD1   1 
ATOM   557  N  N     . ASN C 2 37 ? 2.589   -9.427  7.835   1.00 15.61 ? 173 ASN A N     1 
ATOM   558  C  CA    . ASN C 2 37 ? 3.386   -9.190  6.624   1.00 16.41 ? 173 ASN A CA    1 
ATOM   559  C  C     . ASN C 2 37 ? 4.740   -8.534  6.919   1.00 16.13 ? 173 ASN A C     1 
ATOM   560  O  O     . ASN C 2 37 ? 5.749   -8.915  6.335   1.00 16.13 ? 173 ASN A O     1 
ATOM   561  C  CB    . ASN C 2 37 ? 2.597   -8.391  5.567   1.00 16.40 ? 173 ASN A CB    1 
ATOM   562  C  CG    . ASN C 2 37 ? 1.780   -9.278  4.645   1.00 16.87 ? 173 ASN A CG    1 
ATOM   563  O  OD1   . ASN C 2 37 ? 2.184   -10.403 4.321   1.00 18.75 ? 173 ASN A OD1   1 
ATOM   564  N  ND2   . ASN C 2 37 ? 0.630   -8.769  4.194   1.00 16.31 ? 173 ASN A ND2   1 
ATOM   565  N  N     . ARG C 2 38 ? 4.765   -7.567  7.832   1.00 16.87 ? 174 ARG A N     1 
ATOM   566  C  CA    . ARG C 2 38 ? 6.033   -6.965  8.263   1.00 18.12 ? 174 ARG A CA    1 
ATOM   567  C  C     . ARG C 2 38 ? 7.056   -8.037  8.678   1.00 18.05 ? 174 ARG A C     1 
ATOM   568  O  O     . ARG C 2 38 ? 8.234   -7.952  8.317   1.00 18.56 ? 174 ARG A O     1 
ATOM   569  C  CB    . ARG C 2 38 ? 5.830   -5.985  9.427   1.00 18.28 ? 174 ARG A CB    1 
ATOM   570  C  CG    . ARG C 2 38 ? 6.988   -4.982  9.580   1.00 20.97 ? 174 ARG A CG    1 
ATOM   571  C  CD    . ARG C 2 38 ? 7.327   -4.613  11.030  1.00 24.20 ? 174 ARG A CD    1 
ATOM   572  N  NE    . ARG C 2 38 ? 6.143   -4.296  11.837  1.00 28.71 ? 174 ARG A NE    1 
ATOM   573  C  CZ    . ARG C 2 38 ? 5.839   -4.851  13.014  1.00 33.50 ? 174 ARG A CZ    1 
ATOM   574  N  NH1   . ARG C 2 38 ? 4.728   -4.471  13.648  1.00 34.76 ? 174 ARG A NH1   1 
ATOM   575  N  NH2   . ARG C 2 38 ? 6.630   -5.766  13.582  1.00 35.10 ? 174 ARG A NH2   1 
ATOM   576  N  N     . VAL C 2 39 ? 6.595   -9.030  9.433   1.00 18.05 ? 175 VAL A N     1 
ATOM   577  C  CA    . VAL C 2 39 ? 7.469   -10.099 9.948   1.00 18.17 ? 175 VAL A CA    1 
ATOM   578  C  C     . VAL C 2 39 ? 7.784   -11.144 8.867   1.00 17.82 ? 175 VAL A C     1 
ATOM   579  O  O     . VAL C 2 39 ? 8.894   -11.665 8.820   1.00 17.90 ? 175 VAL A O     1 
ATOM   580  C  CB    . VAL C 2 39 ? 6.864   -10.770 11.219  1.00 18.05 ? 175 VAL A CB    1 
ATOM   581  C  CG1   . VAL C 2 39 ? 7.640   -12.021 11.630  1.00 19.96 ? 175 VAL A CG1   1 
ATOM   582  C  CG2   . VAL C 2 39 ? 6.833   -9.785  12.356  1.00 17.80 ? 175 VAL A CG2   1 
ATOM   583  N  N     . LEU C 2 40 ? 6.817   -11.448 8.007   1.00 17.93 ? 176 LEU A N     1 
ATOM   584  C  CA    . LEU C 2 40 ? 7.045   -12.380 6.891   1.00 17.92 ? 176 LEU A CA    1 
ATOM   585  C  C     . LEU C 2 40 ? 8.117   -11.879 5.915   1.00 18.35 ? 176 LEU A C     1 
ATOM   586  O  O     . LEU C 2 40 ? 9.022   -12.634 5.531   1.00 18.43 ? 176 LEU A O     1 
ATOM   587  C  CB    . LEU C 2 40 ? 5.748   -12.638 6.107   1.00 18.04 ? 176 LEU A CB    1 
ATOM   588  C  CG    . LEU C 2 40 ? 4.662   -13.501 6.747   1.00 18.74 ? 176 LEU A CG    1 
ATOM   589  C  CD1   . LEU C 2 40 ? 3.425   -13.550 5.846   1.00 18.04 ? 176 LEU A CD1   1 
ATOM   590  C  CD2   . LEU C 2 40 ? 5.179   -14.918 7.039   1.00 18.75 ? 176 LEU A CD2   1 
ATOM   591  N  N     . TYR C 2 41 ? 8.011   -10.619 5.500   1.00 18.85 ? 177 TYR A N     1 
ATOM   592  C  CA    . TYR C 2 41 ? 9.010   -10.037 4.583   1.00 19.48 ? 177 TYR A CA    1 
ATOM   593  C  C     . TYR C 2 41 ? 10.393  -9.900  5.238   1.00 20.17 ? 177 TYR A C     1 
ATOM   594  O  O     . TYR C 2 41 ? 11.416  -10.068 4.563   1.00 20.68 ? 177 TYR A O     1 
ATOM   595  C  CB    . TYR C 2 41 ? 8.530   -8.698  4.006   1.00 19.36 ? 177 TYR A CB    1 
ATOM   596  C  CG    . TYR C 2 41 ? 7.483   -8.875  2.922   1.00 20.56 ? 177 TYR A CG    1 
ATOM   597  C  CD1   . TYR C 2 41 ? 6.147   -9.093  3.244   1.00 20.48 ? 177 TYR A CD1   1 
ATOM   598  C  CD2   . TYR C 2 41 ? 7.834   -8.857  1.575   1.00 21.43 ? 177 TYR A CD2   1 
ATOM   599  C  CE1   . TYR C 2 41 ? 5.188   -9.271  2.268   1.00 20.84 ? 177 TYR A CE1   1 
ATOM   600  C  CE2   . TYR C 2 41 ? 6.876   -9.034  0.583   1.00 21.17 ? 177 TYR A CE2   1 
ATOM   601  C  CZ    . TYR C 2 41 ? 5.553   -9.234  0.938   1.00 20.93 ? 177 TYR A CZ    1 
ATOM   602  O  OH    . TYR C 2 41 ? 4.597   -9.420  -0.028  1.00 18.64 ? 177 TYR A OH    1 
ATOM   603  N  N     . SER C 2 42 ? 10.422  -9.610  6.537   1.00 20.79 ? 178 SER A N     1 
ATOM   604  C  CA    . SER C 2 42 ? 11.680  -9.522  7.275   1.00 21.81 ? 178 SER A CA    1 
ATOM   605  C  C     . SER C 2 42 ? 12.377  -10.879 7.355   1.00 22.58 ? 178 SER A C     1 
ATOM   606  O  O     . SER C 2 42 ? 13.557  -11.001 7.018   1.00 22.25 ? 178 SER A O     1 
ATOM   607  C  CB    . SER C 2 42 ? 11.440  -8.983  8.684   1.00 22.43 ? 178 SER A CB    1 
ATOM   608  O  OG    . SER C 2 42 ? 12.602  -9.117  9.486   1.00 24.44 ? 178 SER A OG    1 
ATOM   609  N  N     . LEU C 2 43 ? 11.634  -11.890 7.801   1.00 23.11 ? 179 LEU A N     1 
ATOM   610  C  CA    . LEU C 2 43 ? 12.140  -13.259 7.893   1.00 23.61 ? 179 LEU A CA    1 
ATOM   611  C  C     . LEU C 2 43 ? 12.708  -13.753 6.575   1.00 24.72 ? 179 LEU A C     1 
ATOM   612  O  O     . LEU C 2 43 ? 13.747  -14.424 6.556   1.00 25.24 ? 179 LEU A O     1 
ATOM   613  C  CB    . LEU C 2 43 ? 11.038  -14.219 8.366   1.00 23.59 ? 179 LEU A CB    1 
ATOM   614  C  CG    . LEU C 2 43 ? 10.746  -14.158 9.866   1.00 22.63 ? 179 LEU A CG    1 
ATOM   615  C  CD1   . LEU C 2 43 ? 9.459   -14.895 10.212  1.00 22.51 ? 179 LEU A CD1   1 
ATOM   616  C  CD2   . LEU C 2 43 ? 11.916  -14.708 10.675  1.00 22.78 ? 179 LEU A CD2   1 
ATOM   617  N  N     . ALA C 2 44 ? 12.021  -13.423 5.482   1.00 25.60 ? 180 ALA A N     1 
ATOM   618  C  CA    . ALA C 2 44 ? 12.472  -13.758 4.135   1.00 26.09 ? 180 ALA A CA    1 
ATOM   619  C  C     . ALA C 2 44 ? 13.824  -13.116 3.819   1.00 27.29 ? 180 ALA A C     1 
ATOM   620  O  O     . ALA C 2 44 ? 14.705  -13.748 3.239   1.00 27.45 ? 180 ALA A O     1 
ATOM   621  C  CB    . ALA C 2 44 ? 11.433  -13.320 3.121   1.00 26.34 ? 180 ALA A CB    1 
ATOM   622  N  N     . LYS C 2 45 ? 13.973  -11.859 4.217   1.00 28.67 ? 181 LYS A N     1 
ATOM   623  C  CA    . LYS C 2 45 ? 15.220  -11.126 4.053   1.00 29.81 ? 181 LYS A CA    1 
ATOM   624  C  C     . LYS C 2 45 ? 16.350  -11.768 4.866   1.00 29.69 ? 181 LYS A C     1 
ATOM   625  O  O     . LYS C 2 45 ? 17.514  -11.770 4.450   1.00 29.81 ? 181 LYS A O     1 
ATOM   626  C  CB    . LYS C 2 45 ? 15.020  -9.676  4.498   1.00 30.60 ? 181 LYS A CB    1 
ATOM   627  C  CG    . LYS C 2 45 ? 15.873  -8.660  3.763   1.00 32.95 ? 181 LYS A CG    1 
ATOM   628  C  CD    . LYS C 2 45 ? 15.610  -7.242  4.264   1.00 36.87 ? 181 LYS A CD    1 
ATOM   629  C  CE    . LYS C 2 45 ? 14.129  -6.851  4.227   1.00 38.42 ? 181 LYS A CE    1 
ATOM   630  N  NZ    . LYS C 2 45 ? 13.903  -5.518  4.858   1.00 41.12 ? 181 LYS A NZ    1 
ATOM   631  N  N     . LYS C 2 46 ? 15.992  -12.302 6.029   1.00 29.09 ? 182 LYS A N     1 
ATOM   632  C  CA    . LYS C 2 46 ? 16.929  -13.023 6.882   1.00 29.08 ? 182 LYS A CA    1 
ATOM   633  C  C     . LYS C 2 46 ? 17.186  -14.454 6.399   1.00 29.05 ? 182 LYS A C     1 
ATOM   634  O  O     . LYS C 2 46 ? 18.085  -15.131 6.908   1.00 29.48 ? 182 LYS A O     1 
ATOM   635  C  CB    . LYS C 2 46 ? 16.427  -13.022 8.327   1.00 29.47 ? 182 LYS A CB    1 
ATOM   636  C  CG    . LYS C 2 46 ? 16.406  -11.625 8.935   1.00 30.25 ? 182 LYS A CG    1 
ATOM   637  C  CD    . LYS C 2 46 ? 16.352  -11.638 10.450  1.00 31.92 ? 182 LYS A CD    1 
ATOM   638  C  CE    . LYS C 2 46 ? 14.972  -11.331 11.000  1.00 32.52 ? 182 LYS A CE    1 
ATOM   639  N  NZ    . LYS C 2 46 ? 15.092  -10.811 12.402  1.00 31.95 ? 182 LYS A NZ    1 
ATOM   640  N  N     . GLY C 2 47 ? 16.402  -14.903 5.418   1.00 28.75 ? 183 GLY A N     1 
ATOM   641  C  CA    . GLY C 2 47 ? 16.583  -16.211 4.794   1.00 28.45 ? 183 GLY A CA    1 
ATOM   642  C  C     . GLY C 2 47 ? 15.954  -17.342 5.579   1.00 28.07 ? 183 GLY A C     1 
ATOM   643  O  O     . GLY C 2 47 ? 16.246  -18.509 5.334   1.00 28.10 ? 183 GLY A O     1 
ATOM   644  N  N     . LYS C 2 48 ? 15.086  -16.993 6.524   1.00 28.04 ? 184 LYS A N     1 
ATOM   645  C  CA    . LYS C 2 48 ? 14.368  -17.983 7.326   1.00 27.80 ? 184 LYS A CA    1 
ATOM   646  C  C     . LYS C 2 48 ? 13.096  -18.470 6.632   1.00 27.13 ? 184 LYS A C     1 
ATOM   647  O  O     . LYS C 2 48 ? 12.642  -19.583 6.882   1.00 26.68 ? 184 LYS A O     1 
ATOM   648  C  CB    . LYS C 2 48 ? 14.050  -17.413 8.710   1.00 28.52 ? 184 LYS A CB    1 
ATOM   649  C  CG    . LYS C 2 48 ? 15.291  -17.272 9.592   1.00 30.54 ? 184 LYS A CG    1 
ATOM   650  C  CD    . LYS C 2 48 ? 14.937  -16.830 10.998  1.00 33.89 ? 184 LYS A CD    1 
ATOM   651  C  CE    . LYS C 2 48 ? 15.993  -17.256 12.025  1.00 35.91 ? 184 LYS A CE    1 
ATOM   652  N  NZ    . LYS C 2 48 ? 15.468  -17.171 13.430  1.00 35.76 ? 184 LYS A NZ    1 
ATOM   653  N  N     . LEU C 2 49 ? 12.530  -17.637 5.760   1.00 27.09 ? 185 LEU A N     1 
ATOM   654  C  CA    . LEU C 2 49 ? 11.342  -18.005 4.989   1.00 27.31 ? 185 LEU A CA    1 
ATOM   655  C  C     . LEU C 2 49 ? 11.556  -17.810 3.495   1.00 27.32 ? 185 LEU A C     1 
ATOM   656  O  O     . LEU C 2 49 ? 12.359  -16.983 3.072   1.00 26.98 ? 185 LEU A O     1 
ATOM   657  C  CB    . LEU C 2 49 ? 10.128  -17.172 5.425   1.00 27.41 ? 185 LEU A CB    1 
ATOM   658  C  CG    . LEU C 2 49 ? 9.478   -17.446 6.788   1.00 28.29 ? 185 LEU A CG    1 
ATOM   659  C  CD1   . LEU C 2 49 ? 8.202   -16.623 6.916   1.00 29.56 ? 185 LEU A CD1   1 
ATOM   660  C  CD2   . LEU C 2 49 ? 9.164   -18.913 6.999   1.00 27.98 ? 185 LEU A CD2   1 
ATOM   661  N  N     . GLN C 2 50 ? 10.822  -18.586 2.709   1.00 27.98 ? 186 GLN A N     1 
ATOM   662  C  CA    . GLN C 2 50 ? 10.777  -18.427 1.264   1.00 28.79 ? 186 GLN A CA    1 
ATOM   663  C  C     . GLN C 2 50 ? 9.419   -17.868 0.856   1.00 28.70 ? 186 GLN A C     1 
ATOM   664  O  O     . GLN C 2 50 ? 8.382   -18.394 1.247   1.00 28.31 ? 186 GLN A O     1 
ATOM   665  C  CB    . GLN C 2 50 ? 11.007  -19.772 0.572   1.00 29.59 ? 186 GLN A CB    1 
ATOM   666  C  CG    . GLN C 2 50 ? 12.332  -19.891 -0.165  1.00 32.04 ? 186 GLN A CG    1 
ATOM   667  C  CD    . GLN C 2 50 ? 12.841  -21.321 -0.212  1.00 35.18 ? 186 GLN A CD    1 
ATOM   668  O  OE1   . GLN C 2 50 ? 14.029  -21.574 -0.018  1.00 37.49 ? 186 GLN A OE1   1 
ATOM   669  N  NE2   . GLN C 2 50 ? 11.937  -22.264 -0.450  1.00 38.08 ? 186 GLN A NE2   1 
ATOM   670  N  N     . LYS C 2 51 ? 9.443   -16.794 0.076   1.00 29.52 ? 187 LYS A N     1 
ATOM   671  C  CA    . LYS C 2 51 ? 8.235   -16.227 -0.504  1.00 30.16 ? 187 LYS A CA    1 
ATOM   672  C  C     . LYS C 2 51 ? 8.048   -16.801 -1.893  1.00 30.82 ? 187 LYS A C     1 
ATOM   673  O  O     . LYS C 2 51 ? 8.960   -16.753 -2.711  1.00 30.38 ? 187 LYS A O     1 
ATOM   674  C  CB    . LYS C 2 51 ? 8.338   -14.699 -0.590  1.00 30.67 ? 187 LYS A CB    1 
ATOM   675  C  CG    . LYS C 2 51 ? 7.179   -14.028 -1.341  1.00 31.64 ? 187 LYS A CG    1 
ATOM   676  C  CD    . LYS C 2 51 ? 7.164   -12.531 -1.099  1.00 33.54 ? 187 LYS A CD    1 
ATOM   677  C  CE    . LYS C 2 51 ? 6.272   -11.798 -2.085  1.00 34.79 ? 187 LYS A CE    1 
ATOM   678  N  NZ    . LYS C 2 51 ? 7.020   -11.340 -3.291  1.00 35.98 ? 187 LYS A NZ    1 
ATOM   679  N  N     . GLU C 2 52 ? 6.863   -17.342 -2.151  1.00 33.51 ? 188 GLU A N     1 
ATOM   680  C  CA    . GLU C 2 52 ? 6.448   -17.698 -3.505  1.00 35.20 ? 188 GLU A CA    1 
ATOM   681  C  C     . GLU C 2 52 ? 5.496   -16.609 -3.993  1.00 35.87 ? 188 GLU A C     1 
ATOM   682  O  O     . GLU C 2 52 ? 4.304   -16.628 -3.691  1.00 35.84 ? 188 GLU A O     1 
ATOM   683  C  CB    . GLU C 2 52 ? 5.783   -19.076 -3.527  1.00 35.93 ? 188 GLU A CB    1 
ATOM   684  C  CG    . GLU C 2 52 ? 6.774   -20.240 -3.449  1.00 38.39 ? 188 GLU A CG    1 
ATOM   685  C  CD    . GLU C 2 52 ? 7.609   -20.225 -2.178  1.00 41.10 ? 188 GLU A CD    1 
ATOM   686  O  OE1   . GLU C 2 52 ? 7.010   -20.170 -1.080  1.00 42.93 ? 188 GLU A OE1   1 
ATOM   687  O  OE2   . GLU C 2 52 ? 8.860   -20.267 -2.275  1.00 42.05 ? 188 GLU A OE2   1 
ATOM   688  N  N     . ALA C 2 53 ? 6.048   -15.641 -4.719  1.00 36.96 ? 189 ALA A N     1 
ATOM   689  C  CA    . ALA C 2 53 ? 5.282   -14.490 -5.211  1.00 37.33 ? 189 ALA A CA    1 
ATOM   690  C  C     . ALA C 2 53 ? 4.040   -14.926 -5.985  1.00 37.57 ? 189 ALA A C     1 
ATOM   691  O  O     . ALA C 2 53 ? 4.115   -15.733 -6.919  1.00 38.43 ? 189 ALA A O     1 
ATOM   692  C  CB    . ALA C 2 53 ? 6.156   -13.598 -6.089  1.00 37.55 ? 189 ALA A CB    1 
ATOM   693  N  N     . GLY C 2 54 ? 2.900   -14.383 -5.575  1.00 36.86 ? 190 GLY A N     1 
ATOM   694  C  CA    . GLY C 2 54 ? 1.617   -14.692 -6.185  1.00 35.87 ? 190 GLY A CA    1 
ATOM   695  C  C     . GLY C 2 54 ? 0.599   -13.680 -5.709  1.00 35.08 ? 190 GLY A C     1 
ATOM   696  O  O     . GLY C 2 54 ? 0.963   -12.625 -5.183  1.00 35.11 ? 190 GLY A O     1 
ATOM   697  N  N     . THR C 2 55 ? -0.675  -13.996 -5.894  1.00 33.92 ? 191 THR A N     1 
ATOM   698  C  CA    . THR C 2 55 ? -1.752  -13.109 -5.469  1.00 33.32 ? 191 THR A CA    1 
ATOM   699  C  C     . THR C 2 55 ? -2.828  -13.934 -4.742  1.00 31.43 ? 191 THR A C     1 
ATOM   700  O  O     . THR C 2 55 ? -3.767  -14.422 -5.365  1.00 32.34 ? 191 THR A O     1 
ATOM   701  C  CB    . THR C 2 55 ? -2.317  -12.274 -6.669  1.00 33.81 ? 191 THR A CB    1 
ATOM   702  O  OG1   . THR C 2 55 ? -3.461  -11.516 -6.251  1.00 35.47 ? 191 THR A OG1   1 
ATOM   703  C  CG2   . THR C 2 55 ? -2.688  -13.155 -7.865  1.00 34.71 ? 191 THR A CG2   1 
ATOM   704  N  N     . PRO C 2 56 ? -2.676  -14.117 -3.412  1.00 28.84 ? 192 PRO A N     1 
ATOM   705  C  CA    . PRO C 2 56 ? -1.625  -13.569 -2.552  1.00 26.99 ? 192 PRO A CA    1 
ATOM   706  C  C     . PRO C 2 56 ? -0.366  -14.424 -2.563  1.00 24.82 ? 192 PRO A C     1 
ATOM   707  O  O     . PRO C 2 56 ? -0.418  -15.583 -2.979  1.00 24.99 ? 192 PRO A O     1 
ATOM   708  C  CB    . PRO C 2 56 ? -2.268  -13.597 -1.172  1.00 26.95 ? 192 PRO A CB    1 
ATOM   709  C  CG    . PRO C 2 56 ? -3.177  -14.781 -1.220  1.00 27.98 ? 192 PRO A CG    1 
ATOM   710  C  CD    . PRO C 2 56 ? -3.613  -14.958 -2.647  1.00 28.70 ? 192 PRO A CD    1 
ATOM   711  N  N     . PRO C 2 57 ? 0.769   -13.866 -2.113  1.00 22.29 ? 193 PRO A N     1 
ATOM   712  C  CA    . PRO C 2 57 ? 1.970   -14.697 -2.042  1.00 21.07 ? 193 PRO A CA    1 
ATOM   713  C  C     . PRO C 2 57 ? 1.863   -15.803 -0.985  1.00 20.44 ? 193 PRO A C     1 
ATOM   714  O  O     . PRO C 2 57 ? 1.160   -15.647 0.017   1.00 19.89 ? 193 PRO A O     1 
ATOM   715  C  CB    . PRO C 2 57 ? 3.082   -13.693 -1.694  1.00 21.34 ? 193 PRO A CB    1 
ATOM   716  C  CG    . PRO C 2 57 ? 2.493   -12.325 -1.951  1.00 22.02 ? 193 PRO A CG    1 
ATOM   717  C  CD    . PRO C 2 57 ? 1.033   -12.486 -1.671  1.00 21.98 ? 193 PRO A CD    1 
ATOM   718  N  N     . LEU C 2 58 ? 2.549   -16.914 -1.240  1.00 20.41 ? 194 LEU A N     1 
ATOM   719  C  CA    . LEU C 2 58 ? 2.612   -18.056 -0.320  1.00 20.23 ? 194 LEU A CA    1 
ATOM   720  C  C     . LEU C 2 58 ? 3.986   -18.099 0.350   1.00 19.59 ? 194 LEU A C     1 
ATOM   721  O  O     . LEU C 2 58 ? 5.007   -17.766 -0.263  1.00 19.19 ? 194 LEU A O     1 
ATOM   722  C  CB    . LEU C 2 58 ? 2.325   -19.373 -1.057  1.00 20.70 ? 194 LEU A CB    1 
ATOM   723  C  CG    . LEU C 2 58 ? 0.926   -19.544 -1.674  1.00 21.98 ? 194 LEU A CG    1 
ATOM   724  C  CD1   . LEU C 2 58 ? 0.907   -20.711 -2.657  1.00 23.59 ? 194 LEU A CD1   1 
ATOM   725  C  CD2   . LEU C 2 58 ? -0.153  -19.746 -0.623  1.00 22.10 ? 194 LEU A CD2   1 
ATOM   726  N  N     . TRP C 2 59 ? 3.987   -18.494 1.619   1.00 19.36 ? 195 TRP A N     1 
ATOM   727  C  CA    . TRP C 2 59 ? 5.167   -18.433 2.474   1.00 19.28 ? 195 TRP A CA    1 
ATOM   728  C  C     . TRP C 2 59 ? 5.444   -19.791 3.111   1.00 19.68 ? 195 TRP A C     1 
ATOM   729  O  O     . TRP C 2 59 ? 4.540   -20.408 3.666   1.00 19.43 ? 195 TRP A O     1 
ATOM   730  C  CB    . TRP C 2 59 ? 4.939   -17.413 3.583   1.00 19.48 ? 195 TRP A CB    1 
ATOM   731  C  CG    . TRP C 2 59 ? 4.591   -16.063 3.069   1.00 19.61 ? 195 TRP A CG    1 
ATOM   732  C  CD1   . TRP C 2 59 ? 3.367   -15.636 2.657   1.00 19.04 ? 195 TRP A CD1   1 
ATOM   733  C  CD2   . TRP C 2 59 ? 5.483   -14.960 2.899   1.00 18.84 ? 195 TRP A CD2   1 
ATOM   734  N  NE1   . TRP C 2 59 ? 3.440   -14.331 2.244   1.00 18.22 ? 195 TRP A NE1   1 
ATOM   735  C  CE2   . TRP C 2 59 ? 4.727   -13.891 2.382   1.00 18.18 ? 195 TRP A CE2   1 
ATOM   736  C  CE3   . TRP C 2 59 ? 6.853   -14.774 3.128   1.00 20.42 ? 195 TRP A CE3   1 
ATOM   737  C  CZ2   . TRP C 2 59 ? 5.291   -12.647 2.090   1.00 18.96 ? 195 TRP A CZ2   1 
ATOM   738  C  CZ3   . TRP C 2 59 ? 7.415   -13.527 2.844   1.00 19.83 ? 195 TRP A CZ3   1 
ATOM   739  C  CH2   . TRP C 2 59 ? 6.635   -12.485 2.333   1.00 19.32 ? 195 TRP A CH2   1 
ATOM   740  N  N     . LYS C 2 60 ? 6.697   -20.238 3.038   1.00 20.76 ? 196 LYS A N     1 
ATOM   741  C  CA    . LYS C 2 60 ? 7.122   -21.495 3.657   1.00 21.59 ? 196 LYS A CA    1 
ATOM   742  C  C     . LYS C 2 60 ? 8.478   -21.338 4.331   1.00 22.16 ? 196 LYS A C     1 
ATOM   743  O  O     . LYS C 2 60 ? 9.201   -20.359 4.106   1.00 20.79 ? 196 LYS A O     1 
ATOM   744  C  CB    . LYS C 2 60 ? 7.187   -22.616 2.614   1.00 22.19 ? 196 LYS A CB    1 
ATOM   745  C  CG    . LYS C 2 60 ? 8.041   -22.303 1.396   1.00 23.99 ? 196 LYS A CG    1 
ATOM   746  C  CD    . LYS C 2 60 ? 8.011   -23.427 0.352   1.00 26.61 ? 196 LYS A CD    1 
ATOM   747  C  CE    . LYS C 2 60 ? 9.056   -24.503 0.627   1.00 28.24 ? 196 LYS A CE    1 
ATOM   748  N  NZ    . LYS C 2 60 ? 9.474   -25.226 -0.618  1.00 30.80 ? 196 LYS A NZ    1 
ATOM   749  N  N     . ILE C 2 61 ? 8.804   -22.312 5.176   1.00 23.72 ? 197 ILE A N     1 
ATOM   750  C  CA    . ILE C 2 61 ? 10.122  -22.392 5.802   1.00 24.99 ? 197 ILE A CA    1 
ATOM   751  C  C     . ILE C 2 61 ? 11.165  -22.481 4.681   1.00 25.75 ? 197 ILE A C     1 
ATOM   752  O  O     . ILE C 2 61 ? 10.987  -23.245 3.720   1.00 25.81 ? 197 ILE A O     1 
ATOM   753  C  CB    . ILE C 2 61 ? 10.245  -23.629 6.733   1.00 25.01 ? 197 ILE A CB    1 
ATOM   754  C  CG1   . ILE C 2 61 ? 9.216   -23.576 7.877   1.00 25.16 ? 197 ILE A CG1   1 
ATOM   755  C  CG2   . ILE C 2 61 ? 11.670  -23.763 7.291   1.00 25.00 ? 197 ILE A CG2   1 
ATOM   756  C  CD1   . ILE C 2 61 ? 9.433   -22.465 8.882   1.00 26.72 ? 197 ILE A CD1   1 
ATOM   757  N  N     . ALA C 2 62 ? 12.237  -21.698 4.803   1.00 26.65 ? 198 ALA A N     1 
ATOM   758  C  CA    . ALA C 2 62 ? 13.277  -21.644 3.771   1.00 27.55 ? 198 ALA A CA    1 
ATOM   759  C  C     . ALA C 2 62 ? 14.105  -22.927 3.746   1.00 28.34 ? 198 ALA A C     1 
ATOM   760  O  O     . ALA C 2 62 ? 14.265  -23.586 4.771   1.00 29.59 ? 198 ALA A O     1 
ATOM   761  C  CB    . ALA C 2 62 ? 14.182  -20.453 3.994   1.00 27.98 ? 198 ALA A CB    1 
ATOM   762  N  N     . MET D 2 3  ? -12.183 15.833  0.499   1.00 34.62 ? 139 MET B N     1 
ATOM   763  C  CA    . MET D 2 3  ? -13.176 16.451  -0.430  1.00 34.69 ? 139 MET B CA    1 
ATOM   764  C  C     . MET D 2 3  ? -12.597 16.714  -1.830  1.00 34.10 ? 139 MET B C     1 
ATOM   765  O  O     . MET D 2 3  ? -11.533 17.317  -1.983  1.00 33.42 ? 139 MET B O     1 
ATOM   766  C  CB    . MET D 2 3  ? -13.744 17.745  0.160   1.00 34.96 ? 139 MET B CB    1 
ATOM   767  C  CG    . MET D 2 3  ? -14.834 18.385  -0.703  1.00 36.42 ? 139 MET B CG    1 
ATOM   768  S  SD    . MET D 2 3  ? -16.361 18.827  0.173   1.00 43.01 ? 139 MET B SD    1 
ATOM   769  C  CE    . MET D 2 3  ? -16.797 17.262  0.951   1.00 42.12 ? 139 MET B CE    1 
ATOM   770  N  N     . GLU D 2 4  ? -13.340 16.263  -2.836  1.00 34.13 ? 140 GLU B N     1 
ATOM   771  C  CA    . GLU D 2 4  ? -12.962 16.399  -4.244  1.00 34.53 ? 140 GLU B CA    1 
ATOM   772  C  C     . GLU D 2 4  ? -12.871 17.873  -4.676  1.00 34.74 ? 140 GLU B C     1 
ATOM   773  O  O     . GLU D 2 4  ? -11.916 18.285  -5.344  1.00 34.87 ? 140 GLU B O     1 
ATOM   774  C  CB    . GLU D 2 4  ? -13.984 15.662  -5.121  1.00 34.39 ? 140 GLU B CB    1 
ATOM   775  C  CG    . GLU D 2 4  ? -14.053 14.152  -4.874  1.00 34.67 ? 140 GLU B CG    1 
ATOM   776  C  CD    . GLU D 2 4  ? -14.954 13.398  -5.860  1.00 36.42 ? 140 GLU B CD    1 
ATOM   777  O  OE1   . GLU D 2 4  ? -14.835 12.156  -5.929  1.00 36.14 ? 140 GLU B OE1   1 
ATOM   778  O  OE2   . GLU D 2 4  ? -15.779 14.031  -6.563  1.00 37.34 ? 140 GLU B OE2   1 
ATOM   779  N  N     . GLN D 2 5  ? -13.856 18.662  -4.259  1.00 34.91 ? 141 GLN B N     1 
ATOM   780  C  CA    . GLN D 2 5  ? -13.968 20.059  -4.682  1.00 34.92 ? 141 GLN B CA    1 
ATOM   781  C  C     . GLN D 2 5  ? -12.849 20.922  -4.088  1.00 33.93 ? 141 GLN B C     1 
ATOM   782  O  O     . GLN D 2 5  ? -12.399 21.888  -4.708  1.00 33.66 ? 141 GLN B O     1 
ATOM   783  C  CB    . GLN D 2 5  ? -15.345 20.617  -4.307  1.00 35.61 ? 141 GLN B CB    1 
ATOM   784  C  CG    . GLN D 2 5  ? -16.529 19.857  -4.944  1.00 37.98 ? 141 GLN B CG    1 
ATOM   785  C  CD    . GLN D 2 5  ? -16.930 18.568  -4.199  1.00 42.33 ? 141 GLN B CD    1 
ATOM   786  O  OE1   . GLN D 2 5  ? -17.189 17.532  -4.824  1.00 47.19 ? 141 GLN B OE1   1 
ATOM   787  N  NE2   . GLN D 2 5  ? -16.993 18.635  -2.871  1.00 41.84 ? 141 GLN B NE2   1 
ATOM   788  N  N     . ARG D 2 6  ? -12.396 20.541  -2.898  1.00 32.95 ? 142 ARG B N     1 
ATOM   789  C  CA    . ARG D 2 6  ? -11.282 21.210  -2.216  1.00 32.36 ? 142 ARG B CA    1 
ATOM   790  C  C     . ARG D 2 6  ? -9.963  20.992  -2.953  1.00 31.62 ? 142 ARG B C     1 
ATOM   791  O  O     . ARG D 2 6  ? -9.171  21.918  -3.125  1.00 31.33 ? 142 ARG B O     1 
ATOM   792  C  CB    . ARG D 2 6  ? -11.161 20.682  -0.783  1.00 32.54 ? 142 ARG B CB    1 
ATOM   793  C  CG    . ARG D 2 6  ? -10.697 21.709  0.225   1.00 32.89 ? 142 ARG B CG    1 
ATOM   794  C  CD    . ARG D 2 6  ? -11.236 21.415  1.625   1.00 33.41 ? 142 ARG B CD    1 
ATOM   795  N  NE    . ARG D 2 6  ? -10.202 21.010  2.577   1.00 33.91 ? 142 ARG B NE    1 
ATOM   796  C  CZ    . ARG D 2 6  ? -9.236  21.805  3.032   1.00 33.09 ? 142 ARG B CZ    1 
ATOM   797  N  NH1   . ARG D 2 6  ? -8.358  21.334  3.902   1.00 33.18 ? 142 ARG B NH1   1 
ATOM   798  N  NH2   . ARG D 2 6  ? -9.128  23.064  2.620   1.00 34.13 ? 142 ARG B NH2   1 
ATOM   799  N  N     . ILE D 2 7  ? -9.732  19.759  -3.391  1.00 30.85 ? 143 ILE B N     1 
ATOM   800  C  CA    . ILE D 2 7  ? -8.535  19.452  -4.164  1.00 30.19 ? 143 ILE B CA    1 
ATOM   801  C  C     . ILE D 2 7  ? -8.592  20.123  -5.538  1.00 29.06 ? 143 ILE B C     1 
ATOM   802  O  O     . ILE D 2 7  ? -7.602  20.711  -5.972  1.00 28.11 ? 143 ILE B O     1 
ATOM   803  C  CB    . ILE D 2 7  ? -8.306  17.921  -4.275  1.00 30.35 ? 143 ILE B CB    1 
ATOM   804  C  CG1   . ILE D 2 7  ? -7.681  17.409  -2.969  1.00 31.30 ? 143 ILE B CG1   1 
ATOM   805  C  CG2   . ILE D 2 7  ? -7.408  17.575  -5.466  1.00 29.93 ? 143 ILE B CG2   1 
ATOM   806  C  CD1   . ILE D 2 7  ? -7.903  15.943  -2.705  1.00 31.55 ? 143 ILE B CD1   1 
ATOM   807  N  N     . LEU D 2 8  ? -9.741  20.042  -6.209  1.00 28.18 ? 144 LEU B N     1 
ATOM   808  C  CA    . LEU D 2 8  ? -9.891  20.649  -7.535  1.00 28.19 ? 144 LEU B CA    1 
ATOM   809  C  C     . LEU D 2 8  ? -9.624  22.157  -7.507  1.00 27.85 ? 144 LEU B C     1 
ATOM   810  O  O     . LEU D 2 8  ? -8.934  22.676  -8.380  1.00 28.13 ? 144 LEU B O     1 
ATOM   811  C  CB    . LEU D 2 8  ? -11.275 20.361  -8.135  1.00 28.42 ? 144 LEU B CB    1 
ATOM   812  C  CG    . LEU D 2 8  ? -11.547 18.941  -8.655  1.00 29.06 ? 144 LEU B CG    1 
ATOM   813  C  CD1   . LEU D 2 8  ? -12.994 18.817  -9.074  1.00 30.02 ? 144 LEU B CD1   1 
ATOM   814  C  CD2   . LEU D 2 8  ? -10.630 18.549  -9.819  1.00 29.70 ? 144 LEU B CD2   1 
ATOM   815  N  N     . LYS D 2 9  ? -10.147 22.852  -6.500  1.00 27.63 ? 145 LYS B N     1 
ATOM   816  C  CA    . LYS D 2 9  ? -9.894  24.293  -6.352  1.00 27.33 ? 145 LYS B CA    1 
ATOM   817  C  C     . LYS D 2 9  ? -8.412  24.605  -6.131  1.00 27.32 ? 145 LYS B C     1 
ATOM   818  O  O     . LYS D 2 9  ? -7.867  25.529  -6.749  1.00 27.29 ? 145 LYS B O     1 
ATOM   819  C  CB    . LYS D 2 9  ? -10.719 24.861  -5.212  1.00 27.87 ? 145 LYS B CB    1 
ATOM   820  N  N     . PHE D 2 10 ? -7.763  23.843  -5.253  1.00 26.67 ? 146 PHE B N     1 
ATOM   821  C  CA    . PHE D 2 10 ? -6.357  24.087  -4.928  1.00 26.92 ? 146 PHE B CA    1 
ATOM   822  C  C     . PHE D 2 10 ? -5.455  23.864  -6.134  1.00 27.63 ? 146 PHE B C     1 
ATOM   823  O  O     . PHE D 2 10 ? -4.558  24.668  -6.400  1.00 26.98 ? 146 PHE B O     1 
ATOM   824  C  CB    . PHE D 2 10 ? -5.887  23.207  -3.766  1.00 26.75 ? 146 PHE B CB    1 
ATOM   825  C  CG    . PHE D 2 10 ? -4.478  23.490  -3.332  1.00 26.17 ? 146 PHE B CG    1 
ATOM   826  C  CD1   . PHE D 2 10 ? -4.215  24.400  -2.308  1.00 25.71 ? 146 PHE B CD1   1 
ATOM   827  C  CD2   . PHE D 2 10 ? -3.410  22.865  -3.959  1.00 26.46 ? 146 PHE B CD2   1 
ATOM   828  C  CE1   . PHE D 2 10 ? -2.917  24.670  -1.915  1.00 25.50 ? 146 PHE B CE1   1 
ATOM   829  C  CE2   . PHE D 2 10 ? -2.102  23.130  -3.574  1.00 27.46 ? 146 PHE B CE2   1 
ATOM   830  C  CZ    . PHE D 2 10 ? -1.852  24.027  -2.551  1.00 26.48 ? 146 PHE B CZ    1 
ATOM   831  N  N     . LEU D 2 11 ? -5.691  22.767  -6.847  1.00 28.71 ? 147 LEU B N     1 
ATOM   832  C  CA    . LEU D 2 11 ? -4.914  22.441  -8.044  1.00 29.97 ? 147 LEU B CA    1 
ATOM   833  C  C     . LEU D 2 11 ? -5.227  23.395  -9.198  1.00 31.01 ? 147 LEU B C     1 
ATOM   834  O  O     . LEU D 2 11 ? -4.382  23.610  -10.069 1.00 30.91 ? 147 LEU B O     1 
ATOM   835  C  CB    . LEU D 2 11 ? -5.148  20.989  -8.468  1.00 29.92 ? 147 LEU B CB    1 
ATOM   836  C  CG    . LEU D 2 11 ? -4.451  19.923  -7.610  1.00 29.99 ? 147 LEU B CG    1 
ATOM   837  C  CD1   . LEU D 2 11 ? -4.876  18.515  -8.026  1.00 28.32 ? 147 LEU B CD1   1 
ATOM   838  C  CD2   . LEU D 2 11 ? -2.927  20.064  -7.694  1.00 31.13 ? 147 LEU B CD2   1 
ATOM   839  N  N     . GLU D 2 12 ? -6.439  23.950  -9.194  1.00 32.11 ? 148 GLU B N     1 
ATOM   840  C  CA    . GLU D 2 12 ? -6.815  25.027  -10.112 1.00 33.45 ? 148 GLU B CA    1 
ATOM   841  C  C     . GLU D 2 12 ? -5.995  26.289  -9.827  1.00 33.58 ? 148 GLU B C     1 
ATOM   842  O  O     . GLU D 2 12 ? -5.342  26.832  -10.722 1.00 33.64 ? 148 GLU B O     1 
ATOM   843  C  CB    . GLU D 2 12 ? -8.325  25.327  -10.013 1.00 33.93 ? 148 GLU B CB    1 
ATOM   844  C  CG    . GLU D 2 12 ? -9.185  24.495  -10.968 1.00 35.92 ? 148 GLU B CG    1 
ATOM   845  C  CD    . GLU D 2 12 ? -10.575 24.165  -10.428 1.00 39.01 ? 148 GLU B CD    1 
ATOM   846  O  OE1   . GLU D 2 12 ? -11.128 23.122  -10.839 1.00 40.80 ? 148 GLU B OE1   1 
ATOM   847  O  OE2   . GLU D 2 12 ? -11.116 24.929  -9.595  1.00 41.88 ? 148 GLU B OE2   1 
ATOM   848  N  N     . GLU D 2 13 ? -6.007  26.726  -8.569  1.00 33.87 ? 149 GLU B N     1 
ATOM   849  C  CA    . GLU D 2 13 ? -5.285  27.935  -8.157  1.00 34.53 ? 149 GLU B CA    1 
ATOM   850  C  C     . GLU D 2 13 ? -3.765  27.806  -8.287  1.00 34.41 ? 149 GLU B C     1 
ATOM   851  O  O     . GLU D 2 13 ? -3.056  28.813  -8.315  1.00 34.49 ? 149 GLU B O     1 
ATOM   852  C  CB    . GLU D 2 13 ? -5.654  28.319  -6.720  1.00 34.95 ? 149 GLU B CB    1 
ATOM   853  C  CG    . GLU D 2 13 ? -7.110  28.774  -6.552  1.00 37.48 ? 149 GLU B CG    1 
ATOM   854  C  CD    . GLU D 2 13 ? -7.546  28.855  -5.091  1.00 41.45 ? 149 GLU B CD    1 
ATOM   855  O  OE1   . GLU D 2 13 ? -6.668  28.833  -4.201  1.00 44.29 ? 149 GLU B OE1   1 
ATOM   856  O  OE2   . GLU D 2 13 ? -8.769  28.942  -4.827  1.00 44.87 ? 149 GLU B OE2   1 
ATOM   857  N  N     . LEU D 2 14 ? -3.272  26.575  -8.374  1.00 34.60 ? 150 LEU B N     1 
ATOM   858  C  CA    . LEU D 2 14 ? -1.843  26.313  -8.556  1.00 34.74 ? 150 LEU B CA    1 
ATOM   859  C  C     . LEU D 2 14 ? -1.310  26.927  -9.856  1.00 34.43 ? 150 LEU B C     1 
ATOM   860  O  O     . LEU D 2 14 ? -0.124  27.267  -9.955  1.00 34.23 ? 150 LEU B O     1 
ATOM   861  C  CB    . LEU D 2 14 ? -1.577  24.802  -8.532  1.00 34.80 ? 150 LEU B CB    1 
ATOM   862  C  CG    . LEU D 2 14 ? -0.143  24.324  -8.309  1.00 35.25 ? 150 LEU B CG    1 
ATOM   863  C  CD1   . LEU D 2 14 ? 0.386   24.738  -6.938  1.00 36.19 ? 150 LEU B CD1   1 
ATOM   864  C  CD2   . LEU D 2 14 ? -0.081  22.818  -8.463  1.00 35.36 ? 150 LEU B CD2   1 
ATOM   865  N  N     . GLY D 2 15 ? -2.191  27.068  -10.844 1.00 34.19 ? 151 GLY B N     1 
ATOM   866  C  CA    . GLY D 2 15 ? -1.851  27.724  -12.106 1.00 33.53 ? 151 GLY B CA    1 
ATOM   867  C  C     . GLY D 2 15 ? -1.953  26.779  -13.287 1.00 33.37 ? 151 GLY B C     1 
ATOM   868  O  O     . GLY D 2 15 ? -2.010  25.561  -13.124 1.00 32.78 ? 151 GLY B O     1 
ATOM   869  N  N     . GLU D 2 16 ? -1.953  27.359  -14.484 1.00 33.31 ? 152 GLU B N     1 
ATOM   870  C  CA    . GLU D 2 16 ? -2.150  26.619  -15.724 1.00 33.34 ? 152 GLU B CA    1 
ATOM   871  C  C     . GLU D 2 16 ? -1.000  25.648  -15.983 1.00 32.42 ? 152 GLU B C     1 
ATOM   872  O  O     . GLU D 2 16 ? 0.171   26.037  -15.944 1.00 32.53 ? 152 GLU B O     1 
ATOM   873  C  CB    . GLU D 2 16 ? -2.274  27.605  -16.889 1.00 34.26 ? 152 GLU B CB    1 
ATOM   874  C  CG    . GLU D 2 16 ? -3.079  27.105  -18.078 1.00 36.31 ? 152 GLU B CG    1 
ATOM   875  C  CD    . GLU D 2 16 ? -4.075  28.153  -18.541 1.00 41.22 ? 152 GLU B CD    1 
ATOM   876  O  OE1   . GLU D 2 16 ? -3.696  29.000  -19.383 1.00 43.58 ? 152 GLU B OE1   1 
ATOM   877  O  OE2   . GLU D 2 16 ? -5.224  28.146  -18.033 1.00 42.18 ? 152 GLU B OE2   1 
ATOM   878  N  N     . GLY D 2 17 ? -1.341  24.384  -16.222 1.00 31.21 ? 153 GLY B N     1 
ATOM   879  C  CA    . GLY D 2 17 ? -0.339  23.341  -16.487 1.00 30.37 ? 153 GLY B CA    1 
ATOM   880  C  C     . GLY D 2 17 ? 0.546   22.959  -15.301 1.00 29.20 ? 153 GLY B C     1 
ATOM   881  O  O     . GLY D 2 17 ? 1.530   22.238  -15.468 1.00 29.76 ? 153 GLY B O     1 
ATOM   882  N  N     . LYS D 2 18 ? 0.195   23.424  -14.103 1.00 27.19 ? 154 LYS B N     1 
ATOM   883  C  CA    . LYS D 2 18 ? 0.975   23.129  -12.906 1.00 25.55 ? 154 LYS B CA    1 
ATOM   884  C  C     . LYS D 2 18 ? 0.457   21.868  -12.202 1.00 23.37 ? 154 LYS B C     1 
ATOM   885  O  O     . LYS D 2 18 ? -0.739  21.573  -12.209 1.00 22.56 ? 154 LYS B O     1 
ATOM   886  C  CB    . LYS D 2 18 ? 0.993   24.326  -11.942 1.00 26.03 ? 154 LYS B CB    1 
ATOM   887  C  CG    . LYS D 2 18 ? 2.302   25.142  -11.985 1.00 28.52 ? 154 LYS B CG    1 
ATOM   888  C  CD    . LYS D 2 18 ? 2.314   26.249  -13.028 1.00 30.02 ? 154 LYS B CD    1 
ATOM   889  C  CE    . LYS D 2 18 ? 2.222   27.650  -12.396 1.00 33.07 ? 154 LYS B CE    1 
ATOM   890  N  NZ    . LYS D 2 18 ? 3.392   28.002  -11.516 1.00 31.98 ? 154 LYS B NZ    1 
ATOM   891  N  N     . ALA D 2 19 ? 1.387   21.137  -11.595 1.00 20.72 ? 155 ALA B N     1 
ATOM   892  C  CA    . ALA D 2 19 ? 1.095   19.881  -10.922 1.00 19.00 ? 155 ALA B CA    1 
ATOM   893  C  C     . ALA D 2 19 ? 1.852   19.809  -9.603  1.00 17.49 ? 155 ALA B C     1 
ATOM   894  O  O     . ALA D 2 19 ? 2.883   20.460  -9.440  1.00 16.11 ? 155 ALA B O     1 
ATOM   895  C  CB    . ALA D 2 19 ? 1.494   18.719  -11.806 1.00 18.74 ? 155 ALA B CB    1 
ATOM   896  N  N     . THR D 2 20 ? 1.330   19.022  -8.665  1.00 16.59 ? 156 THR B N     1 
ATOM   897  C  CA    . THR D 2 20 ? 2.058   18.720  -7.423  1.00 16.37 ? 156 THR B CA    1 
ATOM   898  C  C     . THR D 2 20 ? 1.751   17.318  -6.890  1.00 15.75 ? 156 THR B C     1 
ATOM   899  O  O     . THR D 2 20 ? 0.992   16.549  -7.495  1.00 16.18 ? 156 THR B O     1 
ATOM   900  C  CB    . THR D 2 20 ? 1.814   19.791  -6.317  1.00 16.05 ? 156 THR B CB    1 
ATOM   901  O  OG1   . THR D 2 20 ? 2.815   19.682  -5.295  1.00 14.75 ? 156 THR B OG1   1 
ATOM   902  C  CG2   . THR D 2 20 ? 0.455   19.644  -5.698  1.00 17.40 ? 156 THR B CG2   1 
ATOM   903  N  N     . THR D 2 21 ? 2.346   17.001  -5.748  1.00 15.82 ? 157 THR B N     1 
ATOM   904  C  CA    . THR D 2 21 ? 2.287   15.663  -5.176  1.00 15.30 ? 157 THR B CA    1 
ATOM   905  C  C     . THR D 2 21 ? 1.201   15.556  -4.120  1.00 15.54 ? 157 THR B C     1 
ATOM   906  O  O     . THR D 2 21 ? 0.679   16.564  -3.651  1.00 14.79 ? 157 THR B O     1 
ATOM   907  C  CB    . THR D 2 21 ? 3.646   15.251  -4.562  1.00 14.86 ? 157 THR B CB    1 
ATOM   908  O  OG1   . THR D 2 21 ? 4.061   16.214  -3.589  1.00 13.14 ? 157 THR B OG1   1 
ATOM   909  C  CG2   . THR D 2 21 ? 4.715   15.150  -5.646  1.00 15.49 ? 157 THR B CG2   1 
ATOM   910  N  N     . ALA D 2 22 ? 0.841   14.318  -3.784  1.00 16.14 ? 158 ALA B N     1 
ATOM   911  C  CA    . ALA D 2 22 ? -0.112  14.059  -2.707  1.00 16.55 ? 158 ALA B CA    1 
ATOM   912  C  C     . ALA D 2 22 ? 0.483   14.533  -1.390  1.00 16.43 ? 158 ALA B C     1 
ATOM   913  O  O     . ALA D 2 22 ? -0.207  15.144  -0.577  1.00 15.78 ? 158 ALA B O     1 
ATOM   914  C  CB    . ALA D 2 22 ? -0.481  12.568  -2.628  1.00 15.49 ? 158 ALA B CB    1 
ATOM   915  N  N     . HIS D 2 23 ? 1.770   14.255  -1.209  1.00 16.94 ? 159 HIS B N     1 
ATOM   916  C  CA    . HIS D 2 23 ? 2.523   14.723  -0.041  1.00 17.70 ? 159 HIS B CA    1 
ATOM   917  C  C     . HIS D 2 23 ? 2.390   16.241  0.150   1.00 18.34 ? 159 HIS B C     1 
ATOM   918  O  O     . HIS D 2 23 ? 2.221   16.733  1.276   1.00 17.23 ? 159 HIS B O     1 
ATOM   919  C  CB    . HIS D 2 23 ? 3.999   14.355  -0.179  1.00 17.23 ? 159 HIS B CB    1 
ATOM   920  C  CG    . HIS D 2 23 ? 4.824   14.696  1.022   1.00 17.37 ? 159 HIS B CG    1 
ATOM   921  N  ND1   . HIS D 2 23 ? 5.194   13.758  1.963   1.00 21.32 ? 159 HIS B ND1   1 
ATOM   922  C  CD2   . HIS D 2 23 ? 5.351   15.871  1.438   1.00 18.88 ? 159 HIS B CD2   1 
ATOM   923  C  CE1   . HIS D 2 23 ? 5.904   14.343  2.913   1.00 18.86 ? 159 HIS B CE1   1 
ATOM   924  N  NE2   . HIS D 2 23 ? 6.014   15.625  2.619   1.00 17.65 ? 159 HIS B NE2   1 
ATOM   925  N  N     . ASP D 2 24 ? 2.492   16.977  -0.951  1.00 18.50 ? 160 ASP B N     1 
ATOM   926  C  CA    . ASP D 2 24 ? 2.380   18.433  -0.908  1.00 19.48 ? 160 ASP B CA    1 
ATOM   927  C  C     . ASP D 2 24 ? 0.956   18.885  -0.574  1.00 18.96 ? 160 ASP B C     1 
ATOM   928  O  O     . ASP D 2 24 ? 0.766   19.761  0.268   1.00 18.04 ? 160 ASP B O     1 
ATOM   929  C  CB    . ASP D 2 24 ? 2.825   19.024  -2.235  1.00 20.34 ? 160 ASP B CB    1 
ATOM   930  C  CG    . ASP D 2 24 ? 2.813   20.532  -2.231  1.00 21.90 ? 160 ASP B CG    1 
ATOM   931  O  OD1   . ASP D 2 24 ? 3.831   21.143  -1.851  1.00 24.22 ? 160 ASP B OD1   1 
ATOM   932  O  OD2   . ASP D 2 24 ? 1.781   21.100  -2.637  1.00 26.30 ? 160 ASP B OD2   1 
ATOM   933  N  N     . LEU D 2 25 ? -0.034  18.276  -1.227  1.00 18.53 ? 161 LEU B N     1 
ATOM   934  C  CA    . LEU D 2 25 ? -1.446  18.564  -0.946  1.00 18.75 ? 161 LEU B CA    1 
ATOM   935  C  C     . LEU D 2 25 ? -1.784  18.263  0.516   1.00 18.32 ? 161 LEU B C     1 
ATOM   936  O  O     . LEU D 2 25 ? -2.533  18.997  1.162   1.00 18.41 ? 161 LEU B O     1 
ATOM   937  C  CB    . LEU D 2 25 ? -2.361  17.735  -1.862  1.00 19.10 ? 161 LEU B CB    1 
ATOM   938  C  CG    . LEU D 2 25 ? -2.622  18.288  -3.262  1.00 20.14 ? 161 LEU B CG    1 
ATOM   939  C  CD1   . LEU D 2 25 ? -3.079  17.177  -4.207  1.00 21.79 ? 161 LEU B CD1   1 
ATOM   940  C  CD2   . LEU D 2 25 ? -3.652  19.422  -3.199  1.00 21.10 ? 161 LEU B CD2   1 
ATOM   941  N  N     . SER D 2 26 ? -1.237  17.158  1.005   1.00 18.45 ? 162 SER B N     1 
ATOM   942  C  CA    . SER D 2 26 ? -1.414  16.707  2.380   1.00 18.85 ? 162 SER B CA    1 
ATOM   943  C  C     . SER D 2 26 ? -1.021  17.814  3.370   1.00 18.24 ? 162 SER B C     1 
ATOM   944  O  O     . SER D 2 26 ? -1.804  18.184  4.242   1.00 16.80 ? 162 SER B O     1 
ATOM   945  C  CB    . SER D 2 26 ? -0.586  15.438  2.583   1.00 18.76 ? 162 SER B CB    1 
ATOM   946  O  OG    . SER D 2 26 ? -0.822  14.842  3.836   1.00 24.21 ? 162 SER B OG    1 
ATOM   947  N  N     . GLY D 2 27 ? 0.181   18.356  3.196   1.00 18.42 ? 163 GLY B N     1 
ATOM   948  C  CA    . GLY D 2 27 ? 0.655   19.485  3.993   1.00 18.58 ? 163 GLY B CA    1 
ATOM   949  C  C     . GLY D 2 27 ? -0.207  20.724  3.827   1.00 19.12 ? 163 GLY B C     1 
ATOM   950  O  O     . GLY D 2 27 ? -0.613  21.335  4.814   1.00 19.15 ? 163 GLY B O     1 
ATOM   951  N  N     . LYS D 2 28 ? -0.519  21.079  2.579   1.00 19.60 ? 164 LYS B N     1 
ATOM   952  C  CA    . LYS D 2 28 ? -1.152  22.368  2.287   1.00 19.98 ? 164 LYS B CA    1 
ATOM   953  C  C     . LYS D 2 28 ? -2.619  22.413  2.704   1.00 19.64 ? 164 LYS B C     1 
ATOM   954  O  O     . LYS D 2 28 ? -3.144  23.481  2.995   1.00 19.57 ? 164 LYS B O     1 
ATOM   955  C  CB    . LYS D 2 28 ? -1.030  22.719  0.796   1.00 20.40 ? 164 LYS B CB    1 
ATOM   956  C  CG    . LYS D 2 28 ? -0.469  24.109  0.555   1.00 23.51 ? 164 LYS B CG    1 
ATOM   957  C  CD    . LYS D 2 28 ? 1.048   24.121  0.600   1.00 25.59 ? 164 LYS B CD    1 
ATOM   958  C  CE    . LYS D 2 28 ? 1.602   25.485  0.250   1.00 27.32 ? 164 LYS B CE    1 
ATOM   959  N  NZ    . LYS D 2 28 ? 3.035   25.587  0.647   1.00 30.05 ? 164 LYS B NZ    1 
ATOM   960  N  N     . LEU D 2 29 ? -3.274  21.251  2.712   1.00 19.31 ? 165 LEU B N     1 
ATOM   961  C  CA    . LEU D 2 29 ? -4.671  21.138  3.116   1.00 19.18 ? 165 LEU B CA    1 
ATOM   962  C  C     . LEU D 2 29 ? -4.869  20.524  4.506   1.00 18.87 ? 165 LEU B C     1 
ATOM   963  O  O     . LEU D 2 29 ? -6.000  20.315  4.930   1.00 18.03 ? 165 LEU B O     1 
ATOM   964  C  CB    . LEU D 2 29 ? -5.457  20.325  2.077   1.00 19.53 ? 165 LEU B CB    1 
ATOM   965  C  CG    . LEU D 2 29 ? -5.506  20.898  0.655   1.00 19.51 ? 165 LEU B CG    1 
ATOM   966  C  CD1   . LEU D 2 29 ? -6.311  19.971  -0.255  1.00 19.54 ? 165 LEU B CD1   1 
ATOM   967  C  CD2   . LEU D 2 29 ? -6.084  22.311  0.630   1.00 20.01 ? 165 LEU B CD2   1 
ATOM   968  N  N     . GLY D 2 30 ? -3.775  20.249  5.217   1.00 18.90 ? 166 GLY B N     1 
ATOM   969  C  CA    . GLY D 2 30 ? -3.857  19.671  6.558   1.00 18.15 ? 166 GLY B CA    1 
ATOM   970  C  C     . GLY D 2 30 ? -4.705  18.414  6.582   1.00 17.86 ? 166 GLY B C     1 
ATOM   971  O  O     . GLY D 2 30 ? -5.595  18.265  7.425   1.00 17.99 ? 166 GLY B O     1 
ATOM   972  N  N     . THR D 2 31 ? -4.423  17.509  5.652   1.00 16.76 ? 167 THR B N     1 
ATOM   973  C  CA    . THR D 2 31 ? -5.176  16.267  5.521   1.00 16.37 ? 167 THR B CA    1 
ATOM   974  C  C     . THR D 2 31 ? -4.207  15.101  5.378   1.00 15.87 ? 167 THR B C     1 
ATOM   975  O  O     . THR D 2 31 ? -3.238  15.199  4.627   1.00 15.51 ? 167 THR B O     1 
ATOM   976  C  CB    . THR D 2 31 ? -6.109  16.299  4.281   1.00 16.11 ? 167 THR B CB    1 
ATOM   977  O  OG1   . THR D 2 31 ? -6.960  17.444  4.350   1.00 16.96 ? 167 THR B OG1   1 
ATOM   978  C  CG2   . THR D 2 31 ? -6.982  15.049  4.203   1.00 14.16 ? 167 THR B CG2   1 
ATOM   979  N  N     . PRO D 2 32 ? -4.467  13.988  6.095   1.00 15.28 ? 168 PRO B N     1 
ATOM   980  C  CA    . PRO D 2 32 ? -3.653  12.792  5.917   1.00 14.99 ? 168 PRO B CA    1 
ATOM   981  C  C     . PRO D 2 32 ? -3.513  12.398  4.447   1.00 14.58 ? 168 PRO B C     1 
ATOM   982  O  O     . PRO D 2 32 ? -4.495  12.436  3.695   1.00 14.23 ? 168 PRO B O     1 
ATOM   983  C  CB    . PRO D 2 32 ? -4.430  11.720  6.704   1.00 14.70 ? 168 PRO B CB    1 
ATOM   984  C  CG    . PRO D 2 32 ? -5.143  12.449  7.716   1.00 13.99 ? 168 PRO B CG    1 
ATOM   985  C  CD    . PRO D 2 32 ? -5.511  13.772  7.113   1.00 15.06 ? 168 PRO B CD    1 
ATOM   986  N  N     . LYS D 2 33 ? -2.291  12.053  4.057   1.00 14.71 ? 169 LYS B N     1 
ATOM   987  C  CA    . LYS D 2 33 ? -1.958  11.660  2.676   1.00 14.55 ? 169 LYS B CA    1 
ATOM   988  C  C     . LYS D 2 33 ? -2.824  10.495  2.165   1.00 15.10 ? 169 LYS B C     1 
ATOM   989  O  O     . LYS D 2 33 ? -3.229  10.467  1.004   1.00 14.04 ? 169 LYS B O     1 
ATOM   990  C  CB    . LYS D 2 33 ? -0.465  11.291  2.580   1.00 13.50 ? 169 LYS B CB    1 
ATOM   991  C  CG    . LYS D 2 33 ? 0.048   11.199  1.146   1.00 12.50 ? 169 LYS B CG    1 
ATOM   992  C  CD    . LYS D 2 33 ? 1.583   11.263  1.069   1.00 12.60 ? 169 LYS B CD    1 
ATOM   993  C  CE    . LYS D 2 33 ? 2.263   10.021  1.652   1.00 9.65  ? 169 LYS B CE    1 
ATOM   994  N  NZ    . LYS D 2 33 ? 1.960   8.788   0.882   1.00 9.30  ? 169 LYS B NZ    1 
ATOM   995  N  N     . LYS D 2 34 ? -3.074  9.542   3.061   1.00 16.30 ? 170 LYS B N     1 
ATOM   996  C  CA    . LYS D 2 34 ? -4.027  8.448   2.861   1.00 17.24 ? 170 LYS B CA    1 
ATOM   997  C  C     . LYS D 2 34 ? -5.339  8.921   2.241   1.00 17.14 ? 170 LYS B C     1 
ATOM   998  O  O     . LYS D 2 34 ? -5.798  8.373   1.238   1.00 17.03 ? 170 LYS B O     1 
ATOM   999  C  CB    . LYS D 2 34 ? -4.323  7.806   4.228   1.00 18.10 ? 170 LYS B CB    1 
ATOM   1000 C  CG    . LYS D 2 34 ? -5.120  6.516   4.206   1.00 21.05 ? 170 LYS B CG    1 
ATOM   1001 C  CD    . LYS D 2 34 ? -5.663  6.182   5.598   1.00 25.63 ? 170 LYS B CD    1 
ATOM   1002 C  CE    . LYS D 2 34 ? -5.587  4.689   5.902   1.00 27.57 ? 170 LYS B CE    1 
ATOM   1003 N  NZ    . LYS D 2 34 ? -6.041  3.802   4.786   1.00 30.44 ? 170 LYS B NZ    1 
ATOM   1004 N  N     . GLU D 2 35 ? -5.931  9.942   2.856   1.00 17.43 ? 171 GLU B N     1 
ATOM   1005 C  CA    . GLU D 2 35 ? -7.214  10.506  2.420   1.00 17.65 ? 171 GLU B CA    1 
ATOM   1006 C  C     . GLU D 2 35 ? -7.052  11.297  1.129   1.00 16.85 ? 171 GLU B C     1 
ATOM   1007 O  O     . GLU D 2 35 ? -7.869  11.186  0.211   1.00 16.98 ? 171 GLU B O     1 
ATOM   1008 C  CB    . GLU D 2 35 ? -7.798  11.402  3.527   1.00 17.73 ? 171 GLU B CB    1 
ATOM   1009 C  CG    . GLU D 2 35 ? -9.163  12.040  3.196   1.00 20.68 ? 171 GLU B CG    1 
ATOM   1010 C  CD    . GLU D 2 35 ? -9.676  12.967  4.297   1.00 26.04 ? 171 GLU B CD    1 
ATOM   1011 O  OE1   . GLU D 2 35 ? -9.505  12.639  5.497   1.00 29.32 ? 171 GLU B OE1   1 
ATOM   1012 O  OE2   . GLU D 2 35 ? -10.257 14.025  3.966   1.00 28.89 ? 171 GLU B OE2   1 
ATOM   1013 N  N     . ILE D 2 36 ? -5.998  12.103  1.075   1.00 15.96 ? 172 ILE B N     1 
ATOM   1014 C  CA    . ILE D 2 36 ? -5.635  12.850  -0.132  1.00 15.33 ? 172 ILE B CA    1 
ATOM   1015 C  C     . ILE D 2 36 ? -5.572  11.916  -1.331  1.00 14.72 ? 172 ILE B C     1 
ATOM   1016 O  O     . ILE D 2 36 ? -6.216  12.155  -2.347  1.00 14.87 ? 172 ILE B O     1 
ATOM   1017 C  CB    . ILE D 2 36 ? -4.278  13.567  0.060   1.00 14.92 ? 172 ILE B CB    1 
ATOM   1018 C  CG1   . ILE D 2 36 ? -4.420  14.723  1.066   1.00 14.56 ? 172 ILE B CG1   1 
ATOM   1019 C  CG2   . ILE D 2 36 ? -3.701  14.053  -1.272  1.00 16.50 ? 172 ILE B CG2   1 
ATOM   1020 C  CD1   . ILE D 2 36 ? -5.323  15.871  0.635   1.00 14.64 ? 172 ILE B CD1   1 
ATOM   1021 N  N     . ASN D 2 37 ? -4.818  10.834  -1.184  1.00 14.94 ? 173 ASN B N     1 
ATOM   1022 C  CA    . ASN D 2 37 ? -4.608  9.885   -2.272  1.00 15.07 ? 173 ASN B CA    1 
ATOM   1023 C  C     . ASN D 2 37 ? -5.875  9.172   -2.710  1.00 15.04 ? 173 ASN B C     1 
ATOM   1024 O  O     . ASN D 2 37 ? -6.098  9.003   -3.906  1.00 14.14 ? 173 ASN B O     1 
ATOM   1025 C  CB    . ASN D 2 37 ? -3.488  8.880   -1.934  1.00 14.66 ? 173 ASN B CB    1 
ATOM   1026 C  CG    . ASN D 2 37 ? -2.133  9.322   -2.460  1.00 12.95 ? 173 ASN B CG    1 
ATOM   1027 O  OD1   . ASN D 2 37 ? -2.039  9.954   -3.516  1.00 10.67 ? 173 ASN B OD1   1 
ATOM   1028 N  ND2   . ASN D 2 37 ? -1.074  8.971   -1.744  1.00 12.09 ? 173 ASN B ND2   1 
ATOM   1029 N  N     . ARG D 2 38 ? -6.712  8.775   -1.756  1.00 15.82 ? 174 ARG B N     1 
ATOM   1030 C  CA    . ARG D 2 38 ? -7.993  8.153   -2.099  1.00 17.16 ? 174 ARG B CA    1 
ATOM   1031 C  C     . ARG D 2 38 ? -8.815  9.060   -3.006  1.00 16.94 ? 174 ARG B C     1 
ATOM   1032 O  O     . ARG D 2 38 ? -9.403  8.605   -3.989  1.00 17.44 ? 174 ARG B O     1 
ATOM   1033 C  CB    . ARG D 2 38 ? -8.797  7.801   -0.848  1.00 17.98 ? 174 ARG B CB    1 
ATOM   1034 C  CG    . ARG D 2 38 ? -10.131 7.103   -1.137  1.00 20.14 ? 174 ARG B CG    1 
ATOM   1035 C  CD    . ARG D 2 38 ? -10.870 6.765   0.149   1.00 25.15 ? 174 ARG B CD    1 
ATOM   1036 N  NE    . ARG D 2 38 ? -11.185 7.981   0.891   1.00 30.82 ? 174 ARG B NE    1 
ATOM   1037 C  CZ    . ARG D 2 38 ? -12.177 8.818   0.590   1.00 34.50 ? 174 ARG B CZ    1 
ATOM   1038 N  NH1   . ARG D 2 38 ? -12.366 9.911   1.326   1.00 35.48 ? 174 ARG B NH1   1 
ATOM   1039 N  NH2   . ARG D 2 38 ? -12.984 8.573   -0.440  1.00 36.46 ? 174 ARG B NH2   1 
ATOM   1040 N  N     . VAL D 2 39 ? -8.840  10.341  -2.675  1.00 16.98 ? 175 VAL B N     1 
ATOM   1041 C  CA    . VAL D 2 39 ? -9.602  11.321  -3.433  1.00 17.56 ? 175 VAL B CA    1 
ATOM   1042 C  C     . VAL D 2 39 ? -8.978  11.586  -4.806  1.00 16.86 ? 175 VAL B C     1 
ATOM   1043 O  O     . VAL D 2 39 ? -9.689  11.686  -5.792  1.00 16.16 ? 175 VAL B O     1 
ATOM   1044 C  CB    . VAL D 2 39 ? -9.760  12.635  -2.634  1.00 17.29 ? 175 VAL B CB    1 
ATOM   1045 C  CG1   . VAL D 2 39 ? -10.437 13.694  -3.472  1.00 18.83 ? 175 VAL B CG1   1 
ATOM   1046 C  CG2   . VAL D 2 39 ? -10.582 12.371  -1.387  1.00 17.91 ? 175 VAL B CG2   1 
ATOM   1047 N  N     . LEU D 2 40 ? -7.654  11.695  -4.864  1.00 17.16 ? 176 LEU B N     1 
ATOM   1048 C  CA    . LEU D 2 40 ? -6.957  11.930  -6.142  1.00 16.53 ? 176 LEU B CA    1 
ATOM   1049 C  C     . LEU D 2 40 ? -7.217  10.817  -7.143  1.00 16.74 ? 176 LEU B C     1 
ATOM   1050 O  O     . LEU D 2 40 ? -7.568  11.081  -8.297  1.00 16.14 ? 176 LEU B O     1 
ATOM   1051 C  CB    . LEU D 2 40 ? -5.451  12.079  -5.922  1.00 15.99 ? 176 LEU B CB    1 
ATOM   1052 C  CG    . LEU D 2 40 ? -4.964  13.363  -5.241  1.00 13.19 ? 176 LEU B CG    1 
ATOM   1053 C  CD1   . LEU D 2 40 ? -3.476  13.241  -4.890  1.00 13.79 ? 176 LEU B CD1   1 
ATOM   1054 C  CD2   . LEU D 2 40 ? -5.199  14.555  -6.112  1.00 10.36 ? 176 LEU B CD2   1 
ATOM   1055 N  N     . TYR D 2 41 ? -7.059  9.569   -6.703  1.00 17.45 ? 177 TYR B N     1 
ATOM   1056 C  CA    . TYR D 2 41 ? -7.235  8.432   -7.608  1.00 18.03 ? 177 TYR B CA    1 
ATOM   1057 C  C     . TYR D 2 41 ? -8.671  8.330   -8.111  1.00 19.01 ? 177 TYR B C     1 
ATOM   1058 O  O     . TYR D 2 41 ? -8.900  7.935   -9.256  1.00 19.19 ? 177 TYR B O     1 
ATOM   1059 C  CB    . TYR D 2 41 ? -6.755  7.116   -6.974  1.00 17.41 ? 177 TYR B CB    1 
ATOM   1060 C  CG    . TYR D 2 41 ? -5.242  6.942   -7.038  1.00 16.41 ? 177 TYR B CG    1 
ATOM   1061 C  CD1   . TYR D 2 41 ? -4.426  7.455   -6.042  1.00 14.58 ? 177 TYR B CD1   1 
ATOM   1062 C  CD2   . TYR D 2 41 ? -4.633  6.288   -8.111  1.00 15.44 ? 177 TYR B CD2   1 
ATOM   1063 C  CE1   . TYR D 2 41 ? -3.036  7.315   -6.083  1.00 14.75 ? 177 TYR B CE1   1 
ATOM   1064 C  CE2   . TYR D 2 41 ? -3.232  6.142   -8.170  1.00 15.96 ? 177 TYR B CE2   1 
ATOM   1065 C  CZ    . TYR D 2 41 ? -2.441  6.666   -7.138  1.00 15.84 ? 177 TYR B CZ    1 
ATOM   1066 O  OH    . TYR D 2 41 ? -1.059  6.547   -7.156  1.00 11.87 ? 177 TYR B OH    1 
ATOM   1067 N  N     . SER D 2 42 ? -9.634  8.694   -7.264  1.00 19.92 ? 178 SER B N     1 
ATOM   1068 C  CA    . SER D 2 42 ? -11.044 8.670   -7.657  1.00 21.13 ? 178 SER B CA    1 
ATOM   1069 C  C     . SER D 2 42 ? -11.364 9.778   -8.658  1.00 21.21 ? 178 SER B C     1 
ATOM   1070 O  O     . SER D 2 42 ? -12.066 9.543   -9.638  1.00 20.65 ? 178 SER B O     1 
ATOM   1071 C  CB    . SER D 2 42 ? -11.972 8.751   -6.437  1.00 20.81 ? 178 SER B CB    1 
ATOM   1072 O  OG    . SER D 2 42 ? -11.441 9.625   -5.461  1.00 24.08 ? 178 SER B OG    1 
ATOM   1073 N  N     . LEU D 2 43 ? -10.842 10.975  -8.408  1.00 21.68 ? 179 LEU B N     1 
ATOM   1074 C  CA    . LEU D 2 43 ? -10.980 12.085  -9.356  1.00 22.81 ? 179 LEU B CA    1 
ATOM   1075 C  C     . LEU D 2 43 ? -10.436 11.752  -10.753 1.00 23.76 ? 179 LEU B C     1 
ATOM   1076 O  O     . LEU D 2 43 ? -11.052 12.120  -11.759 1.00 23.66 ? 179 LEU B O     1 
ATOM   1077 C  CB    . LEU D 2 43 ? -10.294 13.342  -8.812  1.00 22.87 ? 179 LEU B CB    1 
ATOM   1078 C  CG    . LEU D 2 43 ? -11.069 14.104  -7.734  1.00 22.72 ? 179 LEU B CG    1 
ATOM   1079 C  CD1   . LEU D 2 43 ? -10.166 15.121  -7.082  1.00 22.27 ? 179 LEU B CD1   1 
ATOM   1080 C  CD2   . LEU D 2 43 ? -12.304 14.785  -8.332  1.00 24.02 ? 179 LEU B CD2   1 
ATOM   1081 N  N     . ALA D 2 44 ? -9.295  11.056  -10.800 1.00 24.52 ? 180 ALA B N     1 
ATOM   1082 C  CA    . ALA D 2 44 ? -8.697  10.599  -12.065 1.00 25.00 ? 180 ALA B CA    1 
ATOM   1083 C  C     . ALA D 2 44 ? -9.603  9.619   -12.816 1.00 25.93 ? 180 ALA B C     1 
ATOM   1084 O  O     . ALA D 2 44 ? -9.826  9.771   -14.025 1.00 25.88 ? 180 ALA B O     1 
ATOM   1085 C  CB    . ALA D 2 44 ? -7.332  9.972   -11.823 1.00 24.54 ? 180 ALA B CB    1 
ATOM   1086 N  N     . LYS D 2 45 ? -10.116 8.616   -12.104 1.00 26.44 ? 181 LYS B N     1 
ATOM   1087 C  CA    . LYS D 2 45 ? -11.182 7.758   -12.639 1.00 26.95 ? 181 LYS B CA    1 
ATOM   1088 C  C     . LYS D 2 45 ? -12.323 8.580   -13.250 1.00 26.94 ? 181 LYS B C     1 
ATOM   1089 O  O     . LYS D 2 45 ? -12.820 8.257   -14.332 1.00 26.94 ? 181 LYS B O     1 
ATOM   1090 C  CB    . LYS D 2 45 ? -11.745 6.827   -11.558 1.00 27.18 ? 181 LYS B CB    1 
ATOM   1091 C  CG    . LYS D 2 45 ? -11.171 5.410   -11.574 1.00 29.76 ? 181 LYS B CG    1 
ATOM   1092 C  CD    . LYS D 2 45 ? -11.884 4.523   -10.554 1.00 32.19 ? 181 LYS B CD    1 
ATOM   1093 C  CE    . LYS D 2 45 ? -11.325 3.107   -10.515 1.00 33.23 ? 181 LYS B CE    1 
ATOM   1094 N  NZ    . LYS D 2 45 ? -12.198 2.206   -9.699  1.00 33.72 ? 181 LYS B NZ    1 
ATOM   1095 N  N     . LYS D 2 46 ? -12.723 9.647   -12.562 1.00 27.48 ? 182 LYS B N     1 
ATOM   1096 C  CA    . LYS D 2 46 ? -13.815 10.510  -13.038 1.00 27.83 ? 182 LYS B CA    1 
ATOM   1097 C  C     . LYS D 2 46 ? -13.427 11.426  -14.215 1.00 27.94 ? 182 LYS B C     1 
ATOM   1098 O  O     . LYS D 2 46 ? -14.285 12.098  -14.790 1.00 28.09 ? 182 LYS B O     1 
ATOM   1099 C  CB    . LYS D 2 46 ? -14.389 11.336  -11.882 1.00 27.74 ? 182 LYS B CB    1 
ATOM   1100 C  CG    . LYS D 2 46 ? -15.316 10.534  -10.983 1.00 27.12 ? 182 LYS B CG    1 
ATOM   1101 C  CD    . LYS D 2 46 ? -15.823 11.339  -9.787  1.00 27.15 ? 182 LYS B CD    1 
ATOM   1102 C  CE    . LYS D 2 46 ? -16.424 10.409  -8.739  1.00 28.20 ? 182 LYS B CE    1 
ATOM   1103 N  NZ    . LYS D 2 46 ? -16.909 11.117  -7.517  1.00 29.68 ? 182 LYS B NZ    1 
ATOM   1104 N  N     . GLY D 2 47 ? -12.143 11.448  -14.572 1.00 27.73 ? 183 GLY B N     1 
ATOM   1105 C  CA    . GLY D 2 47 ? -11.664 12.259  -15.697 1.00 27.03 ? 183 GLY B CA    1 
ATOM   1106 C  C     . GLY D 2 47 ? -11.433 13.725  -15.357 1.00 26.59 ? 183 GLY B C     1 
ATOM   1107 O  O     . GLY D 2 47 ? -11.223 14.540  -16.247 1.00 26.19 ? 183 GLY B O     1 
ATOM   1108 N  N     . LYS D 2 48 ? -11.445 14.053  -14.068 1.00 26.21 ? 184 LYS B N     1 
ATOM   1109 C  CA    . LYS D 2 48 ? -11.289 15.435  -13.615 1.00 26.34 ? 184 LYS B CA    1 
ATOM   1110 C  C     . LYS D 2 48 ? -9.823  15.824  -13.385 1.00 25.67 ? 184 LYS B C     1 
ATOM   1111 O  O     . LYS D 2 48 ? -9.453  16.992  -13.544 1.00 24.25 ? 184 LYS B O     1 
ATOM   1112 C  CB    . LYS D 2 48 ? -12.141 15.670  -12.371 1.00 26.03 ? 184 LYS B CB    1 
ATOM   1113 C  CG    . LYS D 2 48 ? -13.634 15.460  -12.651 1.00 27.41 ? 184 LYS B CG    1 
ATOM   1114 C  CD    . LYS D 2 48 ? -14.508 15.698  -11.421 1.00 29.61 ? 184 LYS B CD    1 
ATOM   1115 C  CE    . LYS D 2 48 ? -15.995 15.440  -11.727 1.00 30.27 ? 184 LYS B CE    1 
ATOM   1116 N  NZ    . LYS D 2 48 ? -16.894 15.661  -10.546 1.00 29.81 ? 184 LYS B NZ    1 
ATOM   1117 N  N     . LEU D 2 49 ? -8.995  14.840  -13.035 1.00 25.72 ? 185 LEU B N     1 
ATOM   1118 C  CA    . LEU D 2 49 ? -7.552  15.047  -12.920 1.00 25.81 ? 185 LEU B CA    1 
ATOM   1119 C  C     . LEU D 2 49 ? -6.764  14.130  -13.835 1.00 25.94 ? 185 LEU B C     1 
ATOM   1120 O  O     . LEU D 2 49 ? -7.219  13.053  -14.222 1.00 24.57 ? 185 LEU B O     1 
ATOM   1121 C  CB    . LEU D 2 49 ? -7.066  14.788  -11.495 1.00 25.84 ? 185 LEU B CB    1 
ATOM   1122 C  CG    . LEU D 2 49 ? -7.548  15.685  -10.368 1.00 25.40 ? 185 LEU B CG    1 
ATOM   1123 C  CD1   . LEU D 2 49 ? -6.963  15.154  -9.067  1.00 26.14 ? 185 LEU B CD1   1 
ATOM   1124 C  CD2   . LEU D 2 49 ? -7.150  17.146  -10.602 1.00 24.76 ? 185 LEU B CD2   1 
ATOM   1125 N  N     . GLN D 2 50 ? -5.554  14.576  -14.148 1.00 26.81 ? 186 GLN B N     1 
ATOM   1126 C  CA    . GLN D 2 50 ? -4.558  13.740  -14.794 1.00 27.17 ? 186 GLN B CA    1 
ATOM   1127 C  C     . GLN D 2 50 ? -3.485  13.338  -13.788 1.00 26.53 ? 186 GLN B C     1 
ATOM   1128 O  O     . GLN D 2 50 ? -2.947  14.173  -13.074 1.00 26.06 ? 186 GLN B O     1 
ATOM   1129 C  CB    . GLN D 2 50 ? -3.907  14.479  -15.956 1.00 27.09 ? 186 GLN B CB    1 
ATOM   1130 C  CG    . GLN D 2 50 ? -2.746  13.710  -16.587 1.00 29.07 ? 186 GLN B CG    1 
ATOM   1131 C  CD    . GLN D 2 50 ? -2.753  13.825  -18.080 1.00 33.66 ? 186 GLN B CD    1 
ATOM   1132 O  OE1   . GLN D 2 50 ? -3.729  13.443  -18.728 1.00 35.34 ? 186 GLN B OE1   1 
ATOM   1133 N  NE2   . GLN D 2 50 ? -1.681  14.377  -18.645 1.00 32.79 ? 186 GLN B NE2   1 
ATOM   1134 N  N     . LYS D 2 51 ? -3.195  12.047  -13.748 1.00 26.81 ? 187 LYS B N     1 
ATOM   1135 C  CA    . LYS D 2 51 ? -2.068  11.517  -13.008 1.00 27.02 ? 187 LYS B CA    1 
ATOM   1136 C  C     . LYS D 2 51 ? -0.870  11.390  -13.951 1.00 26.91 ? 187 LYS B C     1 
ATOM   1137 O  O     . LYS D 2 51 ? -0.903  10.608  -14.898 1.00 26.66 ? 187 LYS B O     1 
ATOM   1138 C  CB    . LYS D 2 51 ? -2.425  10.148  -12.442 1.00 26.51 ? 187 LYS B CB    1 
ATOM   1139 C  CG    . LYS D 2 51 ? -1.403  9.586   -11.473 1.00 26.70 ? 187 LYS B CG    1 
ATOM   1140 C  CD    . LYS D 2 51 ? -1.500  8.080   -11.417 1.00 27.38 ? 187 LYS B CD    1 
ATOM   1141 C  CE    . LYS D 2 51 ? -0.418  7.497   -10.536 1.00 31.23 ? 187 LYS B CE    1 
ATOM   1142 N  NZ    . LYS D 2 51 ? 0.087   6.181   -11.032 1.00 30.88 ? 187 LYS B NZ    1 
ATOM   1143 N  N     . GLU D 2 52 ? 0.180   12.163  -13.695 1.00 25.60 ? 188 GLU B N     1 
ATOM   1144 C  CA    . GLU D 2 52 ? 1.414   12.018  -14.458 1.00 25.12 ? 188 GLU B CA    1 
ATOM   1145 C  C     . GLU D 2 52 ? 2.162   10.751  -14.052 1.00 23.81 ? 188 GLU B C     1 
ATOM   1146 O  O     . GLU D 2 52 ? 2.089   10.310  -12.901 1.00 23.16 ? 188 GLU B O     1 
ATOM   1147 C  CB    . GLU D 2 52 ? 2.321   13.239  -14.310 1.00 24.94 ? 188 GLU B CB    1 
ATOM   1148 C  CG    . GLU D 2 52 ? 1.828   14.446  -15.076 1.00 26.53 ? 188 GLU B CG    1 
ATOM   1149 C  CD    . GLU D 2 52 ? 2.719   15.668  -14.913 1.00 27.83 ? 188 GLU B CD    1 
ATOM   1150 O  OE1   . GLU D 2 52 ? 3.949   15.503  -14.790 1.00 30.71 ? 188 GLU B OE1   1 
ATOM   1151 O  OE2   . GLU D 2 52 ? 2.183   16.796  -14.918 1.00 27.82 ? 188 GLU B OE2   1 
ATOM   1152 N  N     . ALA D 2 53 ? 2.865   10.162  -15.013 1.00 22.43 ? 189 ALA B N     1 
ATOM   1153 C  CA    . ALA D 2 53 ? 3.737   9.032   -14.732 1.00 22.05 ? 189 ALA B CA    1 
ATOM   1154 C  C     . ALA D 2 53 ? 4.908   9.472   -13.857 1.00 21.46 ? 189 ALA B C     1 
ATOM   1155 O  O     . ALA D 2 53 ? 5.271   10.653  -13.813 1.00 21.40 ? 189 ALA B O     1 
ATOM   1156 C  CB    . ALA D 2 53 ? 4.244   8.422   -16.014 1.00 22.49 ? 189 ALA B CB    1 
ATOM   1157 N  N     . GLY D 2 54 ? 5.489   8.516   -13.147 1.00 21.23 ? 190 GLY B N     1 
ATOM   1158 C  CA    . GLY D 2 54 ? 6.669   8.785   -12.341 1.00 20.77 ? 190 GLY B CA    1 
ATOM   1159 C  C     . GLY D 2 54 ? 6.380   8.767   -10.860 1.00 20.31 ? 190 GLY B C     1 
ATOM   1160 O  O     . GLY D 2 54 ? 5.243   8.552   -10.434 1.00 20.33 ? 190 GLY B O     1 
ATOM   1161 N  N     . THR D 2 55 ? 7.427   9.041   -10.094 1.00 20.07 ? 191 THR B N     1 
ATOM   1162 C  CA    . THR D 2 55 ? 7.476   8.798   -8.661  1.00 20.53 ? 191 THR B CA    1 
ATOM   1163 C  C     . THR D 2 55 ? 8.158   9.991   -7.968  1.00 19.73 ? 191 THR B C     1 
ATOM   1164 O  O     . THR D 2 55 ? 9.265   10.355  -8.331  1.00 19.47 ? 191 THR B O     1 
ATOM   1165 C  CB    . THR D 2 55 ? 8.245   7.470   -8.409  1.00 20.75 ? 191 THR B CB    1 
ATOM   1166 O  OG1   . THR D 2 55 ? 7.299   6.395   -8.372  1.00 22.87 ? 191 THR B OG1   1 
ATOM   1167 C  CG2   . THR D 2 55 ? 9.058   7.476   -7.114  1.00 22.62 ? 191 THR B CG2   1 
ATOM   1168 N  N     . PRO D 2 56 ? 7.475   10.640  -7.007  1.00 19.24 ? 192 PRO B N     1 
ATOM   1169 C  CA    . PRO D 2 56 ? 6.067   10.477  -6.675  1.00 18.89 ? 192 PRO B CA    1 
ATOM   1170 C  C     . PRO D 2 56 ? 5.160   10.967  -7.804  1.00 18.32 ? 192 PRO B C     1 
ATOM   1171 O  O     . PRO D 2 56 ? 5.516   11.901  -8.512  1.00 17.62 ? 192 PRO B O     1 
ATOM   1172 C  CB    . PRO D 2 56 ? 5.894   11.357  -5.431  1.00 19.46 ? 192 PRO B CB    1 
ATOM   1173 C  CG    . PRO D 2 56 ? 6.994   12.339  -5.489  1.00 18.90 ? 192 PRO B CG    1 
ATOM   1174 C  CD    . PRO D 2 56 ? 8.133   11.608  -6.113  1.00 19.90 ? 192 PRO B CD    1 
ATOM   1175 N  N     . PRO D 2 57 ? 3.984   10.342  -7.967  1.00 18.97 ? 193 PRO B N     1 
ATOM   1176 C  CA    . PRO D 2 57 ? 3.049   10.810  -8.983  1.00 19.06 ? 193 PRO B CA    1 
ATOM   1177 C  C     . PRO D 2 57 ? 2.677   12.298  -8.852  1.00 19.04 ? 193 PRO B C     1 
ATOM   1178 O  O     . PRO D 2 57 ? 2.513   12.817  -7.745  1.00 18.38 ? 193 PRO B O     1 
ATOM   1179 C  CB    . PRO D 2 57 ? 1.823   9.932   -8.759  1.00 18.72 ? 193 PRO B CB    1 
ATOM   1180 C  CG    . PRO D 2 57 ? 2.328   8.725   -8.091  1.00 18.56 ? 193 PRO B CG    1 
ATOM   1181 C  CD    . PRO D 2 57 ? 3.465   9.171   -7.248  1.00 18.56 ? 193 PRO B CD    1 
ATOM   1182 N  N     . LEU D 2 58 ? 2.569   12.966  -9.996  1.00 19.00 ? 194 LEU B N     1 
ATOM   1183 C  CA    . LEU D 2 58 ? 2.109   14.344  -10.052 1.00 18.55 ? 194 LEU B CA    1 
ATOM   1184 C  C     . LEU D 2 58 ? 0.657   14.399  -10.544 1.00 18.14 ? 194 LEU B C     1 
ATOM   1185 O  O     . LEU D 2 58 ? 0.227   13.585  -11.368 1.00 17.98 ? 194 LEU B O     1 
ATOM   1186 C  CB    . LEU D 2 58 ? 3.007   15.169  -10.962 1.00 18.33 ? 194 LEU B CB    1 
ATOM   1187 C  CG    . LEU D 2 58 ? 4.429   15.483  -10.486 1.00 18.16 ? 194 LEU B CG    1 
ATOM   1188 C  CD1   . LEU D 2 58 ? 5.159   16.171  -11.620 1.00 18.77 ? 194 LEU B CD1   1 
ATOM   1189 C  CD2   . LEU D 2 58 ? 4.442   16.354  -9.236  1.00 17.74 ? 194 LEU B CD2   1 
ATOM   1190 N  N     . TRP D 2 59 ? -0.087  15.367  -10.031 1.00 17.12 ? 195 TRP B N     1 
ATOM   1191 C  CA    . TRP D 2 59 ? -1.505  15.482  -10.314 1.00 17.36 ? 195 TRP B CA    1 
ATOM   1192 C  C     . TRP D 2 59 ? -1.821  16.886  -10.762 1.00 17.88 ? 195 TRP B C     1 
ATOM   1193 O  O     . TRP D 2 59 ? -1.370  17.850  -10.149 1.00 17.98 ? 195 TRP B O     1 
ATOM   1194 C  CB    . TRP D 2 59 ? -2.340  15.158  -9.071  1.00 16.21 ? 195 TRP B CB    1 
ATOM   1195 C  CG    . TRP D 2 59 ? -2.052  13.826  -8.484  1.00 15.18 ? 195 TRP B CG    1 
ATOM   1196 C  CD1   . TRP D 2 59 ? -1.039  13.519  -7.625  1.00 15.41 ? 195 TRP B CD1   1 
ATOM   1197 C  CD2   . TRP D 2 59 ? -2.774  12.608  -8.702  1.00 14.40 ? 195 TRP B CD2   1 
ATOM   1198 N  NE1   . TRP D 2 59 ? -1.084  12.192  -7.297  1.00 15.68 ? 195 TRP B NE1   1 
ATOM   1199 C  CE2   . TRP D 2 59 ? -2.139  11.604  -7.942  1.00 15.45 ? 195 TRP B CE2   1 
ATOM   1200 C  CE3   . TRP D 2 59 ? -3.891  12.267  -9.475  1.00 16.09 ? 195 TRP B CE3   1 
ATOM   1201 C  CZ2   . TRP D 2 59 ? -2.590  10.281  -7.913  1.00 15.83 ? 195 TRP B CZ2   1 
ATOM   1202 C  CZ3   . TRP D 2 59 ? -4.341  10.955  -9.453  1.00 16.17 ? 195 TRP B CZ3   1 
ATOM   1203 C  CH2   . TRP D 2 59 ? -3.691  9.975   -8.673  1.00 16.78 ? 195 TRP B CH2   1 
ATOM   1204 N  N     . LYS D 2 60 ? -2.600  16.996  -11.829 1.00 19.25 ? 196 LYS B N     1 
ATOM   1205 C  CA    . LYS D 2 60 ? -3.040  18.294  -12.335 1.00 20.44 ? 196 LYS B CA    1 
ATOM   1206 C  C     . LYS D 2 60 ? -4.465  18.224  -12.888 1.00 20.53 ? 196 LYS B C     1 
ATOM   1207 O  O     . LYS D 2 60 ? -5.007  17.138  -13.116 1.00 19.91 ? 196 LYS B O     1 
ATOM   1208 C  CB    . LYS D 2 60 ? -2.062  18.815  -13.398 1.00 20.21 ? 196 LYS B CB    1 
ATOM   1209 C  CG    . LYS D 2 60 ? -1.958  17.957  -14.648 1.00 23.82 ? 196 LYS B CG    1 
ATOM   1210 C  CD    . LYS D 2 60 ? -0.832  18.453  -15.555 1.00 29.03 ? 196 LYS B CD    1 
ATOM   1211 C  CE    . LYS D 2 60 ? -0.799  17.703  -16.889 1.00 30.78 ? 196 LYS B CE    1 
ATOM   1212 N  NZ    . LYS D 2 60 ? -2.008  18.001  -17.719 1.00 34.12 ? 196 LYS B NZ    1 
ATOM   1213 N  N     . ILE D 2 61 ? -5.066  19.391  -13.095 1.00 20.92 ? 197 ILE B N     1 
ATOM   1214 C  CA    . ILE D 2 61 ? -6.401  19.465  -13.688 1.00 21.02 ? 197 ILE B CA    1 
ATOM   1215 C  C     . ILE D 2 61 ? -6.339  18.884  -15.092 1.00 21.16 ? 197 ILE B C     1 
ATOM   1216 O  O     . ILE D 2 61 ? -5.442  19.207  -15.871 1.00 19.86 ? 197 ILE B O     1 
ATOM   1217 C  CB    . ILE D 2 61 ? -6.930  20.916  -13.782 1.00 21.54 ? 197 ILE B CB    1 
ATOM   1218 C  CG1   . ILE D 2 61 ? -7.060  21.556  -12.392 1.00 21.71 ? 197 ILE B CG1   1 
ATOM   1219 C  CG2   . ILE D 2 61 ? -8.285  20.958  -14.513 1.00 21.32 ? 197 ILE B CG2   1 
ATOM   1220 C  CD1   . ILE D 2 61 ? -8.116  20.915  -11.496 1.00 22.16 ? 197 ILE B CD1   1 
ATOM   1221 N  N     . ALA D 2 62 ? -7.298  18.024  -15.405 1.00 21.47 ? 198 ALA B N     1 
ATOM   1222 C  CA    . ALA D 2 62 ? -7.376  17.420  -16.728 1.00 21.86 ? 198 ALA B CA    1 
ATOM   1223 C  C     . ALA D 2 62 ? -7.564  18.490  -17.806 1.00 21.95 ? 198 ALA B C     1 
ATOM   1224 O  O     . ALA D 2 62 ? -8.273  19.469  -17.597 1.00 20.66 ? 198 ALA B O     1 
ATOM   1225 C  CB    . ALA D 2 62 ? -8.529  16.402  -16.784 1.00 21.73 ? 198 ALA B CB    1 
ATOM   1226 N  N     . VAL D 2 63 ? -6.905  18.296  -18.947 1.00 22.32 ? 199 VAL B N     1 
ATOM   1227 C  CA    . VAL D 2 63 ? -7.175  19.086  -20.135 1.00 23.16 ? 199 VAL B CA    1 
ATOM   1228 C  C     . VAL D 2 63 ? -8.410  18.474  -20.777 1.00 24.52 ? 199 VAL B C     1 
ATOM   1229 O  O     . VAL D 2 63 ? -8.470  17.268  -21.005 1.00 23.77 ? 199 VAL B O     1 
ATOM   1230 C  CB    . VAL D 2 63 ? -5.992  19.078  -21.123 1.00 23.22 ? 199 VAL B CB    1 
ATOM   1231 C  CG1   . VAL D 2 63 ? -6.365  19.774  -22.426 1.00 22.94 ? 199 VAL B CG1   1 
ATOM   1232 C  CG2   . VAL D 2 63 ? -4.762  19.745  -20.491 1.00 22.77 ? 199 VAL B CG2   1 
ATOM   1233 N  N     . SER D 2 64 ? -9.394  19.317  -21.063 1.00 26.26 ? 200 SER B N     1 
ATOM   1234 C  CA    . SER D 2 64 ? -10.717 18.874  -21.463 1.00 27.97 ? 200 SER B CA    1 
ATOM   1235 C  C     . SER D 2 64 ? -11.045 19.270  -22.895 1.00 28.54 ? 200 SER B C     1 
ATOM   1236 O  O     . SER D 2 64 ? -10.424 20.166  -23.450 1.00 29.21 ? 200 SER B O     1 
ATOM   1237 C  CB    . SER D 2 64 ? -11.725 19.520  -20.531 1.00 28.57 ? 200 SER B CB    1 
ATOM   1238 O  OG    . SER D 2 64 ? -11.363 20.881  -20.336 1.00 30.57 ? 200 SER B OG    1 
ATOM   1239 N  N     . THR D 2 65 ? -12.028 18.592  -23.476 1.00 29.64 ? 201 THR B N     1 
ATOM   1240 C  CA    . THR D 2 65 ? -12.582 18.950  -24.780 1.00 30.34 ? 201 THR B CA    1 
ATOM   1241 C  C     . THR D 2 65 ? -13.906 19.699  -24.633 1.00 31.41 ? 201 THR B C     1 
ATOM   1242 O  O     . THR D 2 65 ? -14.115 20.466  -23.689 1.00 33.60 ? 201 THR B O     1 
ATOM   1243 C  CB    . THR D 2 65 ? -12.861 17.702  -25.618 1.00 30.72 ? 201 THR B CB    1 
ATOM   1244 O  OG1   . THR D 2 65 ? -11.619 17.115  -26.050 1.00 29.12 ? 201 THR B OG1   1 
ATOM   1245 C  CG2   . THR D 2 65 ? -13.755 18.057  -26.826 1.00 30.39 ? 201 THR B CG2   1 
HETATM 1246 NA NA    . NA  E 3 .  ? 2.333   2.652   1.735   1.00 26.38 ? 162 NA  E NA    1 
HETATM 1247 NA NA    . NA  F 3 .  ? -3.156  -2.696  0.908   1.00 27.87 ? 163 NA  F NA    1 
HETATM 1248 NA NA    . NA  G 3 .  ? 0.231   10.053  -5.284  1.00 15.41 ? 203 NA  B NA    1 
HETATM 1249 O  O     . HOH H 4 .  ? 7.796   -6.073  -1.837  1.00 27.70 ? 7   HOH E O     1 
HETATM 1250 O  O     . HOH H 4 .  ? 1.850   -11.708 1.917   1.00 19.99 ? 8   HOH E O     1 
HETATM 1251 O  O     . HOH H 4 .  ? 3.623   -3.823  10.266  0.50 18.58 ? 14  HOH E O     1 
HETATM 1252 O  O     . HOH H 4 .  ? 3.927   1.588   10.135  1.00 32.78 ? 20  HOH E O     1 
HETATM 1253 O  O     . HOH H 4 .  ? 2.371   7.200   4.481   1.00 23.11 ? 21  HOH E O     1 
HETATM 1254 O  O     . HOH H 4 .  ? 5.847   6.442   4.027   1.00 27.25 ? 32  HOH E O     1 
HETATM 1255 O  O     . HOH H 4 .  ? -1.228  -9.919  2.404   1.00 22.42 ? 36  HOH E O     1 
HETATM 1256 O  O     . HOH H 4 .  ? -4.825  -8.690  0.245   1.00 23.07 ? 41  HOH E O     1 
HETATM 1257 O  O     . HOH H 4 .  ? 4.058   -5.211  -3.022  1.00 20.88 ? 43  HOH E O     1 
HETATM 1258 O  O     . HOH H 4 .  ? -6.660  -13.301 -3.231  1.00 36.54 ? 45  HOH E O     1 
HETATM 1259 O  O     . HOH H 4 .  ? 3.391   -5.338  -5.579  1.00 15.89 ? 46  HOH E O     1 
HETATM 1260 O  O     . HOH H 4 .  ? -0.714  3.427   9.363   1.00 28.64 ? 47  HOH E O     1 
HETATM 1261 O  O     . HOH H 4 .  ? 1.838   -3.105  -6.733  1.00 20.11 ? 52  HOH E O     1 
HETATM 1262 O  O     . HOH H 4 .  ? -0.581  5.348   6.143   1.00 31.63 ? 60  HOH E O     1 
HETATM 1263 O  O     . HOH H 4 .  ? 1.129   3.955   3.109   1.00 25.82 ? 61  HOH E O     1 
HETATM 1264 O  O     . HOH H 4 .  ? 1.151   -1.521  4.604   1.00 38.01 ? 62  HOH E O     1 
HETATM 1265 O  O     . HOH H 4 .  ? 7.315   -2.618  7.163   1.00 26.97 ? 65  HOH E O     1 
HETATM 1266 O  O     . HOH H 4 .  ? -2.504  -7.015  -0.018  1.00 9.01  ? 78  HOH E O     1 
HETATM 1267 O  O     . HOH H 4 .  ? -1.876  -0.618  -8.443  1.00 30.06 ? 83  HOH E O     1 
HETATM 1268 O  O     . HOH H 4 .  ? 6.877   -3.378  -3.727  1.00 28.89 ? 91  HOH E O     1 
HETATM 1269 O  O     . HOH H 4 .  ? 9.370   -5.095  3.565   1.00 37.82 ? 100 HOH E O     1 
HETATM 1270 O  O     . HOH H 4 .  ? -6.222  -11.495 -6.329  0.50 17.23 ? 103 HOH E O     1 
HETATM 1271 O  O     . HOH H 4 .  ? -6.934  -8.590  -1.162  1.00 29.35 ? 108 HOH E O     1 
HETATM 1272 O  O     . HOH H 4 .  ? -6.499  -11.283 -11.466 1.00 27.52 ? 119 HOH E O     1 
HETATM 1273 O  O     . HOH H 4 .  ? 8.458   -2.176  5.290   1.00 24.12 ? 123 HOH E O     1 
HETATM 1274 O  O     . HOH H 4 .  ? 5.605   8.966   7.256   1.00 35.72 ? 125 HOH E O     1 
HETATM 1275 O  O     . HOH H 4 .  ? -7.978  -0.726  -8.522  1.00 38.57 ? 132 HOH E O     1 
HETATM 1276 O  O     . HOH H 4 .  ? -9.554  -4.825  -8.015  0.50 51.29 ? 142 HOH E O     1 
HETATM 1277 O  O     . HOH H 4 .  ? 0.597   -2.246  -9.388  1.00 43.39 ? 143 HOH E O     1 
HETATM 1278 O  O     . HOH H 4 .  ? 9.061   -3.754  0.486   1.00 27.08 ? 151 HOH E O     1 
HETATM 1279 O  O     . HOH H 4 .  ? -3.426  -4.366  6.590   1.00 23.63 ? 154 HOH E O     1 
HETATM 1280 O  O     . HOH H 4 .  ? 10.078  -7.710  -0.944  1.00 27.83 ? 156 HOH E O     1 
HETATM 1281 O  O     . HOH I 4 .  ? 3.571   6.039   -1.174  1.00 9.72  ? 164 HOH F O     1 
HETATM 1282 O  O     . HOH I 4 .  ? 2.010   9.545   -1.950  1.00 12.04 ? 165 HOH F O     1 
HETATM 1283 O  O     . HOH I 4 .  ? -5.534  -5.242  -0.122  1.00 20.72 ? 166 HOH F O     1 
HETATM 1284 O  O     . HOH I 4 .  ? -3.235  1.576   1.894   1.00 18.78 ? 167 HOH F O     1 
HETATM 1285 O  O     . HOH I 4 .  ? -4.970  -1.750  7.300   1.00 29.66 ? 168 HOH F O     1 
HETATM 1286 O  O     . HOH I 4 .  ? -8.323  6.643   2.739   1.00 26.55 ? 169 HOH F O     1 
HETATM 1287 O  O     . HOH I 4 .  ? 5.117   7.981   -0.139  1.00 12.91 ? 170 HOH F O     1 
HETATM 1288 O  O     . HOH I 4 .  ? -16.369 -1.007  3.551   1.00 41.17 ? 171 HOH F O     1 
HETATM 1289 O  O     . HOH I 4 .  ? -0.501  0.406   2.046   1.00 24.75 ? 172 HOH F O     1 
HETATM 1290 O  O     . HOH I 4 .  ? 0.516   2.168   -6.399  1.00 24.34 ? 173 HOH F O     1 
HETATM 1291 O  O     . HOH I 4 .  ? -5.771  1.135   -7.310  1.00 22.74 ? 174 HOH F O     1 
HETATM 1292 O  O     . HOH I 4 .  ? 4.064   -1.393  -6.433  1.00 23.36 ? 175 HOH F O     1 
HETATM 1293 O  O     . HOH I 4 .  ? -2.776  3.915   3.646   1.00 33.88 ? 176 HOH F O     1 
HETATM 1294 O  O     . HOH I 4 .  ? -8.586  2.188   -3.162  1.00 22.92 ? 177 HOH F O     1 
HETATM 1295 O  O     . HOH I 4 .  ? -8.249  -4.942  2.437   1.00 28.19 ? 178 HOH F O     1 
HETATM 1296 O  O     . HOH I 4 .  ? 5.739   11.412  -2.061  1.00 23.89 ? 179 HOH F O     1 
HETATM 1297 O  O     . HOH I 4 .  ? 11.502  4.977   1.507   1.00 34.35 ? 180 HOH F O     1 
HETATM 1298 O  O     . HOH I 4 .  ? 2.810   0.577   -7.646  1.00 25.05 ? 181 HOH F O     1 
HETATM 1299 O  O     . HOH I 4 .  ? -7.835  3.313   -5.804  0.50 13.34 ? 182 HOH F O     1 
HETATM 1300 O  O     . HOH I 4 .  ? -9.339  3.728   -1.599  1.00 23.89 ? 183 HOH F O     1 
HETATM 1301 O  O     . HOH I 4 .  ? -2.963  2.413   -8.300  1.00 20.08 ? 184 HOH F O     1 
HETATM 1302 O  O     . HOH I 4 .  ? 7.104   6.770   0.561   1.00 31.34 ? 185 HOH F O     1 
HETATM 1303 O  O     . HOH I 4 .  ? -4.465  3.095   -10.366 1.00 27.60 ? 186 HOH F O     1 
HETATM 1304 O  O     . HOH I 4 .  ? -5.297  -5.380  5.158   1.00 34.80 ? 187 HOH F O     1 
HETATM 1305 O  O     . HOH I 4 .  ? -8.873  7.199   5.076   1.00 41.34 ? 188 HOH F O     1 
HETATM 1306 O  O     . HOH I 4 .  ? -1.579  -1.600  2.862   1.00 30.58 ? 189 HOH F O     1 
HETATM 1307 O  O     . HOH I 4 .  ? -3.719  0.273   4.176   1.00 22.31 ? 190 HOH F O     1 
HETATM 1308 O  O     . HOH I 4 .  ? -15.339 1.512   1.125   0.50 30.31 ? 191 HOH F O     1 
HETATM 1309 O  O     . HOH J 4 .  ? 12.822  -29.358 5.174   1.00 21.12 ? 203 HOH A O     1 
HETATM 1310 O  O     . HOH J 4 .  ? 14.253  -33.016 5.047   1.00 30.05 ? 204 HOH A O     1 
HETATM 1311 O  O     . HOH J 4 .  ? -2.307  -12.805 2.203   1.00 11.39 ? 205 HOH A O     1 
HETATM 1312 O  O     . HOH J 4 .  ? -3.857  -4.998  9.117   1.00 21.18 ? 206 HOH A O     1 
HETATM 1313 O  O     . HOH J 4 .  ? 4.737   -8.360  -2.147  1.00 22.11 ? 207 HOH A O     1 
HETATM 1314 O  O     . HOH J 4 .  ? 0.111   -13.838 1.626   1.00 15.67 ? 208 HOH A O     1 
HETATM 1315 O  O     . HOH J 4 .  ? 1.507   -26.123 0.615   0.50 14.27 ? 209 HOH A O     1 
HETATM 1316 O  O     . HOH J 4 .  ? -6.087  -16.871 2.091   1.00 42.62 ? 210 HOH A O     1 
HETATM 1317 O  O     . HOH J 4 .  ? -0.572  -24.631 11.748  1.00 24.67 ? 211 HOH A O     1 
HETATM 1318 O  O     . HOH J 4 .  ? 9.116   -23.969 16.344  1.00 14.81 ? 212 HOH A O     1 
HETATM 1319 O  O     . HOH J 4 .  ? 6.837   -24.749 5.200   1.00 21.83 ? 213 HOH A O     1 
HETATM 1320 O  O     . HOH J 4 .  ? -0.508  -30.128 11.095  1.00 40.83 ? 214 HOH A O     1 
HETATM 1321 O  O     . HOH J 4 .  ? 10.402  -27.417 0.874   1.00 39.01 ? 215 HOH A O     1 
HETATM 1322 O  O     . HOH J 4 .  ? -6.148  -9.523  14.059  1.00 15.87 ? 216 HOH A O     1 
HETATM 1323 O  O     . HOH J 4 .  ? 11.593  -9.789  1.939   1.00 23.56 ? 217 HOH A O     1 
HETATM 1324 O  O     . HOH J 4 .  ? 9.653   -6.008  6.917   1.00 23.57 ? 218 HOH A O     1 
HETATM 1325 O  O     . HOH J 4 .  ? -7.087  -11.737 13.095  1.00 19.76 ? 219 HOH A O     1 
HETATM 1326 O  O     . HOH J 4 .  ? -10.445 -25.469 13.179  1.00 27.61 ? 220 HOH A O     1 
HETATM 1327 O  O     . HOH J 4 .  ? -5.867  -7.272  8.967   1.00 22.04 ? 221 HOH A O     1 
HETATM 1328 O  O     . HOH J 4 .  ? 10.797  -9.712  12.182  0.50 22.07 ? 222 HOH A O     1 
HETATM 1329 O  O     . HOH J 4 .  ? -6.864  -7.480  6.510   1.00 23.05 ? 223 HOH A O     1 
HETATM 1330 O  O     . HOH J 4 .  ? 7.286   -26.573 7.671   1.00 18.70 ? 224 HOH A O     1 
HETATM 1331 O  O     . HOH J 4 .  ? 10.194  -11.281 0.141   0.50 11.66 ? 225 HOH A O     1 
HETATM 1332 O  O     . HOH J 4 .  ? 17.707  -11.174 1.471   1.00 36.14 ? 226 HOH A O     1 
HETATM 1333 O  O     . HOH J 4 .  ? -4.408  -23.350 8.345   1.00 40.19 ? 227 HOH A O     1 
HETATM 1334 O  O     . HOH J 4 .  ? 9.401   -27.476 8.088   1.00 26.55 ? 228 HOH A O     1 
HETATM 1335 O  O     . HOH J 4 .  ? 11.475  -27.011 10.344  1.00 28.64 ? 229 HOH A O     1 
HETATM 1336 O  O     . HOH J 4 .  ? -6.658  -20.204 15.634  1.00 39.79 ? 230 HOH A O     1 
HETATM 1337 O  O     . HOH J 4 .  ? 11.952  -2.999  4.395   1.00 31.95 ? 231 HOH A O     1 
HETATM 1338 O  O     . HOH J 4 .  ? 13.484  -5.551  7.361   1.00 31.07 ? 232 HOH A O     1 
HETATM 1339 O  O     . HOH J 4 .  ? 10.161  -27.297 5.465   1.00 30.59 ? 233 HOH A O     1 
HETATM 1340 O  O     . HOH J 4 .  ? -5.754  -10.538 2.128   1.00 38.87 ? 234 HOH A O     1 
HETATM 1341 O  O     . HOH J 4 .  ? -5.739  -15.518 -4.946  1.00 38.98 ? 235 HOH A O     1 
HETATM 1342 O  O     . HOH J 4 .  ? 11.903  -15.305 -1.007  1.00 29.93 ? 236 HOH A O     1 
HETATM 1343 O  O     . HOH J 4 .  ? 0.160   -10.130 17.801  1.00 16.69 ? 237 HOH A O     1 
HETATM 1344 O  O     . HOH J 4 .  ? -6.507  -16.631 -1.171  1.00 35.50 ? 238 HOH A O     1 
HETATM 1345 O  O     . HOH J 4 .  ? 4.712   -22.157 -1.645  0.50 20.45 ? 239 HOH A O     1 
HETATM 1346 O  O     . HOH J 4 .  ? 4.240   -32.415 4.301   0.50 33.28 ? 240 HOH A O     1 
HETATM 1347 O  O     . HOH J 4 .  ? 7.430   -9.841  18.701  1.00 33.19 ? 241 HOH A O     1 
HETATM 1348 O  O     . HOH J 4 .  ? 13.174  -8.228  15.216  0.50 18.53 ? 242 HOH A O     1 
HETATM 1349 O  O     . HOH J 4 .  ? 10.971  -4.107  8.770   1.00 29.20 ? 243 HOH A O     1 
HETATM 1350 O  O     . HOH J 4 .  ? 3.077   -4.251  16.827  1.00 37.39 ? 244 HOH A O     1 
HETATM 1351 O  O     . HOH J 4 .  ? 12.309  -22.017 11.629  1.00 30.86 ? 245 HOH A O     1 
HETATM 1352 O  O     . HOH J 4 .  ? 5.800   -8.436  16.243  1.00 38.09 ? 246 HOH A O     1 
HETATM 1353 O  O     . HOH K 4 .  ? 5.739   10.823  1.234   1.00 10.53 ? 204 HOH B O     1 
HETATM 1354 O  O     . HOH K 4 .  ? 1.922   13.497  3.416   1.00 25.67 ? 205 HOH B O     1 
HETATM 1355 O  O     . HOH K 4 .  ? 2.770   19.759  -15.147 1.00 28.98 ? 206 HOH B O     1 
HETATM 1356 O  O     . HOH K 4 .  ? -1.680  8.773   5.846   1.00 9.35  ? 207 HOH B O     1 
HETATM 1357 O  O     . HOH K 4 .  ? 6.657   16.180  -2.640  1.00 22.24 ? 208 HOH B O     1 
HETATM 1358 O  O     . HOH K 4 .  ? 4.897   12.262  -11.752 1.00 16.49 ? 209 HOH B O     1 
HETATM 1359 O  O     . HOH K 4 .  ? -3.209  26.767  -5.102  1.00 47.92 ? 210 HOH B O     1 
HETATM 1360 O  O     . HOH K 4 .  ? 2.210   11.969  -4.930  1.00 12.17 ? 211 HOH B O     1 
HETATM 1361 O  O     . HOH K 4 .  ? 2.676   8.002   -11.244 1.00 20.62 ? 212 HOH B O     1 
HETATM 1362 O  O     . HOH K 4 .  ? -8.973  17.697  2.044   1.00 23.08 ? 213 HOH B O     1 
HETATM 1363 O  O     . HOH K 4 .  ? 3.845   11.843  3.954   1.00 21.89 ? 214 HOH B O     1 
HETATM 1364 O  O     . HOH K 4 .  ? -9.499  6.143   -4.795  1.00 25.35 ? 215 HOH B O     1 
HETATM 1365 O  O     . HOH K 4 .  ? 3.233   11.928  -2.818  1.00 24.19 ? 216 HOH B O     1 
HETATM 1366 O  O     . HOH K 4 .  ? -17.370 15.418  -2.500  0.50 20.66 ? 217 HOH B O     1 
HETATM 1367 O  O     . HOH K 4 .  ? 5.076   20.569  -6.381  1.00 19.54 ? 218 HOH B O     1 
HETATM 1368 O  O     . HOH K 4 .  ? -3.294  21.744  -13.748 1.00 25.52 ? 219 HOH B O     1 
HETATM 1369 O  O     . HOH K 4 .  ? -12.481 5.533   -3.979  1.00 30.03 ? 220 HOH B O     1 
HETATM 1370 O  O     . HOH K 4 .  ? -14.800 21.498  2.325   0.50 27.19 ? 221 HOH B O     1 
HETATM 1371 O  O     . HOH K 4 .  ? -5.805  27.167  -13.403 1.00 35.44 ? 222 HOH B O     1 
HETATM 1372 O  O     . HOH K 4 .  ? 0.327   4.970   -7.965  1.00 23.61 ? 223 HOH B O     1 
HETATM 1373 O  O     . HOH K 4 .  ? -1.476  8.242   -16.310 1.00 31.07 ? 224 HOH B O     1 
HETATM 1374 O  O     . HOH K 4 .  ? 7.314   13.678  -1.858  1.00 21.14 ? 225 HOH B O     1 
HETATM 1375 O  O     . HOH K 4 .  ? 8.179   15.042  0.633   1.00 47.47 ? 226 HOH B O     1 
HETATM 1376 O  O     . HOH K 4 .  ? -9.366  8.989   -16.628 1.00 30.15 ? 227 HOH B O     1 
HETATM 1377 O  O     . HOH K 4 .  ? -6.975  11.093  -15.544 1.00 27.17 ? 228 HOH B O     1 
HETATM 1378 O  O     . HOH K 4 .  ? -7.607  6.624   -10.890 1.00 14.51 ? 229 HOH B O     1 
HETATM 1379 O  O     . HOH K 4 .  ? -14.479 12.055  -1.324  1.00 26.27 ? 230 HOH B O     1 
HETATM 1380 O  O     . HOH K 4 .  ? 5.986   17.588  -0.878  1.00 35.93 ? 231 HOH B O     1 
HETATM 1381 O  O     . HOH K 4 .  ? -15.155 7.383   -0.095  1.00 32.88 ? 232 HOH B O     1 
HETATM 1382 O  O     . HOH K 4 .  ? -13.088 13.031  2.219   1.00 31.28 ? 233 HOH B O     1 
HETATM 1383 O  O     . HOH K 4 .  ? 2.556   16.428  4.034   1.00 22.13 ? 234 HOH B O     1 
HETATM 1384 O  O     . HOH K 4 .  ? -11.142 19.162  -16.748 1.00 29.12 ? 235 HOH B O     1 
HETATM 1385 O  O     . HOH K 4 .  ? -12.110 6.928   -16.553 1.00 28.75 ? 236 HOH B O     1 
HETATM 1386 O  O     . HOH K 4 .  ? -3.776  2.810   6.867   1.00 37.05 ? 237 HOH B O     1 
HETATM 1387 O  O     . HOH K 4 .  ? -5.139  15.369  -19.349 1.00 9.80  ? 238 HOH B O     1 
HETATM 1388 O  O     . HOH K 4 .  ? -18.119 13.755  -8.133  1.00 39.24 ? 239 HOH B O     1 
HETATM 1389 O  O     . HOH K 4 .  ? -9.615  5.029   -7.094  1.00 27.97 ? 240 HOH B O     1 
HETATM 1390 O  O     . HOH K 4 .  ? -7.564  6.932   -13.935 1.00 23.76 ? 241 HOH B O     1 
HETATM 1391 O  O     . HOH K 4 .  ? -7.037  26.724  -2.896  1.00 27.00 ? 242 HOH B O     1 
HETATM 1392 O  O     . HOH K 4 .  ? 10.394  8.286   -11.502 1.00 28.22 ? 243 HOH B O     1 
HETATM 1393 O  O     . HOH K 4 .  ? -3.984  24.224  -12.674 1.00 30.96 ? 244 HOH B O     1 
HETATM 1394 O  O     . HOH K 4 .  ? -12.688 23.755  3.116   1.00 31.20 ? 245 HOH B O     1 
HETATM 1395 O  O     . HOH K 4 .  ? -18.986 9.133   -6.714  1.00 42.21 ? 246 HOH B O     1 
HETATM 1396 O  O     . HOH K 4 .  ? 3.171   9.661   5.284   1.00 22.97 ? 247 HOH B O     1 
HETATM 1397 O  O     . HOH K 4 .  ? -8.213  11.012  6.940   1.00 26.57 ? 248 HOH B O     1 
HETATM 1398 O  O     . HOH K 4 .  ? 4.918   5.743   -12.944 1.00 30.69 ? 249 HOH B O     1 
HETATM 1399 O  O     . HOH K 4 .  ? 9.732   10.010  -13.428 1.00 36.90 ? 250 HOH B O     1 
HETATM 1400 O  O     . HOH K 4 .  ? -8.965  22.211  -20.487 1.00 25.62 ? 251 HOH B O     1 
HETATM 1401 O  O     . HOH K 4 .  ? -0.483  3.179   -10.700 1.00 25.23 ? 252 HOH B O     1 
HETATM 1402 O  O     . HOH K 4 .  ? -7.429  23.186  6.248   1.00 40.21 ? 253 HOH B O     1 
HETATM 1403 O  O     . HOH K 4 .  ? -4.820  7.113   -11.442 1.00 26.03 ? 254 HOH B O     1 
HETATM 1404 O  O     . HOH K 4 .  ? -16.354 10.777  -0.150  1.00 30.35 ? 255 HOH B O     1 
HETATM 1405 O  O     . HOH K 4 .  ? -8.805  24.674  -1.733  0.50 13.39 ? 256 HOH B O     1 
# 
loop_
_pdbx_poly_seq_scheme.asym_id 
_pdbx_poly_seq_scheme.entity_id 
_pdbx_poly_seq_scheme.seq_id 
_pdbx_poly_seq_scheme.mon_id 
_pdbx_poly_seq_scheme.ndb_seq_num 
_pdbx_poly_seq_scheme.pdb_seq_num 
_pdbx_poly_seq_scheme.auth_seq_num 
_pdbx_poly_seq_scheme.pdb_mon_id 
_pdbx_poly_seq_scheme.auth_mon_id 
_pdbx_poly_seq_scheme.pdb_strand_id 
_pdbx_poly_seq_scheme.pdb_ins_code 
_pdbx_poly_seq_scheme.hetero 
A 1 1  DU  1  0   0   DU  DU  E . n 
A 1 2  C   2  1   1   C   C   E . n 
A 1 3  G   3  2   2   G   G   E . n 
A 1 4  C   4  3   3   C   C   E . n 
A 1 5  G   5  4   4   G   G   E . n 
A 1 6  C   6  5   5   C   C   E . n 
A 1 7  G   7  6   6   G   G   E . n 
B 1 1  DU  1  0   ?   ?   ?   F . n 
B 1 2  C   2  1   1   C   C   F . n 
B 1 3  G   3  2   2   G   G   F . n 
B 1 4  C   4  3   3   C   C   F . n 
B 1 5  G   5  4   4   G   G   F . n 
B 1 6  C   6  5   5   C   C   F . n 
B 1 7  G   7  6   6   G   G   F . n 
C 2 1  SER 1  137 137 SER SER A . n 
C 2 2  HIS 2  138 138 HIS HIS A . n 
C 2 3  MET 3  139 139 MET MET A . n 
C 2 4  GLU 4  140 140 GLU GLU A . n 
C 2 5  GLN 5  141 141 GLN GLN A . n 
C 2 6  ARG 6  142 142 ARG ARG A . n 
C 2 7  ILE 7  143 143 ILE ILE A . n 
C 2 8  LEU 8  144 144 LEU LEU A . n 
C 2 9  LYS 9  145 145 LYS LYS A . n 
C 2 10 PHE 10 146 146 PHE PHE A . n 
C 2 11 LEU 11 147 147 LEU LEU A . n 
C 2 12 GLU 12 148 148 GLU GLU A . n 
C 2 13 GLU 13 149 149 GLU GLU A . n 
C 2 14 LEU 14 150 150 LEU LEU A . n 
C 2 15 GLY 15 151 151 GLY GLY A . n 
C 2 16 GLU 16 152 152 GLU GLU A . n 
C 2 17 GLY 17 153 153 GLY GLY A . n 
C 2 18 LYS 18 154 154 LYS LYS A . n 
C 2 19 ALA 19 155 155 ALA ALA A . n 
C 2 20 THR 20 156 156 THR THR A . n 
C 2 21 THR 21 157 157 THR THR A . n 
C 2 22 ALA 22 158 158 ALA ALA A . n 
C 2 23 HIS 23 159 159 HIS HIS A . n 
C 2 24 ASP 24 160 160 ASP ASP A . n 
C 2 25 LEU 25 161 161 LEU LEU A . n 
C 2 26 SER 26 162 162 SER SER A . n 
C 2 27 GLY 27 163 163 GLY GLY A . n 
C 2 28 LYS 28 164 164 LYS LYS A . n 
C 2 29 LEU 29 165 165 LEU LEU A . n 
C 2 30 GLY 30 166 166 GLY GLY A . n 
C 2 31 THR 31 167 167 THR THR A . n 
C 2 32 PRO 32 168 168 PRO PRO A . n 
C 2 33 LYS 33 169 169 LYS LYS A . n 
C 2 34 LYS 34 170 170 LYS LYS A . n 
C 2 35 GLU 35 171 171 GLU GLU A . n 
C 2 36 ILE 36 172 172 ILE ILE A . n 
C 2 37 ASN 37 173 173 ASN ASN A . n 
C 2 38 ARG 38 174 174 ARG ARG A . n 
C 2 39 VAL 39 175 175 VAL VAL A . n 
C 2 40 LEU 40 176 176 LEU LEU A . n 
C 2 41 TYR 41 177 177 TYR TYR A . n 
C 2 42 SER 42 178 178 SER SER A . n 
C 2 43 LEU 43 179 179 LEU LEU A . n 
C 2 44 ALA 44 180 180 ALA ALA A . n 
C 2 45 LYS 45 181 181 LYS LYS A . n 
C 2 46 LYS 46 182 182 LYS LYS A . n 
C 2 47 GLY 47 183 183 GLY GLY A . n 
C 2 48 LYS 48 184 184 LYS LYS A . n 
C 2 49 LEU 49 185 185 LEU LEU A . n 
C 2 50 GLN 50 186 186 GLN GLN A . n 
C 2 51 LYS 51 187 187 LYS LYS A . n 
C 2 52 GLU 52 188 188 GLU GLU A . n 
C 2 53 ALA 53 189 189 ALA ALA A . n 
C 2 54 GLY 54 190 190 GLY GLY A . n 
C 2 55 THR 55 191 191 THR THR A . n 
C 2 56 PRO 56 192 192 PRO PRO A . n 
C 2 57 PRO 57 193 193 PRO PRO A . n 
C 2 58 LEU 58 194 194 LEU LEU A . n 
C 2 59 TRP 59 195 195 TRP TRP A . n 
C 2 60 LYS 60 196 196 LYS LYS A . n 
C 2 61 ILE 61 197 197 ILE ILE A . n 
C 2 62 ALA 62 198 198 ALA ALA A . n 
C 2 63 VAL 63 199 ?   ?   ?   A . n 
C 2 64 SER 64 200 ?   ?   ?   A . n 
C 2 65 THR 65 201 ?   ?   ?   A . n 
C 2 66 GLN 66 202 ?   ?   ?   A . n 
D 2 1  SER 1  137 ?   ?   ?   B . n 
D 2 2  HIS 2  138 ?   ?   ?   B . n 
D 2 3  MET 3  139 139 MET MET B . n 
D 2 4  GLU 4  140 140 GLU GLU B . n 
D 2 5  GLN 5  141 141 GLN GLN B . n 
D 2 6  ARG 6  142 142 ARG ARG B . n 
D 2 7  ILE 7  143 143 ILE ILE B . n 
D 2 8  LEU 8  144 144 LEU LEU B . n 
D 2 9  LYS 9  145 145 LYS LYS B . n 
D 2 10 PHE 10 146 146 PHE PHE B . n 
D 2 11 LEU 11 147 147 LEU LEU B . n 
D 2 12 GLU 12 148 148 GLU GLU B . n 
D 2 13 GLU 13 149 149 GLU GLU B . n 
D 2 14 LEU 14 150 150 LEU LEU B . n 
D 2 15 GLY 15 151 151 GLY GLY B . n 
D 2 16 GLU 16 152 152 GLU GLU B . n 
D 2 17 GLY 17 153 153 GLY GLY B . n 
D 2 18 LYS 18 154 154 LYS LYS B . n 
D 2 19 ALA 19 155 155 ALA ALA B . n 
D 2 20 THR 20 156 156 THR THR B . n 
D 2 21 THR 21 157 157 THR THR B . n 
D 2 22 ALA 22 158 158 ALA ALA B . n 
D 2 23 HIS 23 159 159 HIS HIS B . n 
D 2 24 ASP 24 160 160 ASP ASP B . n 
D 2 25 LEU 25 161 161 LEU LEU B . n 
D 2 26 SER 26 162 162 SER SER B . n 
D 2 27 GLY 27 163 163 GLY GLY B . n 
D 2 28 LYS 28 164 164 LYS LYS B . n 
D 2 29 LEU 29 165 165 LEU LEU B . n 
D 2 30 GLY 30 166 166 GLY GLY B . n 
D 2 31 THR 31 167 167 THR THR B . n 
D 2 32 PRO 32 168 168 PRO PRO B . n 
D 2 33 LYS 33 169 169 LYS LYS B . n 
D 2 34 LYS 34 170 170 LYS LYS B . n 
D 2 35 GLU 35 171 171 GLU GLU B . n 
D 2 36 ILE 36 172 172 ILE ILE B . n 
D 2 37 ASN 37 173 173 ASN ASN B . n 
D 2 38 ARG 38 174 174 ARG ARG B . n 
D 2 39 VAL 39 175 175 VAL VAL B . n 
D 2 40 LEU 40 176 176 LEU LEU B . n 
D 2 41 TYR 41 177 177 TYR TYR B . n 
D 2 42 SER 42 178 178 SER SER B . n 
D 2 43 LEU 43 179 179 LEU LEU B . n 
D 2 44 ALA 44 180 180 ALA ALA B . n 
D 2 45 LYS 45 181 181 LYS LYS B . n 
D 2 46 LYS 46 182 182 LYS LYS B . n 
D 2 47 GLY 47 183 183 GLY GLY B . n 
D 2 48 LYS 48 184 184 LYS LYS B . n 
D 2 49 LEU 49 185 185 LEU LEU B . n 
D 2 50 GLN 50 186 186 GLN GLN B . n 
D 2 51 LYS 51 187 187 LYS LYS B . n 
D 2 52 GLU 52 188 188 GLU GLU B . n 
D 2 53 ALA 53 189 189 ALA ALA B . n 
D 2 54 GLY 54 190 190 GLY GLY B . n 
D 2 55 THR 55 191 191 THR THR B . n 
D 2 56 PRO 56 192 192 PRO PRO B . n 
D 2 57 PRO 57 193 193 PRO PRO B . n 
D 2 58 LEU 58 194 194 LEU LEU B . n 
D 2 59 TRP 59 195 195 TRP TRP B . n 
D 2 60 LYS 60 196 196 LYS LYS B . n 
D 2 61 ILE 61 197 197 ILE ILE B . n 
D 2 62 ALA 62 198 198 ALA ALA B . n 
D 2 63 VAL 63 199 199 VAL VAL B . n 
D 2 64 SER 64 200 200 SER SER B . n 
D 2 65 THR 65 201 201 THR THR B . n 
D 2 66 GLN 66 202 ?   ?   ?   B . n 
# 
loop_
_pdbx_nonpoly_scheme.asym_id 
_pdbx_nonpoly_scheme.entity_id 
_pdbx_nonpoly_scheme.mon_id 
_pdbx_nonpoly_scheme.ndb_seq_num 
_pdbx_nonpoly_scheme.pdb_seq_num 
_pdbx_nonpoly_scheme.auth_seq_num 
_pdbx_nonpoly_scheme.pdb_mon_id 
_pdbx_nonpoly_scheme.auth_mon_id 
_pdbx_nonpoly_scheme.pdb_strand_id 
_pdbx_nonpoly_scheme.pdb_ins_code 
E 3 NA  1  162 162 NA  NA  E . 
F 3 NA  1  163 163 NA  NA  F . 
G 3 NA  1  203 161 NA  NA  B . 
H 4 HOH 1  7   7   HOH HOH E . 
H 4 HOH 2  8   8   HOH HOH E . 
H 4 HOH 3  14  14  HOH HOH E . 
H 4 HOH 4  20  20  HOH HOH E . 
H 4 HOH 5  21  21  HOH HOH E . 
H 4 HOH 6  32  32  HOH HOH E . 
H 4 HOH 7  36  36  HOH HOH E . 
H 4 HOH 8  41  41  HOH HOH E . 
H 4 HOH 9  43  43  HOH HOH E . 
H 4 HOH 10 45  45  HOH HOH E . 
H 4 HOH 11 46  46  HOH HOH E . 
H 4 HOH 12 47  47  HOH HOH E . 
H 4 HOH 13 52  52  HOH HOH E . 
H 4 HOH 14 60  60  HOH HOH E . 
H 4 HOH 15 61  61  HOH HOH E . 
H 4 HOH 16 62  62  HOH HOH E . 
H 4 HOH 17 65  65  HOH HOH E . 
H 4 HOH 18 78  78  HOH HOH E . 
H 4 HOH 19 83  83  HOH HOH E . 
H 4 HOH 20 91  91  HOH HOH E . 
H 4 HOH 21 100 100 HOH HOH E . 
H 4 HOH 22 103 103 HOH HOH E . 
H 4 HOH 23 108 108 HOH HOH E . 
H 4 HOH 24 119 119 HOH HOH E . 
H 4 HOH 25 123 123 HOH HOH E . 
H 4 HOH 26 125 125 HOH HOH E . 
H 4 HOH 27 132 132 HOH HOH E . 
H 4 HOH 28 142 142 HOH HOH E . 
H 4 HOH 29 143 143 HOH HOH E . 
H 4 HOH 30 151 151 HOH HOH E . 
H 4 HOH 31 154 154 HOH HOH E . 
H 4 HOH 32 156 156 HOH HOH E . 
I 4 HOH 1  164 2   HOH HOH F . 
I 4 HOH 2  165 3   HOH HOH F . 
I 4 HOH 3  166 5   HOH HOH F . 
I 4 HOH 4  167 6   HOH HOH F . 
I 4 HOH 5  168 10  HOH HOH F . 
I 4 HOH 6  169 11  HOH HOH F . 
I 4 HOH 7  170 19  HOH HOH F . 
I 4 HOH 8  171 25  HOH HOH F . 
I 4 HOH 9  172 29  HOH HOH F . 
I 4 HOH 10 173 30  HOH HOH F . 
I 4 HOH 11 174 33  HOH HOH F . 
I 4 HOH 12 175 38  HOH HOH F . 
I 4 HOH 13 176 49  HOH HOH F . 
I 4 HOH 14 177 50  HOH HOH F . 
I 4 HOH 15 178 51  HOH HOH F . 
I 4 HOH 16 179 73  HOH HOH F . 
I 4 HOH 17 180 79  HOH HOH F . 
I 4 HOH 18 181 82  HOH HOH F . 
I 4 HOH 19 182 84  HOH HOH F . 
I 4 HOH 20 183 85  HOH HOH F . 
I 4 HOH 21 184 90  HOH HOH F . 
I 4 HOH 22 185 99  HOH HOH F . 
I 4 HOH 23 186 120 HOH HOH F . 
I 4 HOH 24 187 124 HOH HOH F . 
I 4 HOH 25 188 127 HOH HOH F . 
I 4 HOH 26 189 129 HOH HOH F . 
I 4 HOH 27 190 130 HOH HOH F . 
I 4 HOH 28 191 148 HOH HOH F . 
J 4 HOH 1  203 15  HOH HOH A . 
J 4 HOH 2  204 16  HOH HOH A . 
J 4 HOH 3  205 18  HOH HOH A . 
J 4 HOH 4  206 22  HOH HOH A . 
J 4 HOH 5  207 27  HOH HOH A . 
J 4 HOH 6  208 28  HOH HOH A . 
J 4 HOH 7  209 35  HOH HOH A . 
J 4 HOH 8  210 37  HOH HOH A . 
J 4 HOH 9  211 40  HOH HOH A . 
J 4 HOH 10 212 48  HOH HOH A . 
J 4 HOH 11 213 53  HOH HOH A . 
J 4 HOH 12 214 56  HOH HOH A . 
J 4 HOH 13 215 58  HOH HOH A . 
J 4 HOH 14 216 59  HOH HOH A . 
J 4 HOH 15 217 63  HOH HOH A . 
J 4 HOH 16 218 64  HOH HOH A . 
J 4 HOH 17 219 72  HOH HOH A . 
J 4 HOH 18 220 74  HOH HOH A . 
J 4 HOH 19 221 93  HOH HOH A . 
J 4 HOH 20 222 94  HOH HOH A . 
J 4 HOH 21 223 96  HOH HOH A . 
J 4 HOH 22 224 98  HOH HOH A . 
J 4 HOH 23 225 104 HOH HOH A . 
J 4 HOH 24 226 106 HOH HOH A . 
J 4 HOH 25 227 107 HOH HOH A . 
J 4 HOH 26 228 110 HOH HOH A . 
J 4 HOH 27 229 111 HOH HOH A . 
J 4 HOH 28 230 115 HOH HOH A . 
J 4 HOH 29 231 116 HOH HOH A . 
J 4 HOH 30 232 117 HOH HOH A . 
J 4 HOH 31 233 121 HOH HOH A . 
J 4 HOH 32 234 122 HOH HOH A . 
J 4 HOH 33 235 133 HOH HOH A . 
J 4 HOH 34 236 138 HOH HOH A . 
J 4 HOH 35 237 139 HOH HOH A . 
J 4 HOH 36 238 140 HOH HOH A . 
J 4 HOH 37 239 141 HOH HOH A . 
J 4 HOH 38 240 144 HOH HOH A . 
J 4 HOH 39 241 146 HOH HOH A . 
J 4 HOH 40 242 147 HOH HOH A . 
J 4 HOH 41 243 149 HOH HOH A . 
J 4 HOH 42 244 153 HOH HOH A . 
J 4 HOH 43 245 155 HOH HOH A . 
J 4 HOH 44 246 157 HOH HOH A . 
K 4 HOH 1  204 1   HOH HOH B . 
K 4 HOH 2  205 4   HOH HOH B . 
K 4 HOH 3  206 9   HOH HOH B . 
K 4 HOH 4  207 12  HOH HOH B . 
K 4 HOH 5  208 13  HOH HOH B . 
K 4 HOH 6  209 17  HOH HOH B . 
K 4 HOH 7  210 23  HOH HOH B . 
K 4 HOH 8  211 24  HOH HOH B . 
K 4 HOH 9  212 26  HOH HOH B . 
K 4 HOH 10 213 31  HOH HOH B . 
K 4 HOH 11 214 34  HOH HOH B . 
K 4 HOH 12 215 39  HOH HOH B . 
K 4 HOH 13 216 42  HOH HOH B . 
K 4 HOH 14 217 44  HOH HOH B . 
K 4 HOH 15 218 54  HOH HOH B . 
K 4 HOH 16 219 55  HOH HOH B . 
K 4 HOH 17 220 57  HOH HOH B . 
K 4 HOH 18 221 66  HOH HOH B . 
K 4 HOH 19 222 67  HOH HOH B . 
K 4 HOH 20 223 68  HOH HOH B . 
K 4 HOH 21 224 69  HOH HOH B . 
K 4 HOH 22 225 70  HOH HOH B . 
K 4 HOH 23 226 71  HOH HOH B . 
K 4 HOH 24 227 75  HOH HOH B . 
K 4 HOH 25 228 76  HOH HOH B . 
K 4 HOH 26 229 77  HOH HOH B . 
K 4 HOH 27 230 80  HOH HOH B . 
K 4 HOH 28 231 81  HOH HOH B . 
K 4 HOH 29 232 86  HOH HOH B . 
K 4 HOH 30 233 87  HOH HOH B . 
K 4 HOH 31 234 88  HOH HOH B . 
K 4 HOH 32 235 89  HOH HOH B . 
K 4 HOH 33 236 92  HOH HOH B . 
K 4 HOH 34 237 95  HOH HOH B . 
K 4 HOH 35 238 97  HOH HOH B . 
K 4 HOH 36 239 101 HOH HOH B . 
K 4 HOH 37 240 102 HOH HOH B . 
K 4 HOH 38 241 105 HOH HOH B . 
K 4 HOH 39 242 109 HOH HOH B . 
K 4 HOH 40 243 112 HOH HOH B . 
K 4 HOH 41 244 113 HOH HOH B . 
K 4 HOH 42 245 114 HOH HOH B . 
K 4 HOH 43 246 118 HOH HOH B . 
K 4 HOH 44 247 126 HOH HOH B . 
K 4 HOH 45 248 128 HOH HOH B . 
K 4 HOH 46 249 131 HOH HOH B . 
K 4 HOH 47 250 134 HOH HOH B . 
K 4 HOH 48 251 135 HOH HOH B . 
K 4 HOH 49 252 136 HOH HOH B . 
K 4 HOH 50 253 137 HOH HOH B . 
K 4 HOH 51 254 145 HOH HOH B . 
K 4 HOH 52 255 150 HOH HOH B . 
K 4 HOH 53 256 152 HOH HOH B . 
# 
_pdbx_struct_assembly.id                   1 
_pdbx_struct_assembly.details              author_defined_assembly 
_pdbx_struct_assembly.method_details       ? 
_pdbx_struct_assembly.oligomeric_details   tetrameric 
_pdbx_struct_assembly.oligomeric_count     4 
# 
_pdbx_struct_assembly_gen.assembly_id       1 
_pdbx_struct_assembly_gen.oper_expression   1 
_pdbx_struct_assembly_gen.asym_id_list      A,B,C,D,E,F,G,H,I,J,K 
# 
_pdbx_struct_oper_list.id                   1 
_pdbx_struct_oper_list.type                 'identity operation' 
_pdbx_struct_oper_list.name                 1_555 
_pdbx_struct_oper_list.symmetry_operation   x,y,z 
_pdbx_struct_oper_list.matrix[1][1]         1.0000000000 
_pdbx_struct_oper_list.matrix[1][2]         0.0000000000 
_pdbx_struct_oper_list.matrix[1][3]         0.0000000000 
_pdbx_struct_oper_list.vector[1]            0.0000000000 
_pdbx_struct_oper_list.matrix[2][1]         0.0000000000 
_pdbx_struct_oper_list.matrix[2][2]         1.0000000000 
_pdbx_struct_oper_list.matrix[2][3]         0.0000000000 
_pdbx_struct_oper_list.vector[2]            0.0000000000 
_pdbx_struct_oper_list.matrix[3][1]         0.0000000000 
_pdbx_struct_oper_list.matrix[3][2]         0.0000000000 
_pdbx_struct_oper_list.matrix[3][3]         1.0000000000 
_pdbx_struct_oper_list.vector[3]            0.0000000000 
# 
loop_
_pdbx_struct_special_symmetry.id 
_pdbx_struct_special_symmetry.PDB_model_num 
_pdbx_struct_special_symmetry.auth_asym_id 
_pdbx_struct_special_symmetry.auth_comp_id 
_pdbx_struct_special_symmetry.auth_seq_id 
_pdbx_struct_special_symmetry.PDB_ins_code 
_pdbx_struct_special_symmetry.label_asym_id 
_pdbx_struct_special_symmetry.label_comp_id 
_pdbx_struct_special_symmetry.label_seq_id 
1 1 E HOH 142 ? H HOH . 
2 1 F HOH 191 ? I HOH . 
3 1 B HOH 221 ? K HOH . 
# 
loop_
_pdbx_struct_conn_angle.id 
_pdbx_struct_conn_angle.ptnr1_label_atom_id 
_pdbx_struct_conn_angle.ptnr1_label_alt_id 
_pdbx_struct_conn_angle.ptnr1_label_asym_id 
_pdbx_struct_conn_angle.ptnr1_label_comp_id 
_pdbx_struct_conn_angle.ptnr1_label_seq_id 
_pdbx_struct_conn_angle.ptnr1_auth_atom_id 
_pdbx_struct_conn_angle.ptnr1_auth_asym_id 
_pdbx_struct_conn_angle.ptnr1_auth_comp_id 
_pdbx_struct_conn_angle.ptnr1_auth_seq_id 
_pdbx_struct_conn_angle.ptnr1_PDB_ins_code 
_pdbx_struct_conn_angle.ptnr1_symmetry 
_pdbx_struct_conn_angle.ptnr2_label_atom_id 
_pdbx_struct_conn_angle.ptnr2_label_alt_id 
_pdbx_struct_conn_angle.ptnr2_label_asym_id 
_pdbx_struct_conn_angle.ptnr2_label_comp_id 
_pdbx_struct_conn_angle.ptnr2_label_seq_id 
_pdbx_struct_conn_angle.ptnr2_auth_atom_id 
_pdbx_struct_conn_angle.ptnr2_auth_asym_id 
_pdbx_struct_conn_angle.ptnr2_auth_comp_id 
_pdbx_struct_conn_angle.ptnr2_auth_seq_id 
_pdbx_struct_conn_angle.ptnr2_PDB_ins_code 
_pdbx_struct_conn_angle.ptnr2_symmetry 
_pdbx_struct_conn_angle.ptnr3_label_atom_id 
_pdbx_struct_conn_angle.ptnr3_label_alt_id 
_pdbx_struct_conn_angle.ptnr3_label_asym_id 
_pdbx_struct_conn_angle.ptnr3_label_comp_id 
_pdbx_struct_conn_angle.ptnr3_label_seq_id 
_pdbx_struct_conn_angle.ptnr3_auth_atom_id 
_pdbx_struct_conn_angle.ptnr3_auth_asym_id 
_pdbx_struct_conn_angle.ptnr3_auth_comp_id 
_pdbx_struct_conn_angle.ptnr3_auth_seq_id 
_pdbx_struct_conn_angle.ptnr3_PDB_ins_code 
_pdbx_struct_conn_angle.ptnr3_symmetry 
_pdbx_struct_conn_angle.value 
_pdbx_struct_conn_angle.value_esd 
1  "O2'" ? A C   4  ? E C   3   ? 1_555 NA ? F NA . ? F NA 163 ? 1_555 O2    ? A C   4  ? E C   3   ? 1_555 84.9  ? 
2  "O2'" ? A C   4  ? E C   3   ? 1_555 NA ? F NA . ? F NA 163 ? 1_555 "O2'" ? B C   6  ? F C   5   ? 1_555 173.4 ? 
3  O2    ? A C   4  ? E C   3   ? 1_555 NA ? F NA . ? F NA 163 ? 1_555 "O2'" ? B C   6  ? F C   5   ? 1_555 96.9  ? 
4  "O2'" ? A C   4  ? E C   3   ? 1_555 NA ? F NA . ? F NA 163 ? 1_555 O2    ? B C   6  ? F C   5   ? 1_555 101.6 ? 
5  O2    ? A C   4  ? E C   3   ? 1_555 NA ? F NA . ? F NA 163 ? 1_555 O2    ? B C   6  ? F C   5   ? 1_555 89.1  ? 
6  "O2'" ? B C   6  ? F C   5   ? 1_555 NA ? F NA . ? F NA 163 ? 1_555 O2    ? B C   6  ? F C   5   ? 1_555 84.8  ? 
7  "O2'" ? A C   4  ? E C   3   ? 1_555 NA ? F NA . ? F NA 163 ? 1_555 O     ? I HOH .  ? F HOH 189 ? 1_555 93.7  ? 
8  O2    ? A C   4  ? E C   3   ? 1_555 NA ? F NA . ? F NA 163 ? 1_555 O     ? I HOH .  ? F HOH 189 ? 1_555 75.8  ? 
9  "O2'" ? B C   6  ? F C   5   ? 1_555 NA ? F NA . ? F NA 163 ? 1_555 O     ? I HOH .  ? F HOH 189 ? 1_555 80.6  ? 
10 O2    ? B C   6  ? F C   5   ? 1_555 NA ? F NA . ? F NA 163 ? 1_555 O     ? I HOH .  ? F HOH 189 ? 1_555 157.5 ? 
11 "O2'" ? A C   6  ? E C   5   ? 1_555 NA ? E NA . ? E NA 162 ? 1_555 O2    ? A C   6  ? E C   5   ? 1_555 84.9  ? 
12 "O2'" ? A C   6  ? E C   5   ? 1_555 NA ? E NA . ? E NA 162 ? 1_555 O     ? H HOH .  ? E HOH 61  ? 1_555 85.0  ? 
13 O2    ? A C   6  ? E C   5   ? 1_555 NA ? E NA . ? E NA 162 ? 1_555 O     ? H HOH .  ? E HOH 61  ? 1_555 141.6 ? 
14 "O2'" ? A C   6  ? E C   5   ? 1_555 NA ? E NA . ? E NA 162 ? 1_555 "O2'" ? B C   4  ? F C   3   ? 1_555 175.4 ? 
15 O2    ? A C   6  ? E C   5   ? 1_555 NA ? E NA . ? E NA 162 ? 1_555 "O2'" ? B C   4  ? F C   3   ? 1_555 95.6  ? 
16 O     ? H HOH .  ? E HOH 61  ? 1_555 NA ? E NA . ? E NA 162 ? 1_555 "O2'" ? B C   4  ? F C   3   ? 1_555 91.8  ? 
17 "O2'" ? A C   6  ? E C   5   ? 1_555 NA ? E NA . ? E NA 162 ? 1_555 O2    ? B C   4  ? F C   3   ? 1_555 100.0 ? 
18 O2    ? A C   6  ? E C   5   ? 1_555 NA ? E NA . ? E NA 162 ? 1_555 O2    ? B C   4  ? F C   3   ? 1_555 85.3  ? 
19 O     ? H HOH .  ? E HOH 61  ? 1_555 NA ? E NA . ? E NA 162 ? 1_555 O2    ? B C   4  ? F C   3   ? 1_555 133.0 ? 
20 "O2'" ? B C   4  ? F C   3   ? 1_555 NA ? E NA . ? E NA 162 ? 1_555 O2    ? B C   4  ? F C   3   ? 1_555 84.6  ? 
21 OP1   ? B C   4  ? F C   3   ? 1_555 NA ? G NA . ? B NA 203 ? 1_555 OD1   ? D ASN 37 ? B ASN 173 ? 1_555 86.6  ? 
22 OP1   ? B C   4  ? F C   3   ? 1_555 NA ? G NA . ? B NA 203 ? 1_555 O     ? K HOH .  ? B HOH 211 ? 1_555 132.6 ? 
23 OD1   ? D ASN 37 ? B ASN 173 ? 1_555 NA ? G NA . ? B NA 203 ? 1_555 O     ? K HOH .  ? B HOH 211 ? 1_555 120.5 ? 
# 
loop_
_pdbx_audit_revision_history.ordinal 
_pdbx_audit_revision_history.data_content_type 
_pdbx_audit_revision_history.major_revision 
_pdbx_audit_revision_history.minor_revision 
_pdbx_audit_revision_history.revision_date 
1 'Structure model' 1 0 2007-05-01 
2 'Structure model' 1 1 2008-05-01 
3 'Structure model' 1 2 2011-07-13 
4 'Structure model' 1 3 2023-08-30 
# 
_pdbx_audit_revision_details.ordinal             1 
_pdbx_audit_revision_details.revision_ordinal    1 
_pdbx_audit_revision_details.data_content_type   'Structure model' 
_pdbx_audit_revision_details.provider            repository 
_pdbx_audit_revision_details.type                'Initial release' 
_pdbx_audit_revision_details.description         ? 
_pdbx_audit_revision_details.details             ? 
# 
loop_
_pdbx_audit_revision_group.ordinal 
_pdbx_audit_revision_group.revision_ordinal 
_pdbx_audit_revision_group.data_content_type 
_pdbx_audit_revision_group.group 
1 2 'Structure model' 'Version format compliance' 
2 3 'Structure model' 'Version format compliance' 
3 4 'Structure model' 'Data collection'           
4 4 'Structure model' 'Database references'       
5 4 'Structure model' 'Derived calculations'      
6 4 'Structure model' 'Refinement description'    
# 
loop_
_pdbx_audit_revision_category.ordinal 
_pdbx_audit_revision_category.revision_ordinal 
_pdbx_audit_revision_category.data_content_type 
_pdbx_audit_revision_category.category 
1 4 'Structure model' chem_comp_atom                
2 4 'Structure model' chem_comp_bond                
3 4 'Structure model' database_2                    
4 4 'Structure model' pdbx_initial_refinement_model 
5 4 'Structure model' pdbx_struct_conn_angle        
6 4 'Structure model' struct_conn                   
7 4 'Structure model' struct_ref_seq_dif            
8 4 'Structure model' struct_site                   
# 
loop_
_pdbx_audit_revision_item.ordinal 
_pdbx_audit_revision_item.revision_ordinal 
_pdbx_audit_revision_item.data_content_type 
_pdbx_audit_revision_item.item 
1  4 'Structure model' '_database_2.pdbx_DOI'                        
2  4 'Structure model' '_database_2.pdbx_database_accession'         
3  4 'Structure model' '_pdbx_struct_conn_angle.ptnr1_auth_asym_id'  
4  4 'Structure model' '_pdbx_struct_conn_angle.ptnr1_auth_comp_id'  
5  4 'Structure model' '_pdbx_struct_conn_angle.ptnr1_auth_seq_id'   
6  4 'Structure model' '_pdbx_struct_conn_angle.ptnr1_label_asym_id' 
7  4 'Structure model' '_pdbx_struct_conn_angle.ptnr1_label_atom_id' 
8  4 'Structure model' '_pdbx_struct_conn_angle.ptnr1_label_comp_id' 
9  4 'Structure model' '_pdbx_struct_conn_angle.ptnr1_label_seq_id'  
10 4 'Structure model' '_pdbx_struct_conn_angle.ptnr2_auth_asym_id'  
11 4 'Structure model' '_pdbx_struct_conn_angle.ptnr2_auth_seq_id'   
12 4 'Structure model' '_pdbx_struct_conn_angle.ptnr2_label_asym_id' 
13 4 'Structure model' '_pdbx_struct_conn_angle.ptnr3_auth_asym_id'  
14 4 'Structure model' '_pdbx_struct_conn_angle.ptnr3_auth_comp_id'  
15 4 'Structure model' '_pdbx_struct_conn_angle.ptnr3_auth_seq_id'   
16 4 'Structure model' '_pdbx_struct_conn_angle.ptnr3_label_asym_id' 
17 4 'Structure model' '_pdbx_struct_conn_angle.ptnr3_label_atom_id' 
18 4 'Structure model' '_pdbx_struct_conn_angle.ptnr3_label_comp_id' 
19 4 'Structure model' '_pdbx_struct_conn_angle.ptnr3_label_seq_id'  
20 4 'Structure model' '_pdbx_struct_conn_angle.value'               
21 4 'Structure model' '_struct_conn.pdbx_dist_value'                
22 4 'Structure model' '_struct_conn.ptnr1_auth_asym_id'             
23 4 'Structure model' '_struct_conn.ptnr1_auth_comp_id'             
24 4 'Structure model' '_struct_conn.ptnr1_auth_seq_id'              
25 4 'Structure model' '_struct_conn.ptnr1_label_asym_id'            
26 4 'Structure model' '_struct_conn.ptnr1_label_atom_id'            
27 4 'Structure model' '_struct_conn.ptnr1_label_comp_id'            
28 4 'Structure model' '_struct_conn.ptnr1_label_seq_id'             
29 4 'Structure model' '_struct_conn.ptnr2_auth_asym_id'             
30 4 'Structure model' '_struct_conn.ptnr2_auth_comp_id'             
31 4 'Structure model' '_struct_conn.ptnr2_auth_seq_id'              
32 4 'Structure model' '_struct_conn.ptnr2_label_asym_id'            
33 4 'Structure model' '_struct_conn.ptnr2_label_atom_id'            
34 4 'Structure model' '_struct_conn.ptnr2_label_comp_id'            
35 4 'Structure model' '_struct_conn.ptnr2_label_seq_id'             
36 4 'Structure model' '_struct_ref_seq_dif.details'                 
37 4 'Structure model' '_struct_site.pdbx_auth_asym_id'              
38 4 'Structure model' '_struct_site.pdbx_auth_comp_id'              
39 4 'Structure model' '_struct_site.pdbx_auth_seq_id'               
# 
_pdbx_phasing_MR.entry_id                     2GXB 
_pdbx_phasing_MR.method_rotation              ? 
_pdbx_phasing_MR.method_translation           ? 
_pdbx_phasing_MR.model_details                ? 
_pdbx_phasing_MR.R_factor                     0.548 
_pdbx_phasing_MR.R_rigid_body                 ? 
_pdbx_phasing_MR.correlation_coeff_Fo_to_Fc   0.350 
_pdbx_phasing_MR.correlation_coeff_Io_to_Ic   ? 
_pdbx_phasing_MR.d_res_high_rotation          ? 
_pdbx_phasing_MR.d_res_low_rotation           ? 
_pdbx_phasing_MR.d_res_high_translation       4.000 
_pdbx_phasing_MR.d_res_low_translation        15.000 
_pdbx_phasing_MR.packing                      ? 
_pdbx_phasing_MR.reflns_percent_rotation      ? 
_pdbx_phasing_MR.reflns_percent_translation   ? 
_pdbx_phasing_MR.sigma_F_rotation             ? 
_pdbx_phasing_MR.sigma_F_translation          ? 
_pdbx_phasing_MR.sigma_I_rotation             ? 
_pdbx_phasing_MR.sigma_I_translation          ? 
# 
loop_
_software.name 
_software.version 
_software.date 
_software.type 
_software.contact_author 
_software.contact_author_email 
_software.classification 
_software.location 
_software.language 
_software.citation_id 
_software.pdbx_ordinal 
SCALA       .         ?                other   'Phil Evans'      pre@mrc-lmb.cam.ac.uk    'data scaling'    
http://www.ccp4.ac.uk/dist/html/INDEX.html            Fortran_77 ? 1 
EPMR        .         ?                other   'Charles R'       crk@agouron.com          phasing           
http://www.msg.ucsf.edu/local/programs/epmr/epmr.html ?          ? 2 
REFMAC      5.2.0005  ?                program 'Murshudov, G.N.' ccp4@dl.ac.uk            refinement        
http://www.ccp4.ac.uk/main.html                       Fortran_77 ? 3 
PDB_EXTRACT 2.000     'April. 3, 2006' package PDB               sw-help@rcsb.rutgers.edu 'data extraction' 
http://pdb.rutgers.edu/software/                      C++        ? 4 
CCP4        '(SCALA)' ?                ?       ?                 ?                        'data scaling'    ? ?          ? 5 
# 
loop_
_pdbx_validate_rmsd_angle.id 
_pdbx_validate_rmsd_angle.PDB_model_num 
_pdbx_validate_rmsd_angle.auth_atom_id_1 
_pdbx_validate_rmsd_angle.auth_asym_id_1 
_pdbx_validate_rmsd_angle.auth_comp_id_1 
_pdbx_validate_rmsd_angle.auth_seq_id_1 
_pdbx_validate_rmsd_angle.PDB_ins_code_1 
_pdbx_validate_rmsd_angle.label_alt_id_1 
_pdbx_validate_rmsd_angle.auth_atom_id_2 
_pdbx_validate_rmsd_angle.auth_asym_id_2 
_pdbx_validate_rmsd_angle.auth_comp_id_2 
_pdbx_validate_rmsd_angle.auth_seq_id_2 
_pdbx_validate_rmsd_angle.PDB_ins_code_2 
_pdbx_validate_rmsd_angle.label_alt_id_2 
_pdbx_validate_rmsd_angle.auth_atom_id_3 
_pdbx_validate_rmsd_angle.auth_asym_id_3 
_pdbx_validate_rmsd_angle.auth_comp_id_3 
_pdbx_validate_rmsd_angle.auth_seq_id_3 
_pdbx_validate_rmsd_angle.PDB_ins_code_3 
_pdbx_validate_rmsd_angle.label_alt_id_3 
_pdbx_validate_rmsd_angle.angle_value 
_pdbx_validate_rmsd_angle.angle_target_value 
_pdbx_validate_rmsd_angle.angle_deviation 
_pdbx_validate_rmsd_angle.angle_standard_deviation 
_pdbx_validate_rmsd_angle.linker_flag 
1 1 "O4'" E DU 0 ? ? "C4'" E DU 0 ? ? "C3'" E DU 0 ? ? 101.35 104.50 -3.15  0.40 N 
2 1 "C1'" E DU 0 ? ? "O4'" E DU 0 ? ? "C4'" E DU 0 ? ? 99.42  110.10 -10.68 1.00 N 
3 1 "O4'" E DU 0 ? ? "C1'" E DU 0 ? ? N1    E DU 0 ? ? 111.05 108.30 2.75   0.30 N 
# 
loop_
_pdbx_unobs_or_zero_occ_atoms.id 
_pdbx_unobs_or_zero_occ_atoms.PDB_model_num 
_pdbx_unobs_or_zero_occ_atoms.polymer_flag 
_pdbx_unobs_or_zero_occ_atoms.occupancy_flag 
_pdbx_unobs_or_zero_occ_atoms.auth_asym_id 
_pdbx_unobs_or_zero_occ_atoms.auth_comp_id 
_pdbx_unobs_or_zero_occ_atoms.auth_seq_id 
_pdbx_unobs_or_zero_occ_atoms.PDB_ins_code 
_pdbx_unobs_or_zero_occ_atoms.auth_atom_id 
_pdbx_unobs_or_zero_occ_atoms.label_alt_id 
_pdbx_unobs_or_zero_occ_atoms.label_asym_id 
_pdbx_unobs_or_zero_occ_atoms.label_comp_id 
_pdbx_unobs_or_zero_occ_atoms.label_seq_id 
_pdbx_unobs_or_zero_occ_atoms.label_atom_id 
1 1 Y 1 B LYS 145 ? CG ? D LYS 9 CG 
2 1 Y 1 B LYS 145 ? CD ? D LYS 9 CD 
3 1 Y 1 B LYS 145 ? CE ? D LYS 9 CE 
4 1 Y 1 B LYS 145 ? NZ ? D LYS 9 NZ 
# 
loop_
_pdbx_unobs_or_zero_occ_residues.id 
_pdbx_unobs_or_zero_occ_residues.PDB_model_num 
_pdbx_unobs_or_zero_occ_residues.polymer_flag 
_pdbx_unobs_or_zero_occ_residues.occupancy_flag 
_pdbx_unobs_or_zero_occ_residues.auth_asym_id 
_pdbx_unobs_or_zero_occ_residues.auth_comp_id 
_pdbx_unobs_or_zero_occ_residues.auth_seq_id 
_pdbx_unobs_or_zero_occ_residues.PDB_ins_code 
_pdbx_unobs_or_zero_occ_residues.label_asym_id 
_pdbx_unobs_or_zero_occ_residues.label_comp_id 
_pdbx_unobs_or_zero_occ_residues.label_seq_id 
1 1 Y 1 F DU  0   ? B DU  1  
2 1 Y 1 A VAL 199 ? C VAL 63 
3 1 Y 1 A SER 200 ? C SER 64 
4 1 Y 1 A THR 201 ? C THR 65 
5 1 Y 1 A GLN 202 ? C GLN 66 
6 1 Y 1 B SER 137 ? D SER 1  
7 1 Y 1 B HIS 138 ? D HIS 2  
8 1 Y 1 B GLN 202 ? D GLN 66 
# 
loop_
_chem_comp_atom.comp_id 
_chem_comp_atom.atom_id 
_chem_comp_atom.type_symbol 
_chem_comp_atom.pdbx_aromatic_flag 
_chem_comp_atom.pdbx_stereo_config 
_chem_comp_atom.pdbx_ordinal 
ALA N      N  N N 1   
ALA CA     C  N S 2   
ALA C      C  N N 3   
ALA O      O  N N 4   
ALA CB     C  N N 5   
ALA OXT    O  N N 6   
ALA H      H  N N 7   
ALA H2     H  N N 8   
ALA HA     H  N N 9   
ALA HB1    H  N N 10  
ALA HB2    H  N N 11  
ALA HB3    H  N N 12  
ALA HXT    H  N N 13  
ARG N      N  N N 14  
ARG CA     C  N S 15  
ARG C      C  N N 16  
ARG O      O  N N 17  
ARG CB     C  N N 18  
ARG CG     C  N N 19  
ARG CD     C  N N 20  
ARG NE     N  N N 21  
ARG CZ     C  N N 22  
ARG NH1    N  N N 23  
ARG NH2    N  N N 24  
ARG OXT    O  N N 25  
ARG H      H  N N 26  
ARG H2     H  N N 27  
ARG HA     H  N N 28  
ARG HB2    H  N N 29  
ARG HB3    H  N N 30  
ARG HG2    H  N N 31  
ARG HG3    H  N N 32  
ARG HD2    H  N N 33  
ARG HD3    H  N N 34  
ARG HE     H  N N 35  
ARG HH11   H  N N 36  
ARG HH12   H  N N 37  
ARG HH21   H  N N 38  
ARG HH22   H  N N 39  
ARG HXT    H  N N 40  
ASN N      N  N N 41  
ASN CA     C  N S 42  
ASN C      C  N N 43  
ASN O      O  N N 44  
ASN CB     C  N N 45  
ASN CG     C  N N 46  
ASN OD1    O  N N 47  
ASN ND2    N  N N 48  
ASN OXT    O  N N 49  
ASN H      H  N N 50  
ASN H2     H  N N 51  
ASN HA     H  N N 52  
ASN HB2    H  N N 53  
ASN HB3    H  N N 54  
ASN HD21   H  N N 55  
ASN HD22   H  N N 56  
ASN HXT    H  N N 57  
ASP N      N  N N 58  
ASP CA     C  N S 59  
ASP C      C  N N 60  
ASP O      O  N N 61  
ASP CB     C  N N 62  
ASP CG     C  N N 63  
ASP OD1    O  N N 64  
ASP OD2    O  N N 65  
ASP OXT    O  N N 66  
ASP H      H  N N 67  
ASP H2     H  N N 68  
ASP HA     H  N N 69  
ASP HB2    H  N N 70  
ASP HB3    H  N N 71  
ASP HD2    H  N N 72  
ASP HXT    H  N N 73  
C   OP3    O  N N 74  
C   P      P  N N 75  
C   OP1    O  N N 76  
C   OP2    O  N N 77  
C   "O5'"  O  N N 78  
C   "C5'"  C  N N 79  
C   "C4'"  C  N R 80  
C   "O4'"  O  N N 81  
C   "C3'"  C  N S 82  
C   "O3'"  O  N N 83  
C   "C2'"  C  N R 84  
C   "O2'"  O  N N 85  
C   "C1'"  C  N R 86  
C   N1     N  N N 87  
C   C2     C  N N 88  
C   O2     O  N N 89  
C   N3     N  N N 90  
C   C4     C  N N 91  
C   N4     N  N N 92  
C   C5     C  N N 93  
C   C6     C  N N 94  
C   HOP3   H  N N 95  
C   HOP2   H  N N 96  
C   "H5'"  H  N N 97  
C   "H5''" H  N N 98  
C   "H4'"  H  N N 99  
C   "H3'"  H  N N 100 
C   "HO3'" H  N N 101 
C   "H2'"  H  N N 102 
C   "HO2'" H  N N 103 
C   "H1'"  H  N N 104 
C   H41    H  N N 105 
C   H42    H  N N 106 
C   H5     H  N N 107 
C   H6     H  N N 108 
DU  OP3    O  N N 109 
DU  P      P  N N 110 
DU  OP1    O  N N 111 
DU  OP2    O  N N 112 
DU  "O5'"  O  N N 113 
DU  "C5'"  C  N N 114 
DU  "C4'"  C  N R 115 
DU  "O4'"  O  N N 116 
DU  "C3'"  C  N S 117 
DU  "O3'"  O  N N 118 
DU  "C2'"  C  N N 119 
DU  "C1'"  C  N R 120 
DU  N1     N  N N 121 
DU  C2     C  N N 122 
DU  O2     O  N N 123 
DU  N3     N  N N 124 
DU  C4     C  N N 125 
DU  O4     O  N N 126 
DU  C5     C  N N 127 
DU  C6     C  N N 128 
DU  HOP3   H  N N 129 
DU  HOP2   H  N N 130 
DU  "H5'"  H  N N 131 
DU  "H5''" H  N N 132 
DU  "H4'"  H  N N 133 
DU  "H3'"  H  N N 134 
DU  "HO3'" H  N N 135 
DU  "H2'"  H  N N 136 
DU  "H2''" H  N N 137 
DU  "H1'"  H  N N 138 
DU  H3     H  N N 139 
DU  H5     H  N N 140 
DU  H6     H  N N 141 
G   OP3    O  N N 142 
G   P      P  N N 143 
G   OP1    O  N N 144 
G   OP2    O  N N 145 
G   "O5'"  O  N N 146 
G   "C5'"  C  N N 147 
G   "C4'"  C  N R 148 
G   "O4'"  O  N N 149 
G   "C3'"  C  N S 150 
G   "O3'"  O  N N 151 
G   "C2'"  C  N R 152 
G   "O2'"  O  N N 153 
G   "C1'"  C  N R 154 
G   N9     N  Y N 155 
G   C8     C  Y N 156 
G   N7     N  Y N 157 
G   C5     C  Y N 158 
G   C6     C  N N 159 
G   O6     O  N N 160 
G   N1     N  N N 161 
G   C2     C  N N 162 
G   N2     N  N N 163 
G   N3     N  N N 164 
G   C4     C  Y N 165 
G   HOP3   H  N N 166 
G   HOP2   H  N N 167 
G   "H5'"  H  N N 168 
G   "H5''" H  N N 169 
G   "H4'"  H  N N 170 
G   "H3'"  H  N N 171 
G   "HO3'" H  N N 172 
G   "H2'"  H  N N 173 
G   "HO2'" H  N N 174 
G   "H1'"  H  N N 175 
G   H8     H  N N 176 
G   H1     H  N N 177 
G   H21    H  N N 178 
G   H22    H  N N 179 
GLN N      N  N N 180 
GLN CA     C  N S 181 
GLN C      C  N N 182 
GLN O      O  N N 183 
GLN CB     C  N N 184 
GLN CG     C  N N 185 
GLN CD     C  N N 186 
GLN OE1    O  N N 187 
GLN NE2    N  N N 188 
GLN OXT    O  N N 189 
GLN H      H  N N 190 
GLN H2     H  N N 191 
GLN HA     H  N N 192 
GLN HB2    H  N N 193 
GLN HB3    H  N N 194 
GLN HG2    H  N N 195 
GLN HG3    H  N N 196 
GLN HE21   H  N N 197 
GLN HE22   H  N N 198 
GLN HXT    H  N N 199 
GLU N      N  N N 200 
GLU CA     C  N S 201 
GLU C      C  N N 202 
GLU O      O  N N 203 
GLU CB     C  N N 204 
GLU CG     C  N N 205 
GLU CD     C  N N 206 
GLU OE1    O  N N 207 
GLU OE2    O  N N 208 
GLU OXT    O  N N 209 
GLU H      H  N N 210 
GLU H2     H  N N 211 
GLU HA     H  N N 212 
GLU HB2    H  N N 213 
GLU HB3    H  N N 214 
GLU HG2    H  N N 215 
GLU HG3    H  N N 216 
GLU HE2    H  N N 217 
GLU HXT    H  N N 218 
GLY N      N  N N 219 
GLY CA     C  N N 220 
GLY C      C  N N 221 
GLY O      O  N N 222 
GLY OXT    O  N N 223 
GLY H      H  N N 224 
GLY H2     H  N N 225 
GLY HA2    H  N N 226 
GLY HA3    H  N N 227 
GLY HXT    H  N N 228 
HIS N      N  N N 229 
HIS CA     C  N S 230 
HIS C      C  N N 231 
HIS O      O  N N 232 
HIS CB     C  N N 233 
HIS CG     C  Y N 234 
HIS ND1    N  Y N 235 
HIS CD2    C  Y N 236 
HIS CE1    C  Y N 237 
HIS NE2    N  Y N 238 
HIS OXT    O  N N 239 
HIS H      H  N N 240 
HIS H2     H  N N 241 
HIS HA     H  N N 242 
HIS HB2    H  N N 243 
HIS HB3    H  N N 244 
HIS HD1    H  N N 245 
HIS HD2    H  N N 246 
HIS HE1    H  N N 247 
HIS HE2    H  N N 248 
HIS HXT    H  N N 249 
HOH O      O  N N 250 
HOH H1     H  N N 251 
HOH H2     H  N N 252 
ILE N      N  N N 253 
ILE CA     C  N S 254 
ILE C      C  N N 255 
ILE O      O  N N 256 
ILE CB     C  N S 257 
ILE CG1    C  N N 258 
ILE CG2    C  N N 259 
ILE CD1    C  N N 260 
ILE OXT    O  N N 261 
ILE H      H  N N 262 
ILE H2     H  N N 263 
ILE HA     H  N N 264 
ILE HB     H  N N 265 
ILE HG12   H  N N 266 
ILE HG13   H  N N 267 
ILE HG21   H  N N 268 
ILE HG22   H  N N 269 
ILE HG23   H  N N 270 
ILE HD11   H  N N 271 
ILE HD12   H  N N 272 
ILE HD13   H  N N 273 
ILE HXT    H  N N 274 
LEU N      N  N N 275 
LEU CA     C  N S 276 
LEU C      C  N N 277 
LEU O      O  N N 278 
LEU CB     C  N N 279 
LEU CG     C  N N 280 
LEU CD1    C  N N 281 
LEU CD2    C  N N 282 
LEU OXT    O  N N 283 
LEU H      H  N N 284 
LEU H2     H  N N 285 
LEU HA     H  N N 286 
LEU HB2    H  N N 287 
LEU HB3    H  N N 288 
LEU HG     H  N N 289 
LEU HD11   H  N N 290 
LEU HD12   H  N N 291 
LEU HD13   H  N N 292 
LEU HD21   H  N N 293 
LEU HD22   H  N N 294 
LEU HD23   H  N N 295 
LEU HXT    H  N N 296 
LYS N      N  N N 297 
LYS CA     C  N S 298 
LYS C      C  N N 299 
LYS O      O  N N 300 
LYS CB     C  N N 301 
LYS CG     C  N N 302 
LYS CD     C  N N 303 
LYS CE     C  N N 304 
LYS NZ     N  N N 305 
LYS OXT    O  N N 306 
LYS H      H  N N 307 
LYS H2     H  N N 308 
LYS HA     H  N N 309 
LYS HB2    H  N N 310 
LYS HB3    H  N N 311 
LYS HG2    H  N N 312 
LYS HG3    H  N N 313 
LYS HD2    H  N N 314 
LYS HD3    H  N N 315 
LYS HE2    H  N N 316 
LYS HE3    H  N N 317 
LYS HZ1    H  N N 318 
LYS HZ2    H  N N 319 
LYS HZ3    H  N N 320 
LYS HXT    H  N N 321 
MET N      N  N N 322 
MET CA     C  N S 323 
MET C      C  N N 324 
MET O      O  N N 325 
MET CB     C  N N 326 
MET CG     C  N N 327 
MET SD     S  N N 328 
MET CE     C  N N 329 
MET OXT    O  N N 330 
MET H      H  N N 331 
MET H2     H  N N 332 
MET HA     H  N N 333 
MET HB2    H  N N 334 
MET HB3    H  N N 335 
MET HG2    H  N N 336 
MET HG3    H  N N 337 
MET HE1    H  N N 338 
MET HE2    H  N N 339 
MET HE3    H  N N 340 
MET HXT    H  N N 341 
NA  NA     NA N N 342 
PHE N      N  N N 343 
PHE CA     C  N S 344 
PHE C      C  N N 345 
PHE O      O  N N 346 
PHE CB     C  N N 347 
PHE CG     C  Y N 348 
PHE CD1    C  Y N 349 
PHE CD2    C  Y N 350 
PHE CE1    C  Y N 351 
PHE CE2    C  Y N 352 
PHE CZ     C  Y N 353 
PHE OXT    O  N N 354 
PHE H      H  N N 355 
PHE H2     H  N N 356 
PHE HA     H  N N 357 
PHE HB2    H  N N 358 
PHE HB3    H  N N 359 
PHE HD1    H  N N 360 
PHE HD2    H  N N 361 
PHE HE1    H  N N 362 
PHE HE2    H  N N 363 
PHE HZ     H  N N 364 
PHE HXT    H  N N 365 
PRO N      N  N N 366 
PRO CA     C  N S 367 
PRO C      C  N N 368 
PRO O      O  N N 369 
PRO CB     C  N N 370 
PRO CG     C  N N 371 
PRO CD     C  N N 372 
PRO OXT    O  N N 373 
PRO H      H  N N 374 
PRO HA     H  N N 375 
PRO HB2    H  N N 376 
PRO HB3    H  N N 377 
PRO HG2    H  N N 378 
PRO HG3    H  N N 379 
PRO HD2    H  N N 380 
PRO HD3    H  N N 381 
PRO HXT    H  N N 382 
SER N      N  N N 383 
SER CA     C  N S 384 
SER C      C  N N 385 
SER O      O  N N 386 
SER CB     C  N N 387 
SER OG     O  N N 388 
SER OXT    O  N N 389 
SER H      H  N N 390 
SER H2     H  N N 391 
SER HA     H  N N 392 
SER HB2    H  N N 393 
SER HB3    H  N N 394 
SER HG     H  N N 395 
SER HXT    H  N N 396 
THR N      N  N N 397 
THR CA     C  N S 398 
THR C      C  N N 399 
THR O      O  N N 400 
THR CB     C  N R 401 
THR OG1    O  N N 402 
THR CG2    C  N N 403 
THR OXT    O  N N 404 
THR H      H  N N 405 
THR H2     H  N N 406 
THR HA     H  N N 407 
THR HB     H  N N 408 
THR HG1    H  N N 409 
THR HG21   H  N N 410 
THR HG22   H  N N 411 
THR HG23   H  N N 412 
THR HXT    H  N N 413 
TRP N      N  N N 414 
TRP CA     C  N S 415 
TRP C      C  N N 416 
TRP O      O  N N 417 
TRP CB     C  N N 418 
TRP CG     C  Y N 419 
TRP CD1    C  Y N 420 
TRP CD2    C  Y N 421 
TRP NE1    N  Y N 422 
TRP CE2    C  Y N 423 
TRP CE3    C  Y N 424 
TRP CZ2    C  Y N 425 
TRP CZ3    C  Y N 426 
TRP CH2    C  Y N 427 
TRP OXT    O  N N 428 
TRP H      H  N N 429 
TRP H2     H  N N 430 
TRP HA     H  N N 431 
TRP HB2    H  N N 432 
TRP HB3    H  N N 433 
TRP HD1    H  N N 434 
TRP HE1    H  N N 435 
TRP HE3    H  N N 436 
TRP HZ2    H  N N 437 
TRP HZ3    H  N N 438 
TRP HH2    H  N N 439 
TRP HXT    H  N N 440 
TYR N      N  N N 441 
TYR CA     C  N S 442 
TYR C      C  N N 443 
TYR O      O  N N 444 
TYR CB     C  N N 445 
TYR CG     C  Y N 446 
TYR CD1    C  Y N 447 
TYR CD2    C  Y N 448 
TYR CE1    C  Y N 449 
TYR CE2    C  Y N 450 
TYR CZ     C  Y N 451 
TYR OH     O  N N 452 
TYR OXT    O  N N 453 
TYR H      H  N N 454 
TYR H2     H  N N 455 
TYR HA     H  N N 456 
TYR HB2    H  N N 457 
TYR HB3    H  N N 458 
TYR HD1    H  N N 459 
TYR HD2    H  N N 460 
TYR HE1    H  N N 461 
TYR HE2    H  N N 462 
TYR HH     H  N N 463 
TYR HXT    H  N N 464 
VAL N      N  N N 465 
VAL CA     C  N S 466 
VAL C      C  N N 467 
VAL O      O  N N 468 
VAL CB     C  N N 469 
VAL CG1    C  N N 470 
VAL CG2    C  N N 471 
VAL OXT    O  N N 472 
VAL H      H  N N 473 
VAL H2     H  N N 474 
VAL HA     H  N N 475 
VAL HB     H  N N 476 
VAL HG11   H  N N 477 
VAL HG12   H  N N 478 
VAL HG13   H  N N 479 
VAL HG21   H  N N 480 
VAL HG22   H  N N 481 
VAL HG23   H  N N 482 
VAL HXT    H  N N 483 
# 
loop_
_chem_comp_bond.comp_id 
_chem_comp_bond.atom_id_1 
_chem_comp_bond.atom_id_2 
_chem_comp_bond.value_order 
_chem_comp_bond.pdbx_aromatic_flag 
_chem_comp_bond.pdbx_stereo_config 
_chem_comp_bond.pdbx_ordinal 
ALA N     CA     sing N N 1   
ALA N     H      sing N N 2   
ALA N     H2     sing N N 3   
ALA CA    C      sing N N 4   
ALA CA    CB     sing N N 5   
ALA CA    HA     sing N N 6   
ALA C     O      doub N N 7   
ALA C     OXT    sing N N 8   
ALA CB    HB1    sing N N 9   
ALA CB    HB2    sing N N 10  
ALA CB    HB3    sing N N 11  
ALA OXT   HXT    sing N N 12  
ARG N     CA     sing N N 13  
ARG N     H      sing N N 14  
ARG N     H2     sing N N 15  
ARG CA    C      sing N N 16  
ARG CA    CB     sing N N 17  
ARG CA    HA     sing N N 18  
ARG C     O      doub N N 19  
ARG C     OXT    sing N N 20  
ARG CB    CG     sing N N 21  
ARG CB    HB2    sing N N 22  
ARG CB    HB3    sing N N 23  
ARG CG    CD     sing N N 24  
ARG CG    HG2    sing N N 25  
ARG CG    HG3    sing N N 26  
ARG CD    NE     sing N N 27  
ARG CD    HD2    sing N N 28  
ARG CD    HD3    sing N N 29  
ARG NE    CZ     sing N N 30  
ARG NE    HE     sing N N 31  
ARG CZ    NH1    sing N N 32  
ARG CZ    NH2    doub N N 33  
ARG NH1   HH11   sing N N 34  
ARG NH1   HH12   sing N N 35  
ARG NH2   HH21   sing N N 36  
ARG NH2   HH22   sing N N 37  
ARG OXT   HXT    sing N N 38  
ASN N     CA     sing N N 39  
ASN N     H      sing N N 40  
ASN N     H2     sing N N 41  
ASN CA    C      sing N N 42  
ASN CA    CB     sing N N 43  
ASN CA    HA     sing N N 44  
ASN C     O      doub N N 45  
ASN C     OXT    sing N N 46  
ASN CB    CG     sing N N 47  
ASN CB    HB2    sing N N 48  
ASN CB    HB3    sing N N 49  
ASN CG    OD1    doub N N 50  
ASN CG    ND2    sing N N 51  
ASN ND2   HD21   sing N N 52  
ASN ND2   HD22   sing N N 53  
ASN OXT   HXT    sing N N 54  
ASP N     CA     sing N N 55  
ASP N     H      sing N N 56  
ASP N     H2     sing N N 57  
ASP CA    C      sing N N 58  
ASP CA    CB     sing N N 59  
ASP CA    HA     sing N N 60  
ASP C     O      doub N N 61  
ASP C     OXT    sing N N 62  
ASP CB    CG     sing N N 63  
ASP CB    HB2    sing N N 64  
ASP CB    HB3    sing N N 65  
ASP CG    OD1    doub N N 66  
ASP CG    OD2    sing N N 67  
ASP OD2   HD2    sing N N 68  
ASP OXT   HXT    sing N N 69  
C   OP3   P      sing N N 70  
C   OP3   HOP3   sing N N 71  
C   P     OP1    doub N N 72  
C   P     OP2    sing N N 73  
C   P     "O5'"  sing N N 74  
C   OP2   HOP2   sing N N 75  
C   "O5'" "C5'"  sing N N 76  
C   "C5'" "C4'"  sing N N 77  
C   "C5'" "H5'"  sing N N 78  
C   "C5'" "H5''" sing N N 79  
C   "C4'" "O4'"  sing N N 80  
C   "C4'" "C3'"  sing N N 81  
C   "C4'" "H4'"  sing N N 82  
C   "O4'" "C1'"  sing N N 83  
C   "C3'" "O3'"  sing N N 84  
C   "C3'" "C2'"  sing N N 85  
C   "C3'" "H3'"  sing N N 86  
C   "O3'" "HO3'" sing N N 87  
C   "C2'" "O2'"  sing N N 88  
C   "C2'" "C1'"  sing N N 89  
C   "C2'" "H2'"  sing N N 90  
C   "O2'" "HO2'" sing N N 91  
C   "C1'" N1     sing N N 92  
C   "C1'" "H1'"  sing N N 93  
C   N1    C2     sing N N 94  
C   N1    C6     sing N N 95  
C   C2    O2     doub N N 96  
C   C2    N3     sing N N 97  
C   N3    C4     doub N N 98  
C   C4    N4     sing N N 99  
C   C4    C5     sing N N 100 
C   N4    H41    sing N N 101 
C   N4    H42    sing N N 102 
C   C5    C6     doub N N 103 
C   C5    H5     sing N N 104 
C   C6    H6     sing N N 105 
DU  OP3   P      sing N N 106 
DU  OP3   HOP3   sing N N 107 
DU  P     OP1    doub N N 108 
DU  P     OP2    sing N N 109 
DU  P     "O5'"  sing N N 110 
DU  OP2   HOP2   sing N N 111 
DU  "O5'" "C5'"  sing N N 112 
DU  "C5'" "C4'"  sing N N 113 
DU  "C5'" "H5'"  sing N N 114 
DU  "C5'" "H5''" sing N N 115 
DU  "C4'" "O4'"  sing N N 116 
DU  "C4'" "C3'"  sing N N 117 
DU  "C4'" "H4'"  sing N N 118 
DU  "O4'" "C1'"  sing N N 119 
DU  "C3'" "O3'"  sing N N 120 
DU  "C3'" "C2'"  sing N N 121 
DU  "C3'" "H3'"  sing N N 122 
DU  "O3'" "HO3'" sing N N 123 
DU  "C2'" "C1'"  sing N N 124 
DU  "C2'" "H2'"  sing N N 125 
DU  "C2'" "H2''" sing N N 126 
DU  "C1'" N1     sing N N 127 
DU  "C1'" "H1'"  sing N N 128 
DU  N1    C2     sing N N 129 
DU  N1    C6     sing N N 130 
DU  C2    O2     doub N N 131 
DU  C2    N3     sing N N 132 
DU  N3    C4     sing N N 133 
DU  N3    H3     sing N N 134 
DU  C4    O4     doub N N 135 
DU  C4    C5     sing N N 136 
DU  C5    C6     doub N N 137 
DU  C5    H5     sing N N 138 
DU  C6    H6     sing N N 139 
G   OP3   P      sing N N 140 
G   OP3   HOP3   sing N N 141 
G   P     OP1    doub N N 142 
G   P     OP2    sing N N 143 
G   P     "O5'"  sing N N 144 
G   OP2   HOP2   sing N N 145 
G   "O5'" "C5'"  sing N N 146 
G   "C5'" "C4'"  sing N N 147 
G   "C5'" "H5'"  sing N N 148 
G   "C5'" "H5''" sing N N 149 
G   "C4'" "O4'"  sing N N 150 
G   "C4'" "C3'"  sing N N 151 
G   "C4'" "H4'"  sing N N 152 
G   "O4'" "C1'"  sing N N 153 
G   "C3'" "O3'"  sing N N 154 
G   "C3'" "C2'"  sing N N 155 
G   "C3'" "H3'"  sing N N 156 
G   "O3'" "HO3'" sing N N 157 
G   "C2'" "O2'"  sing N N 158 
G   "C2'" "C1'"  sing N N 159 
G   "C2'" "H2'"  sing N N 160 
G   "O2'" "HO2'" sing N N 161 
G   "C1'" N9     sing N N 162 
G   "C1'" "H1'"  sing N N 163 
G   N9    C8     sing Y N 164 
G   N9    C4     sing Y N 165 
G   C8    N7     doub Y N 166 
G   C8    H8     sing N N 167 
G   N7    C5     sing Y N 168 
G   C5    C6     sing N N 169 
G   C5    C4     doub Y N 170 
G   C6    O6     doub N N 171 
G   C6    N1     sing N N 172 
G   N1    C2     sing N N 173 
G   N1    H1     sing N N 174 
G   C2    N2     sing N N 175 
G   C2    N3     doub N N 176 
G   N2    H21    sing N N 177 
G   N2    H22    sing N N 178 
G   N3    C4     sing N N 179 
GLN N     CA     sing N N 180 
GLN N     H      sing N N 181 
GLN N     H2     sing N N 182 
GLN CA    C      sing N N 183 
GLN CA    CB     sing N N 184 
GLN CA    HA     sing N N 185 
GLN C     O      doub N N 186 
GLN C     OXT    sing N N 187 
GLN CB    CG     sing N N 188 
GLN CB    HB2    sing N N 189 
GLN CB    HB3    sing N N 190 
GLN CG    CD     sing N N 191 
GLN CG    HG2    sing N N 192 
GLN CG    HG3    sing N N 193 
GLN CD    OE1    doub N N 194 
GLN CD    NE2    sing N N 195 
GLN NE2   HE21   sing N N 196 
GLN NE2   HE22   sing N N 197 
GLN OXT   HXT    sing N N 198 
GLU N     CA     sing N N 199 
GLU N     H      sing N N 200 
GLU N     H2     sing N N 201 
GLU CA    C      sing N N 202 
GLU CA    CB     sing N N 203 
GLU CA    HA     sing N N 204 
GLU C     O      doub N N 205 
GLU C     OXT    sing N N 206 
GLU CB    CG     sing N N 207 
GLU CB    HB2    sing N N 208 
GLU CB    HB3    sing N N 209 
GLU CG    CD     sing N N 210 
GLU CG    HG2    sing N N 211 
GLU CG    HG3    sing N N 212 
GLU CD    OE1    doub N N 213 
GLU CD    OE2    sing N N 214 
GLU OE2   HE2    sing N N 215 
GLU OXT   HXT    sing N N 216 
GLY N     CA     sing N N 217 
GLY N     H      sing N N 218 
GLY N     H2     sing N N 219 
GLY CA    C      sing N N 220 
GLY CA    HA2    sing N N 221 
GLY CA    HA3    sing N N 222 
GLY C     O      doub N N 223 
GLY C     OXT    sing N N 224 
GLY OXT   HXT    sing N N 225 
HIS N     CA     sing N N 226 
HIS N     H      sing N N 227 
HIS N     H2     sing N N 228 
HIS CA    C      sing N N 229 
HIS CA    CB     sing N N 230 
HIS CA    HA     sing N N 231 
HIS C     O      doub N N 232 
HIS C     OXT    sing N N 233 
HIS CB    CG     sing N N 234 
HIS CB    HB2    sing N N 235 
HIS CB    HB3    sing N N 236 
HIS CG    ND1    sing Y N 237 
HIS CG    CD2    doub Y N 238 
HIS ND1   CE1    doub Y N 239 
HIS ND1   HD1    sing N N 240 
HIS CD2   NE2    sing Y N 241 
HIS CD2   HD2    sing N N 242 
HIS CE1   NE2    sing Y N 243 
HIS CE1   HE1    sing N N 244 
HIS NE2   HE2    sing N N 245 
HIS OXT   HXT    sing N N 246 
HOH O     H1     sing N N 247 
HOH O     H2     sing N N 248 
ILE N     CA     sing N N 249 
ILE N     H      sing N N 250 
ILE N     H2     sing N N 251 
ILE CA    C      sing N N 252 
ILE CA    CB     sing N N 253 
ILE CA    HA     sing N N 254 
ILE C     O      doub N N 255 
ILE C     OXT    sing N N 256 
ILE CB    CG1    sing N N 257 
ILE CB    CG2    sing N N 258 
ILE CB    HB     sing N N 259 
ILE CG1   CD1    sing N N 260 
ILE CG1   HG12   sing N N 261 
ILE CG1   HG13   sing N N 262 
ILE CG2   HG21   sing N N 263 
ILE CG2   HG22   sing N N 264 
ILE CG2   HG23   sing N N 265 
ILE CD1   HD11   sing N N 266 
ILE CD1   HD12   sing N N 267 
ILE CD1   HD13   sing N N 268 
ILE OXT   HXT    sing N N 269 
LEU N     CA     sing N N 270 
LEU N     H      sing N N 271 
LEU N     H2     sing N N 272 
LEU CA    C      sing N N 273 
LEU CA    CB     sing N N 274 
LEU CA    HA     sing N N 275 
LEU C     O      doub N N 276 
LEU C     OXT    sing N N 277 
LEU CB    CG     sing N N 278 
LEU CB    HB2    sing N N 279 
LEU CB    HB3    sing N N 280 
LEU CG    CD1    sing N N 281 
LEU CG    CD2    sing N N 282 
LEU CG    HG     sing N N 283 
LEU CD1   HD11   sing N N 284 
LEU CD1   HD12   sing N N 285 
LEU CD1   HD13   sing N N 286 
LEU CD2   HD21   sing N N 287 
LEU CD2   HD22   sing N N 288 
LEU CD2   HD23   sing N N 289 
LEU OXT   HXT    sing N N 290 
LYS N     CA     sing N N 291 
LYS N     H      sing N N 292 
LYS N     H2     sing N N 293 
LYS CA    C      sing N N 294 
LYS CA    CB     sing N N 295 
LYS CA    HA     sing N N 296 
LYS C     O      doub N N 297 
LYS C     OXT    sing N N 298 
LYS CB    CG     sing N N 299 
LYS CB    HB2    sing N N 300 
LYS CB    HB3    sing N N 301 
LYS CG    CD     sing N N 302 
LYS CG    HG2    sing N N 303 
LYS CG    HG3    sing N N 304 
LYS CD    CE     sing N N 305 
LYS CD    HD2    sing N N 306 
LYS CD    HD3    sing N N 307 
LYS CE    NZ     sing N N 308 
LYS CE    HE2    sing N N 309 
LYS CE    HE3    sing N N 310 
LYS NZ    HZ1    sing N N 311 
LYS NZ    HZ2    sing N N 312 
LYS NZ    HZ3    sing N N 313 
LYS OXT   HXT    sing N N 314 
MET N     CA     sing N N 315 
MET N     H      sing N N 316 
MET N     H2     sing N N 317 
MET CA    C      sing N N 318 
MET CA    CB     sing N N 319 
MET CA    HA     sing N N 320 
MET C     O      doub N N 321 
MET C     OXT    sing N N 322 
MET CB    CG     sing N N 323 
MET CB    HB2    sing N N 324 
MET CB    HB3    sing N N 325 
MET CG    SD     sing N N 326 
MET CG    HG2    sing N N 327 
MET CG    HG3    sing N N 328 
MET SD    CE     sing N N 329 
MET CE    HE1    sing N N 330 
MET CE    HE2    sing N N 331 
MET CE    HE3    sing N N 332 
MET OXT   HXT    sing N N 333 
PHE N     CA     sing N N 334 
PHE N     H      sing N N 335 
PHE N     H2     sing N N 336 
PHE CA    C      sing N N 337 
PHE CA    CB     sing N N 338 
PHE CA    HA     sing N N 339 
PHE C     O      doub N N 340 
PHE C     OXT    sing N N 341 
PHE CB    CG     sing N N 342 
PHE CB    HB2    sing N N 343 
PHE CB    HB3    sing N N 344 
PHE CG    CD1    doub Y N 345 
PHE CG    CD2    sing Y N 346 
PHE CD1   CE1    sing Y N 347 
PHE CD1   HD1    sing N N 348 
PHE CD2   CE2    doub Y N 349 
PHE CD2   HD2    sing N N 350 
PHE CE1   CZ     doub Y N 351 
PHE CE1   HE1    sing N N 352 
PHE CE2   CZ     sing Y N 353 
PHE CE2   HE2    sing N N 354 
PHE CZ    HZ     sing N N 355 
PHE OXT   HXT    sing N N 356 
PRO N     CA     sing N N 357 
PRO N     CD     sing N N 358 
PRO N     H      sing N N 359 
PRO CA    C      sing N N 360 
PRO CA    CB     sing N N 361 
PRO CA    HA     sing N N 362 
PRO C     O      doub N N 363 
PRO C     OXT    sing N N 364 
PRO CB    CG     sing N N 365 
PRO CB    HB2    sing N N 366 
PRO CB    HB3    sing N N 367 
PRO CG    CD     sing N N 368 
PRO CG    HG2    sing N N 369 
PRO CG    HG3    sing N N 370 
PRO CD    HD2    sing N N 371 
PRO CD    HD3    sing N N 372 
PRO OXT   HXT    sing N N 373 
SER N     CA     sing N N 374 
SER N     H      sing N N 375 
SER N     H2     sing N N 376 
SER CA    C      sing N N 377 
SER CA    CB     sing N N 378 
SER CA    HA     sing N N 379 
SER C     O      doub N N 380 
SER C     OXT    sing N N 381 
SER CB    OG     sing N N 382 
SER CB    HB2    sing N N 383 
SER CB    HB3    sing N N 384 
SER OG    HG     sing N N 385 
SER OXT   HXT    sing N N 386 
THR N     CA     sing N N 387 
THR N     H      sing N N 388 
THR N     H2     sing N N 389 
THR CA    C      sing N N 390 
THR CA    CB     sing N N 391 
THR CA    HA     sing N N 392 
THR C     O      doub N N 393 
THR C     OXT    sing N N 394 
THR CB    OG1    sing N N 395 
THR CB    CG2    sing N N 396 
THR CB    HB     sing N N 397 
THR OG1   HG1    sing N N 398 
THR CG2   HG21   sing N N 399 
THR CG2   HG22   sing N N 400 
THR CG2   HG23   sing N N 401 
THR OXT   HXT    sing N N 402 
TRP N     CA     sing N N 403 
TRP N     H      sing N N 404 
TRP N     H2     sing N N 405 
TRP CA    C      sing N N 406 
TRP CA    CB     sing N N 407 
TRP CA    HA     sing N N 408 
TRP C     O      doub N N 409 
TRP C     OXT    sing N N 410 
TRP CB    CG     sing N N 411 
TRP CB    HB2    sing N N 412 
TRP CB    HB3    sing N N 413 
TRP CG    CD1    doub Y N 414 
TRP CG    CD2    sing Y N 415 
TRP CD1   NE1    sing Y N 416 
TRP CD1   HD1    sing N N 417 
TRP CD2   CE2    doub Y N 418 
TRP CD2   CE3    sing Y N 419 
TRP NE1   CE2    sing Y N 420 
TRP NE1   HE1    sing N N 421 
TRP CE2   CZ2    sing Y N 422 
TRP CE3   CZ3    doub Y N 423 
TRP CE3   HE3    sing N N 424 
TRP CZ2   CH2    doub Y N 425 
TRP CZ2   HZ2    sing N N 426 
TRP CZ3   CH2    sing Y N 427 
TRP CZ3   HZ3    sing N N 428 
TRP CH2   HH2    sing N N 429 
TRP OXT   HXT    sing N N 430 
TYR N     CA     sing N N 431 
TYR N     H      sing N N 432 
TYR N     H2     sing N N 433 
TYR CA    C      sing N N 434 
TYR CA    CB     sing N N 435 
TYR CA    HA     sing N N 436 
TYR C     O      doub N N 437 
TYR C     OXT    sing N N 438 
TYR CB    CG     sing N N 439 
TYR CB    HB2    sing N N 440 
TYR CB    HB3    sing N N 441 
TYR CG    CD1    doub Y N 442 
TYR CG    CD2    sing Y N 443 
TYR CD1   CE1    sing Y N 444 
TYR CD1   HD1    sing N N 445 
TYR CD2   CE2    doub Y N 446 
TYR CD2   HD2    sing N N 447 
TYR CE1   CZ     doub Y N 448 
TYR CE1   HE1    sing N N 449 
TYR CE2   CZ     sing Y N 450 
TYR CE2   HE2    sing N N 451 
TYR CZ    OH     sing N N 452 
TYR OH    HH     sing N N 453 
TYR OXT   HXT    sing N N 454 
VAL N     CA     sing N N 455 
VAL N     H      sing N N 456 
VAL N     H2     sing N N 457 
VAL CA    C      sing N N 458 
VAL CA    CB     sing N N 459 
VAL CA    HA     sing N N 460 
VAL C     O      doub N N 461 
VAL C     OXT    sing N N 462 
VAL CB    CG1    sing N N 463 
VAL CB    CG2    sing N N 464 
VAL CB    HB     sing N N 465 
VAL CG1   HG11   sing N N 466 
VAL CG1   HG12   sing N N 467 
VAL CG1   HG13   sing N N 468 
VAL CG2   HG21   sing N N 469 
VAL CG2   HG22   sing N N 470 
VAL CG2   HG23   sing N N 471 
VAL OXT   HXT    sing N N 472 
# 
_ndb_struct_conf_na.entry_id   2GXB 
_ndb_struct_conf_na.feature    'z-form double helix' 
# 
loop_
_ndb_struct_na_base_pair.model_number 
_ndb_struct_na_base_pair.i_label_asym_id 
_ndb_struct_na_base_pair.i_label_comp_id 
_ndb_struct_na_base_pair.i_label_seq_id 
_ndb_struct_na_base_pair.i_symmetry 
_ndb_struct_na_base_pair.j_label_asym_id 
_ndb_struct_na_base_pair.j_label_comp_id 
_ndb_struct_na_base_pair.j_label_seq_id 
_ndb_struct_na_base_pair.j_symmetry 
_ndb_struct_na_base_pair.shear 
_ndb_struct_na_base_pair.stretch 
_ndb_struct_na_base_pair.stagger 
_ndb_struct_na_base_pair.buckle 
_ndb_struct_na_base_pair.propeller 
_ndb_struct_na_base_pair.opening 
_ndb_struct_na_base_pair.pair_number 
_ndb_struct_na_base_pair.pair_name 
_ndb_struct_na_base_pair.i_auth_asym_id 
_ndb_struct_na_base_pair.i_auth_seq_id 
_ndb_struct_na_base_pair.i_PDB_ins_code 
_ndb_struct_na_base_pair.j_auth_asym_id 
_ndb_struct_na_base_pair.j_auth_seq_id 
_ndb_struct_na_base_pair.j_PDB_ins_code 
_ndb_struct_na_base_pair.hbond_type_28 
_ndb_struct_na_base_pair.hbond_type_12 
1 A C 2 1_555 B G 7 1_555 -0.508 -0.249 0.415  -7.464 -8.269 0.067  1 E_C1:G6_F E 1 ? F 6 ? 19 1 
1 A G 3 1_555 B C 6 1_555 0.117  -0.174 -0.197 -4.098 3.576  3.183  2 E_G2:C5_F E 2 ? F 5 ? 19 1 
1 A C 4 1_555 B G 5 1_555 -0.314 -0.059 0.134  -1.484 1.487  -1.616 3 E_C3:G4_F E 3 ? F 4 ? 19 1 
1 A G 5 1_555 B C 4 1_555 0.231  -0.040 0.130  1.340  1.332  0.547  4 E_G4:C3_F E 4 ? F 3 ? 19 1 
1 A C 6 1_555 B G 3 1_555 -0.327 -0.137 -0.175 3.777  6.720  0.266  5 E_C5:G2_F E 5 ? F 2 ? 19 1 
1 A G 7 1_555 B C 2 1_555 0.430  0.019  0.532  9.485  -0.680 -0.273 6 E_G6:C1_F E 6 ? F 1 ? 19 1 
# 
loop_
_ndb_struct_na_base_pair_step.model_number 
_ndb_struct_na_base_pair_step.i_label_asym_id_1 
_ndb_struct_na_base_pair_step.i_label_comp_id_1 
_ndb_struct_na_base_pair_step.i_label_seq_id_1 
_ndb_struct_na_base_pair_step.i_symmetry_1 
_ndb_struct_na_base_pair_step.j_label_asym_id_1 
_ndb_struct_na_base_pair_step.j_label_comp_id_1 
_ndb_struct_na_base_pair_step.j_label_seq_id_1 
_ndb_struct_na_base_pair_step.j_symmetry_1 
_ndb_struct_na_base_pair_step.i_label_asym_id_2 
_ndb_struct_na_base_pair_step.i_label_comp_id_2 
_ndb_struct_na_base_pair_step.i_label_seq_id_2 
_ndb_struct_na_base_pair_step.i_symmetry_2 
_ndb_struct_na_base_pair_step.j_label_asym_id_2 
_ndb_struct_na_base_pair_step.j_label_comp_id_2 
_ndb_struct_na_base_pair_step.j_label_seq_id_2 
_ndb_struct_na_base_pair_step.j_symmetry_2 
_ndb_struct_na_base_pair_step.shift 
_ndb_struct_na_base_pair_step.slide 
_ndb_struct_na_base_pair_step.rise 
_ndb_struct_na_base_pair_step.tilt 
_ndb_struct_na_base_pair_step.roll 
_ndb_struct_na_base_pair_step.twist 
_ndb_struct_na_base_pair_step.x_displacement 
_ndb_struct_na_base_pair_step.y_displacement 
_ndb_struct_na_base_pair_step.helical_rise 
_ndb_struct_na_base_pair_step.inclination 
_ndb_struct_na_base_pair_step.tip 
_ndb_struct_na_base_pair_step.helical_twist 
_ndb_struct_na_base_pair_step.step_number 
_ndb_struct_na_base_pair_step.step_name 
_ndb_struct_na_base_pair_step.i_auth_asym_id_1 
_ndb_struct_na_base_pair_step.i_auth_seq_id_1 
_ndb_struct_na_base_pair_step.i_PDB_ins_code_1 
_ndb_struct_na_base_pair_step.j_auth_asym_id_1 
_ndb_struct_na_base_pair_step.j_auth_seq_id_1 
_ndb_struct_na_base_pair_step.j_PDB_ins_code_1 
_ndb_struct_na_base_pair_step.i_auth_asym_id_2 
_ndb_struct_na_base_pair_step.i_auth_seq_id_2 
_ndb_struct_na_base_pair_step.i_PDB_ins_code_2 
_ndb_struct_na_base_pair_step.j_auth_asym_id_2 
_ndb_struct_na_base_pair_step.j_auth_seq_id_2 
_ndb_struct_na_base_pair_step.j_PDB_ins_code_2 
1 A C 2 1_555 B G 7 1_555 A G 3 1_555 B C 6 1_555 0.345  5.283  3.565 4.716  2.575  -7.282  -38.231 10.876 1.189 -17.475 32.001  
-9.048  1 EE_C1G2:C5G6_FF E 1 ? F 6 ? E 2 ? F 5 ? 
1 A G 3 1_555 B C 6 1_555 A C 4 1_555 B G 5 1_555 -0.056 -1.641 3.263 -2.439 -6.235 -49.958 2.358   -0.234 3.045 7.344   -2.873  
-50.376 2 EE_G2C3:G4C5_FF E 2 ? F 5 ? E 3 ? F 4 ? 
1 A C 4 1_555 B G 5 1_555 A G 5 1_555 B C 4 1_555 0.015  5.182  3.547 0.137  -0.794 -8.090  -33.938 0.561  4.035 5.609   0.970   
-8.130  3 EE_C3G4:C3G4_FF E 3 ? F 4 ? E 4 ? F 3 ? 
1 A G 5 1_555 B C 4 1_555 A C 6 1_555 B G 3 1_555 -0.101 -1.622 3.240 1.774  -6.055 -51.056 2.269   0.000  3.044 6.994   2.049   
-51.419 4 EE_G4C5:G2C3_FF E 4 ? F 3 ? E 5 ? F 2 ? 
1 A C 6 1_555 B G 3 1_555 A G 7 1_555 B C 2 1_555 0.013  5.148  3.474 -3.241 0.670  -7.951  -35.974 -8.094 2.813 -4.579  -22.150 
-8.611  5 EE_C5G6:C1G2_FF E 5 ? F 2 ? E 6 ? F 1 ? 
# 
loop_
_pdbx_entity_nonpoly.entity_id 
_pdbx_entity_nonpoly.name 
_pdbx_entity_nonpoly.comp_id 
3 'SODIUM ION' NA  
4 water        HOH 
# 
_pdbx_initial_refinement_model.id               1 
_pdbx_initial_refinement_model.entity_id_list   ? 
_pdbx_initial_refinement_model.type             'experimental model' 
_pdbx_initial_refinement_model.source_name      PDB 
_pdbx_initial_refinement_model.accession_code   1QBJ 
_pdbx_initial_refinement_model.details          'PDB entry: 1QBJ' 
# 
